data_3PCS
#
_entry.id   3PCS
#
_cell.length_a   86.717
_cell.length_b   104.603
_cell.length_c   191.994
_cell.angle_alpha   90.00
_cell.angle_beta   90.00
_cell.angle_gamma   90.00
#
_symmetry.space_group_name_H-M   'P 21 21 21'
#
loop_
_entity.id
_entity.type
_entity.pdbx_description
1 polymer EspG
2 polymer 'Serine/threonine-protein kinase PAK 2'
#
loop_
_entity_poly.entity_id
_entity_poly.type
_entity_poly.pdbx_seq_one_letter_code
_entity_poly.pdbx_strand_id
1 'polypeptide(L)'
;KKSWDEMSCAEKLFKVLSFGLWNPTYSRSERQSFQELLTVLEPVYPLPNELGRVSARFSDGSSLRISVTNSELVEAEIRT
ANNEKITVLLESNEQNRLLQSLPIDRHMPYIQVHRALSEMDLTDTTSMRNLLGFTSKLSTTLIPHNAQTDPLSGPTPFSS
IFMDTCRGLGNAKLSLNGVDIPANAQKLLRDALGLKDTHSSPTRNVIDHGISRHDAEQIARESSGSDKQKAEVVEFLCHP
EAATAICSAFYQSFNVPALTLTHERISKASEYNAERSLDTPNACINISISQSSDGNIYVTSHTGVLIMAPEDRPNEMGML
TNRTSYEVPQGVKCIIDEMVSALQPRYAASETYLQNT
;
A,B,C,D
2 'polypeptide(L)' QAVLDVLKFYDSNTVK E,F,G,H
#
# COMPACT_ATOMS: atom_id res chain seq x y z
N LYS A 1 -27.88 -1.29 -51.98
CA LYS A 1 -26.50 -1.37 -52.48
C LYS A 1 -26.40 -1.16 -54.01
N LYS A 2 -25.51 -0.27 -54.43
CA LYS A 2 -25.47 0.10 -55.84
C LYS A 2 -24.05 0.07 -56.40
N SER A 3 -23.16 -0.62 -55.70
CA SER A 3 -21.75 -0.61 -56.03
C SER A 3 -21.06 -1.67 -55.19
N TRP A 4 -20.21 -2.47 -55.83
CA TRP A 4 -19.60 -3.63 -55.18
C TRP A 4 -18.79 -3.24 -53.95
N ASP A 5 -18.17 -2.07 -53.99
CA ASP A 5 -17.26 -1.61 -52.94
C ASP A 5 -17.93 -0.69 -51.92
N GLU A 6 -19.25 -0.66 -51.97
CA GLU A 6 -20.06 0.11 -51.04
C GLU A 6 -20.29 -0.72 -49.80
N MET A 7 -19.75 -0.24 -48.67
CA MET A 7 -19.90 -0.93 -47.38
C MET A 7 -21.17 -0.53 -46.61
N SER A 8 -21.76 -1.50 -45.90
CA SER A 8 -22.85 -1.19 -44.97
C SER A 8 -22.32 -0.24 -43.92
N CYS A 9 -23.21 0.44 -43.20
CA CYS A 9 -22.78 1.29 -42.07
C CYS A 9 -22.04 0.47 -41.01
N ALA A 10 -22.65 -0.64 -40.60
CA ALA A 10 -22.00 -1.57 -39.68
C ALA A 10 -20.53 -1.84 -40.05
N GLU A 11 -20.29 -2.18 -41.31
CA GLU A 11 -18.95 -2.49 -41.77
C GLU A 11 -18.02 -1.26 -41.76
N LYS A 12 -18.56 -0.12 -42.19
CA LYS A 12 -17.80 1.12 -42.19
C LYS A 12 -17.36 1.40 -40.76
N LEU A 13 -18.29 1.35 -39.82
CA LEU A 13 -17.94 1.67 -38.44
C LEU A 13 -16.89 0.70 -37.90
N PHE A 14 -17.15 -0.59 -38.01
CA PHE A 14 -16.17 -1.56 -37.54
C PHE A 14 -14.76 -1.32 -38.09
N LYS A 15 -14.59 -1.11 -39.40
CA LYS A 15 -13.22 -0.95 -39.91
C LYS A 15 -12.54 0.24 -39.22
N VAL A 16 -13.25 1.36 -39.14
CA VAL A 16 -12.73 2.56 -38.49
C VAL A 16 -12.26 2.31 -37.05
N LEU A 17 -13.07 1.58 -36.29
CA LEU A 17 -12.73 1.31 -34.90
C LEU A 17 -11.45 0.52 -34.70
N SER A 18 -11.23 -0.53 -35.49
CA SER A 18 -10.02 -1.34 -35.35
C SER A 18 -8.80 -0.67 -35.95
N PHE A 19 -9.01 0.06 -37.02
CA PHE A 19 -7.91 0.81 -37.60
C PHE A 19 -7.41 1.85 -36.62
N GLY A 20 -8.31 2.32 -35.77
CA GLY A 20 -7.99 3.38 -34.85
C GLY A 20 -8.89 4.56 -35.13
N LEU A 21 -9.60 4.99 -34.10
CA LEU A 21 -10.58 6.02 -34.28
C LEU A 21 -9.94 7.39 -34.19
N TRP A 22 -8.71 7.41 -33.67
CA TRP A 22 -7.98 8.64 -33.49
C TRP A 22 -6.81 8.69 -34.45
N ASN A 23 -6.79 7.77 -35.40
CA ASN A 23 -5.79 7.76 -36.47
C ASN A 23 -5.77 9.10 -37.21
N PRO A 24 -4.58 9.71 -37.30
CA PRO A 24 -4.47 11.13 -37.72
C PRO A 24 -4.95 11.36 -39.15
N THR A 25 -4.76 10.35 -39.99
CA THR A 25 -5.07 10.37 -41.42
C THR A 25 -6.41 11.02 -41.78
N TYR A 26 -7.41 10.81 -40.91
CA TYR A 26 -8.81 11.17 -41.19
C TYR A 26 -9.00 12.60 -41.66
N SER A 27 -10.01 12.79 -42.53
CA SER A 27 -10.20 14.02 -43.27
C SER A 27 -11.05 15.07 -42.56
N ARG A 28 -11.31 14.89 -41.29
CA ARG A 28 -12.20 15.81 -40.60
C ARG A 28 -13.61 15.56 -41.08
N SER A 29 -13.82 15.68 -42.38
CA SER A 29 -15.07 15.30 -43.00
C SER A 29 -15.37 13.83 -42.70
N GLU A 30 -14.29 13.03 -42.61
CA GLU A 30 -14.41 11.62 -42.26
C GLU A 30 -14.68 11.55 -40.77
N ARG A 31 -13.95 12.35 -40.01
CA ARG A 31 -14.16 12.40 -38.56
C ARG A 31 -15.61 12.71 -38.19
N GLN A 32 -16.27 13.56 -38.98
CA GLN A 32 -17.65 13.88 -38.65
C GLN A 32 -18.60 12.71 -38.88
N SER A 33 -18.48 12.06 -40.03
CA SER A 33 -19.33 10.92 -40.30
C SER A 33 -18.98 9.76 -39.38
N PHE A 34 -17.74 9.70 -38.92
CA PHE A 34 -17.31 8.61 -38.06
C PHE A 34 -17.98 8.69 -36.71
N GLN A 35 -18.14 9.92 -36.21
CA GLN A 35 -18.84 10.14 -34.94
C GLN A 35 -20.31 9.83 -35.11
N GLU A 36 -20.87 10.28 -36.23
CA GLU A 36 -22.27 10.03 -36.51
C GLU A 36 -22.60 8.54 -36.59
N LEU A 37 -21.58 7.72 -36.81
CA LEU A 37 -21.77 6.27 -36.81
C LEU A 37 -21.59 5.68 -35.41
N LEU A 38 -20.62 6.25 -34.69
CA LEU A 38 -20.24 5.81 -33.36
C LEU A 38 -21.38 5.95 -32.34
N THR A 39 -22.30 6.88 -32.59
CA THR A 39 -23.37 7.14 -31.65
C THR A 39 -24.51 6.13 -31.73
N VAL A 40 -24.50 5.27 -32.75
CA VAL A 40 -25.55 4.28 -32.93
C VAL A 40 -25.24 3.07 -32.05
N LEU A 41 -24.00 3.05 -31.60
CA LEU A 41 -23.54 2.02 -30.69
C LEU A 41 -24.31 2.11 -29.38
N GLU A 42 -24.75 0.97 -28.86
CA GLU A 42 -25.48 0.91 -27.61
C GLU A 42 -24.96 -0.23 -26.77
N PRO A 43 -24.63 0.07 -25.49
CA PRO A 43 -24.31 -1.05 -24.59
C PRO A 43 -25.55 -1.87 -24.24
N VAL A 44 -25.41 -3.19 -24.17
CA VAL A 44 -26.56 -4.07 -23.87
C VAL A 44 -26.18 -5.16 -22.88
N TYR A 45 -27.17 -5.95 -22.49
CA TYR A 45 -27.00 -7.01 -21.50
C TYR A 45 -25.91 -7.97 -21.91
N PRO A 46 -24.83 -8.02 -21.12
CA PRO A 46 -23.71 -8.92 -21.40
C PRO A 46 -24.06 -10.31 -20.91
N LEU A 47 -23.18 -11.27 -21.19
CA LEU A 47 -23.40 -12.65 -20.82
C LEU A 47 -22.25 -13.11 -19.93
N PRO A 48 -22.41 -14.28 -19.31
CA PRO A 48 -21.54 -14.82 -18.26
C PRO A 48 -20.07 -14.40 -18.31
N ASN A 49 -19.43 -14.59 -19.46
CA ASN A 49 -18.00 -14.30 -19.53
C ASN A 49 -17.63 -13.01 -20.28
N GLU A 50 -18.57 -12.08 -20.38
CA GLU A 50 -18.32 -10.84 -21.12
C GLU A 50 -18.13 -9.60 -20.20
N LEU A 51 -17.02 -8.86 -20.39
CA LEU A 51 -16.79 -7.55 -19.76
C LEU A 51 -17.98 -6.69 -20.02
N GLY A 52 -18.37 -6.70 -21.29
CA GLY A 52 -19.46 -5.87 -21.78
C GLY A 52 -19.82 -6.27 -23.19
N ARG A 53 -20.95 -5.76 -23.66
CA ARG A 53 -21.38 -6.17 -24.96
C ARG A 53 -22.05 -5.00 -25.64
N VAL A 54 -21.59 -4.73 -26.85
CA VAL A 54 -22.06 -3.58 -27.60
C VAL A 54 -22.91 -4.00 -28.81
N SER A 55 -23.90 -3.18 -29.17
CA SER A 55 -24.75 -3.46 -30.32
C SER A 55 -25.19 -2.21 -31.08
N ALA A 56 -24.99 -2.21 -32.39
CA ALA A 56 -25.41 -1.08 -33.21
C ALA A 56 -26.33 -1.52 -34.35
N ARG A 57 -27.45 -0.82 -34.50
CA ARG A 57 -28.38 -1.14 -35.57
C ARG A 57 -28.63 0.05 -36.47
N PHE A 58 -28.10 0.01 -37.68
CA PHE A 58 -28.17 1.19 -38.53
C PHE A 58 -29.43 1.27 -39.39
N SER A 59 -29.60 2.43 -40.00
CA SER A 59 -30.77 2.74 -40.81
C SER A 59 -30.73 1.97 -42.13
N ASP A 60 -29.54 1.71 -42.63
CA ASP A 60 -29.41 0.99 -43.89
C ASP A 60 -29.71 -0.50 -43.74
N GLY A 61 -29.95 -0.93 -42.50
CA GLY A 61 -30.34 -2.31 -42.23
C GLY A 61 -29.20 -3.18 -41.76
N SER A 62 -28.02 -2.58 -41.61
CA SER A 62 -26.88 -3.32 -41.08
C SER A 62 -26.90 -3.35 -39.54
N SER A 63 -26.14 -4.30 -38.98
CA SER A 63 -26.10 -4.49 -37.54
C SER A 63 -24.68 -4.85 -37.16
N LEU A 64 -24.13 -4.14 -36.19
CA LEU A 64 -22.84 -4.50 -35.66
C LEU A 64 -23.06 -5.03 -34.25
N ARG A 65 -22.47 -6.19 -33.94
CA ARG A 65 -22.49 -6.74 -32.59
C ARG A 65 -21.07 -7.08 -32.21
N ILE A 66 -20.71 -6.86 -30.95
CA ILE A 66 -19.34 -7.08 -30.46
C ILE A 66 -19.34 -7.56 -29.00
N SER A 67 -18.59 -8.63 -28.72
CA SER A 67 -18.50 -9.14 -27.36
C SER A 67 -17.06 -9.08 -26.88
N VAL A 68 -16.86 -8.55 -25.69
CA VAL A 68 -15.54 -8.49 -25.10
C VAL A 68 -15.52 -9.42 -23.91
N THR A 69 -14.69 -10.47 -23.95
CA THR A 69 -14.66 -11.40 -22.81
C THR A 69 -13.86 -10.82 -21.66
N ASN A 70 -13.96 -11.45 -20.49
CA ASN A 70 -13.25 -10.96 -19.31
C ASN A 70 -11.74 -10.92 -19.51
N SER A 71 -11.26 -11.80 -20.38
CA SER A 71 -9.85 -11.90 -20.74
C SER A 71 -9.51 -10.91 -21.85
N GLU A 72 -10.55 -10.22 -22.35
CA GLU A 72 -10.44 -9.16 -23.36
C GLU A 72 -10.29 -9.64 -24.81
N LEU A 73 -10.89 -10.78 -25.13
CA LEU A 73 -10.92 -11.20 -26.51
C LEU A 73 -12.22 -10.69 -27.12
N VAL A 74 -12.11 -10.14 -28.33
CA VAL A 74 -13.25 -9.55 -29.02
C VAL A 74 -13.81 -10.41 -30.13
N GLU A 75 -15.14 -10.47 -30.18
CA GLU A 75 -15.81 -11.10 -31.28
C GLU A 75 -16.82 -10.12 -31.81
N ALA A 76 -16.71 -9.80 -33.10
CA ALA A 76 -17.61 -8.85 -33.76
C ALA A 76 -18.33 -9.56 -34.87
N GLU A 77 -19.63 -9.36 -34.97
CA GLU A 77 -20.34 -9.84 -36.13
C GLU A 77 -21.07 -8.66 -36.74
N ILE A 78 -21.00 -8.60 -38.06
CA ILE A 78 -21.67 -7.60 -38.87
C ILE A 78 -22.76 -8.26 -39.72
N ARG A 79 -23.99 -7.75 -39.66
CA ARG A 79 -25.02 -8.20 -40.60
C ARG A 79 -25.35 -7.09 -41.58
N THR A 80 -25.96 -7.43 -42.70
CA THR A 80 -26.24 -6.46 -43.75
C THR A 80 -27.64 -6.66 -44.31
N ALA A 81 -28.11 -5.66 -45.06
CA ALA A 81 -29.41 -5.76 -45.72
C ALA A 81 -29.51 -6.93 -46.71
N ASN A 82 -28.38 -7.32 -47.30
CA ASN A 82 -28.36 -8.47 -48.20
C ASN A 82 -27.91 -9.77 -47.54
N ASN A 83 -28.07 -9.82 -46.22
CA ASN A 83 -28.00 -11.07 -45.47
C ASN A 83 -26.61 -11.68 -45.34
N GLU A 84 -25.58 -10.92 -45.64
CA GLU A 84 -24.24 -11.39 -45.39
C GLU A 84 -24.01 -11.40 -43.88
N LYS A 85 -23.33 -12.43 -43.38
CA LYS A 85 -23.02 -12.54 -41.95
C LYS A 85 -21.53 -12.62 -41.71
N ILE A 86 -20.87 -11.48 -41.83
CA ILE A 86 -19.44 -11.33 -41.58
C ILE A 86 -19.08 -11.47 -40.10
N THR A 87 -18.04 -12.25 -39.81
CA THR A 87 -17.61 -12.51 -38.44
C THR A 87 -16.09 -12.36 -38.33
N VAL A 88 -15.62 -11.89 -37.18
CA VAL A 88 -14.20 -11.61 -37.00
C VAL A 88 -13.77 -11.82 -35.57
N LEU A 89 -12.77 -12.66 -35.34
CA LEU A 89 -12.21 -12.84 -33.99
C LEU A 89 -10.91 -12.06 -33.75
N LEU A 90 -10.92 -11.15 -32.78
CA LEU A 90 -9.69 -10.47 -32.35
C LEU A 90 -9.17 -11.03 -31.04
N GLU A 91 -8.31 -12.04 -31.13
CA GLU A 91 -7.82 -12.79 -29.96
C GLU A 91 -6.32 -12.66 -29.70
N SER A 92 -5.59 -12.03 -30.61
CA SER A 92 -4.17 -11.79 -30.42
C SER A 92 -4.10 -10.43 -29.76
N ASN A 93 -3.39 -9.50 -30.36
CA ASN A 93 -3.44 -8.14 -29.81
C ASN A 93 -4.04 -7.18 -30.81
N GLU A 94 -4.89 -7.71 -31.67
CA GLU A 94 -5.46 -6.97 -32.78
C GLU A 94 -6.52 -5.99 -32.26
N GLN A 95 -7.15 -6.37 -31.14
CA GLN A 95 -8.16 -5.55 -30.47
C GLN A 95 -7.53 -4.40 -29.68
N ASN A 96 -6.23 -4.16 -29.90
CA ASN A 96 -5.45 -3.17 -29.15
C ASN A 96 -6.06 -1.80 -29.03
N ARG A 97 -6.41 -1.20 -30.16
CA ARG A 97 -6.95 0.14 -30.16
C ARG A 97 -8.47 0.10 -30.06
N LEU A 98 -9.07 -0.99 -30.50
CA LEU A 98 -10.53 -1.11 -30.51
C LEU A 98 -11.19 -0.96 -29.13
N LEU A 99 -10.52 -1.38 -28.06
CA LEU A 99 -11.10 -1.45 -26.72
C LEU A 99 -11.40 -0.07 -26.12
N GLN A 100 -10.53 0.88 -26.42
CA GLN A 100 -10.73 2.27 -26.09
C GLN A 100 -12.01 2.83 -26.76
N SER A 101 -12.44 2.26 -27.87
CA SER A 101 -13.57 2.82 -28.63
C SER A 101 -14.93 2.15 -28.44
N LEU A 102 -15.23 1.73 -27.22
CA LEU A 102 -16.49 1.04 -26.94
C LEU A 102 -17.09 1.33 -25.55
N PRO A 103 -18.41 1.21 -25.44
CA PRO A 103 -19.17 1.36 -24.19
C PRO A 103 -18.92 0.21 -23.19
N ILE A 104 -17.66 0.06 -22.85
CA ILE A 104 -17.25 -1.03 -21.97
C ILE A 104 -16.44 -0.50 -20.78
N ASP A 105 -16.42 -1.29 -19.70
CA ASP A 105 -15.72 -0.95 -18.45
C ASP A 105 -14.57 -1.90 -18.26
N ARG A 106 -13.36 -1.37 -18.15
CA ARG A 106 -12.21 -2.25 -18.14
C ARG A 106 -11.48 -2.20 -16.81
N HIS A 107 -10.83 -3.31 -16.43
CA HIS A 107 -9.98 -3.31 -15.25
C HIS A 107 -8.66 -2.66 -15.64
N MET A 108 -8.34 -1.56 -14.95
CA MET A 108 -7.27 -0.68 -15.36
C MET A 108 -6.67 -0.07 -14.11
N PRO A 109 -5.33 -0.03 -14.03
CA PRO A 109 -4.61 0.38 -12.83
C PRO A 109 -4.58 1.89 -12.63
N TYR A 110 -5.15 2.62 -13.57
CA TYR A 110 -5.30 4.06 -13.46
C TYR A 110 -6.52 4.53 -14.29
N ILE A 111 -6.94 5.79 -14.12
CA ILE A 111 -8.12 6.22 -14.85
C ILE A 111 -7.83 6.51 -16.31
N GLN A 112 -8.61 5.84 -17.15
CA GLN A 112 -8.59 6.00 -18.59
C GLN A 112 -8.73 7.45 -19.01
N VAL A 113 -7.88 7.89 -19.94
CA VAL A 113 -7.99 9.24 -20.51
C VAL A 113 -8.12 9.17 -22.00
N HIS A 114 -9.04 9.95 -22.56
CA HIS A 114 -9.27 10.01 -24.00
C HIS A 114 -9.02 11.40 -24.52
N ARG A 115 -9.22 11.56 -25.82
CA ARG A 115 -9.09 12.84 -26.51
C ARG A 115 -10.30 13.03 -27.39
N ALA A 116 -10.63 14.27 -27.70
CA ALA A 116 -11.69 14.51 -28.64
C ALA A 116 -11.11 14.63 -30.07
N LEU A 117 -11.99 14.81 -31.05
CA LEU A 117 -11.58 14.95 -32.44
C LEU A 117 -12.09 16.28 -33.02
N LEU A 122 -15.55 24.04 -26.27
CA LEU A 122 -16.28 23.50 -25.13
C LEU A 122 -16.87 24.64 -24.30
N THR A 123 -17.12 25.76 -24.98
CA THR A 123 -17.67 26.93 -24.29
C THR A 123 -19.10 26.67 -23.79
N ASP A 124 -20.05 26.72 -24.71
CA ASP A 124 -21.46 26.60 -24.36
C ASP A 124 -21.83 25.18 -24.02
N THR A 125 -23.12 24.96 -23.83
CA THR A 125 -23.61 23.72 -23.27
C THR A 125 -24.11 22.79 -24.36
N THR A 126 -24.36 23.33 -25.55
CA THR A 126 -24.67 22.47 -26.66
C THR A 126 -23.41 21.63 -26.87
N SER A 127 -22.27 22.33 -26.83
CA SER A 127 -20.96 21.71 -26.90
C SER A 127 -20.81 20.61 -25.84
N MET A 128 -20.99 20.99 -24.58
CA MET A 128 -20.89 20.07 -23.46
C MET A 128 -21.75 18.82 -23.58
N ARG A 129 -22.91 18.92 -24.20
CA ARG A 129 -23.81 17.77 -24.34
C ARG A 129 -23.31 16.80 -25.41
N ASN A 130 -22.78 17.36 -26.50
CA ASN A 130 -22.18 16.55 -27.56
C ASN A 130 -20.94 15.81 -27.10
N LEU A 131 -20.05 16.48 -26.38
CA LEU A 131 -18.87 15.81 -25.86
C LEU A 131 -19.21 14.56 -25.05
N LEU A 132 -20.38 14.52 -24.44
CA LEU A 132 -20.72 13.36 -23.62
C LEU A 132 -21.40 12.30 -24.46
N GLY A 133 -22.00 12.75 -25.57
CA GLY A 133 -22.63 11.87 -26.55
C GLY A 133 -21.55 11.11 -27.30
N PHE A 134 -20.33 11.62 -27.17
CA PHE A 134 -19.12 10.98 -27.67
C PHE A 134 -18.49 10.06 -26.59
N THR A 135 -18.14 10.60 -25.44
CA THR A 135 -17.50 9.78 -24.42
C THR A 135 -18.37 8.66 -23.85
N SER A 136 -19.68 8.79 -23.93
CA SER A 136 -20.58 7.74 -23.47
C SER A 136 -20.45 6.50 -24.36
N LYS A 137 -19.65 6.62 -25.42
CA LYS A 137 -19.45 5.51 -26.34
C LYS A 137 -18.02 4.95 -26.25
N LEU A 138 -17.15 5.74 -25.63
CA LEU A 138 -15.79 5.30 -25.31
C LEU A 138 -15.72 4.42 -24.08
N SER A 139 -14.52 3.98 -23.71
CA SER A 139 -14.36 3.06 -22.58
C SER A 139 -14.18 3.80 -21.26
N THR A 140 -14.37 3.07 -20.15
CA THR A 140 -14.22 3.64 -18.81
C THR A 140 -13.46 2.68 -17.93
N THR A 141 -12.79 3.23 -16.93
CA THR A 141 -12.11 2.40 -15.94
C THR A 141 -13.03 2.08 -14.78
N LEU A 142 -12.94 0.86 -14.27
CA LEU A 142 -13.81 0.46 -13.18
C LEU A 142 -13.32 1.05 -11.88
N ILE A 143 -14.28 1.52 -11.08
CA ILE A 143 -14.02 1.99 -9.72
C ILE A 143 -14.38 0.90 -8.71
N PRO A 144 -13.37 0.42 -7.98
CA PRO A 144 -13.61 -0.60 -6.95
C PRO A 144 -14.56 -0.09 -5.88
N HIS A 145 -15.41 -1.00 -5.39
CA HIS A 145 -16.38 -0.71 -4.35
C HIS A 145 -15.72 -0.19 -3.07
N ASN A 146 -16.36 0.82 -2.47
CA ASN A 146 -16.08 1.16 -1.10
C ASN A 146 -17.36 1.57 -0.37
N ALA A 147 -17.52 1.07 0.85
CA ALA A 147 -18.74 1.22 1.66
C ALA A 147 -19.09 2.68 1.94
N GLN A 148 -18.06 3.47 2.14
CA GLN A 148 -18.22 4.88 2.41
C GLN A 148 -18.78 5.61 1.18
N THR A 149 -18.65 5.04 -0.01
CA THR A 149 -19.15 5.77 -1.19
C THR A 149 -20.19 5.08 -2.04
N ASP A 150 -20.50 3.83 -1.77
CA ASP A 150 -21.58 3.20 -2.52
C ASP A 150 -22.89 3.88 -2.14
N PRO A 151 -23.54 4.55 -3.11
CA PRO A 151 -24.85 5.17 -2.89
C PRO A 151 -25.86 4.20 -2.30
N LEU A 152 -25.64 2.92 -2.55
CA LEU A 152 -26.58 1.90 -2.16
C LEU A 152 -26.34 1.39 -0.72
N SER A 153 -25.26 1.87 -0.12
CA SER A 153 -25.02 1.63 1.30
C SER A 153 -25.46 2.91 2.00
N GLY A 154 -25.52 2.89 3.31
CA GLY A 154 -25.98 4.09 3.99
C GLY A 154 -27.48 4.15 4.10
N PRO A 155 -27.99 5.30 4.56
CA PRO A 155 -29.30 5.49 5.20
C PRO A 155 -30.51 5.46 4.28
N THR A 156 -30.54 6.37 3.31
CA THR A 156 -31.74 6.56 2.50
C THR A 156 -31.44 6.33 1.02
N PRO A 157 -31.11 5.08 0.66
CA PRO A 157 -30.71 4.67 -0.69
C PRO A 157 -31.82 4.73 -1.72
N PHE A 158 -31.61 5.50 -2.78
CA PHE A 158 -32.59 5.65 -3.86
C PHE A 158 -33.68 6.66 -3.47
N SER A 159 -33.45 7.41 -2.40
CA SER A 159 -34.43 8.37 -1.97
C SER A 159 -34.75 9.42 -3.04
N SER A 160 -33.82 9.69 -3.96
CA SER A 160 -34.11 10.81 -4.86
C SER A 160 -34.59 10.38 -6.23
N ILE A 161 -34.85 9.09 -6.42
CA ILE A 161 -35.08 8.65 -7.79
C ILE A 161 -36.16 9.46 -8.45
N PHE A 162 -37.29 9.66 -7.75
CA PHE A 162 -38.43 10.31 -8.39
C PHE A 162 -38.20 11.79 -8.63
N MET A 163 -37.52 12.43 -7.69
CA MET A 163 -37.15 13.82 -7.86
C MET A 163 -36.12 13.97 -8.99
N ASP A 164 -35.07 13.15 -8.95
CA ASP A 164 -33.98 13.12 -9.95
C ASP A 164 -34.55 12.89 -11.34
N THR A 165 -35.40 11.87 -11.47
CA THR A 165 -36.15 11.58 -12.69
C THR A 165 -37.01 12.76 -13.12
N CYS A 166 -37.88 13.25 -12.24
CA CYS A 166 -38.74 14.36 -12.59
C CYS A 166 -37.97 15.49 -13.27
N ARG A 167 -36.85 15.90 -12.69
CA ARG A 167 -36.10 17.03 -13.25
C ARG A 167 -35.08 16.65 -14.29
N GLY A 168 -34.76 15.36 -14.39
CA GLY A 168 -33.85 14.86 -15.41
C GLY A 168 -34.50 14.75 -16.80
N LEU A 169 -35.69 14.15 -16.84
CA LEU A 169 -36.48 13.98 -18.05
C LEU A 169 -36.93 15.28 -18.73
N GLY A 170 -36.42 15.50 -19.94
CA GLY A 170 -36.65 16.69 -20.72
C GLY A 170 -35.27 17.26 -21.04
N ASN A 171 -34.30 16.86 -20.23
CA ASN A 171 -32.93 17.41 -20.28
C ASN A 171 -31.86 16.39 -20.67
N ALA A 172 -32.22 15.12 -20.67
CA ALA A 172 -31.23 14.07 -20.90
C ALA A 172 -31.10 13.76 -22.37
N LYS A 173 -29.98 13.13 -22.74
CA LYS A 173 -29.89 12.28 -23.92
C LYS A 173 -30.41 10.94 -23.44
N LEU A 174 -31.33 10.31 -24.18
CA LEU A 174 -31.87 9.02 -23.72
C LEU A 174 -32.16 8.05 -24.86
N SER A 175 -31.68 6.81 -24.76
CA SER A 175 -31.99 5.74 -25.72
C SER A 175 -32.72 4.54 -25.10
N LEU A 176 -33.84 4.16 -25.72
CA LEU A 176 -34.43 2.87 -25.41
C LEU A 176 -34.27 1.97 -26.64
N ASN A 177 -33.61 0.83 -26.43
CA ASN A 177 -33.31 -0.08 -27.52
C ASN A 177 -32.85 0.67 -28.78
N GLY A 178 -31.95 1.63 -28.57
CA GLY A 178 -31.33 2.34 -29.66
C GLY A 178 -32.26 3.31 -30.35
N VAL A 179 -33.47 3.44 -29.82
CA VAL A 179 -34.36 4.51 -30.26
C VAL A 179 -34.23 5.77 -29.39
N ASP A 180 -33.80 6.87 -29.99
CA ASP A 180 -33.70 8.15 -29.31
C ASP A 180 -35.04 8.72 -28.89
N ILE A 181 -35.11 9.11 -27.63
CA ILE A 181 -36.28 9.72 -27.06
C ILE A 181 -36.00 11.19 -26.84
N PRO A 182 -36.50 12.03 -27.75
CA PRO A 182 -36.30 13.49 -27.72
C PRO A 182 -37.00 14.17 -26.52
N ALA A 183 -36.76 15.47 -26.34
CA ALA A 183 -37.20 16.17 -25.12
C ALA A 183 -38.71 16.22 -24.96
N ASN A 184 -39.40 16.66 -26.00
CA ASN A 184 -40.85 16.59 -26.02
C ASN A 184 -41.26 15.19 -25.55
N ALA A 185 -40.80 14.15 -26.25
CA ALA A 185 -41.18 12.77 -25.95
C ALA A 185 -40.89 12.30 -24.52
N GLN A 186 -39.75 12.73 -23.97
CA GLN A 186 -39.41 12.39 -22.58
C GLN A 186 -40.45 12.98 -21.66
N LYS A 187 -40.80 14.24 -21.90
CA LYS A 187 -41.82 14.88 -21.09
C LYS A 187 -43.11 14.07 -21.05
N LEU A 188 -43.58 13.57 -22.20
CA LEU A 188 -44.75 12.69 -22.18
C LEU A 188 -44.51 11.48 -21.28
N LEU A 189 -43.30 10.91 -21.36
CA LEU A 189 -42.91 9.76 -20.56
C LEU A 189 -42.96 10.05 -19.07
N ARG A 190 -42.39 11.19 -18.69
CA ARG A 190 -42.45 11.64 -17.31
C ARG A 190 -43.90 11.71 -16.83
N ASP A 191 -44.78 12.31 -17.65
CA ASP A 191 -46.20 12.40 -17.32
C ASP A 191 -46.80 11.03 -17.19
N ALA A 192 -46.43 10.15 -18.12
CA ALA A 192 -46.98 8.80 -18.22
C ALA A 192 -46.67 7.95 -16.99
N LEU A 193 -45.67 8.36 -16.23
CA LEU A 193 -45.26 7.64 -15.03
C LEU A 193 -46.00 8.18 -13.83
N GLY A 194 -46.55 9.38 -13.98
CA GLY A 194 -47.27 10.04 -12.91
C GLY A 194 -46.42 11.09 -12.20
N LEU A 195 -45.33 11.49 -12.83
CA LEU A 195 -44.44 12.50 -12.26
C LEU A 195 -44.79 13.91 -12.73
N LYS A 196 -45.76 14.52 -12.06
CA LYS A 196 -46.17 15.88 -12.34
C LYS A 196 -45.11 16.88 -11.87
N ASP A 197 -44.72 16.78 -10.61
CA ASP A 197 -43.75 17.72 -10.06
C ASP A 197 -42.72 17.07 -9.13
N THR A 198 -41.91 17.91 -8.52
CA THR A 198 -40.70 17.50 -7.81
C THR A 198 -40.93 16.51 -6.68
N HIS A 199 -42.17 16.41 -6.22
CA HIS A 199 -42.45 15.67 -5.00
C HIS A 199 -43.49 14.56 -5.19
N SER A 200 -43.95 14.36 -6.41
CA SER A 200 -44.82 13.22 -6.66
C SER A 200 -44.00 11.96 -6.97
N SER A 201 -44.61 10.81 -6.67
CA SER A 201 -44.04 9.52 -7.03
C SER A 201 -45.00 8.82 -8.01
N PRO A 202 -44.66 7.62 -8.49
CA PRO A 202 -45.51 7.13 -9.58
C PRO A 202 -46.81 6.46 -9.16
N THR A 203 -47.89 6.80 -9.84
CA THR A 203 -49.19 6.14 -9.70
C THR A 203 -49.02 4.63 -9.52
N ARG A 204 -49.81 4.01 -8.65
CA ARG A 204 -49.58 2.59 -8.35
C ARG A 204 -49.90 1.68 -9.54
N ASN A 205 -50.73 2.17 -10.44
CA ASN A 205 -50.98 1.48 -11.69
C ASN A 205 -49.68 1.26 -12.46
N VAL A 206 -48.92 2.33 -12.65
CA VAL A 206 -47.64 2.27 -13.35
C VAL A 206 -46.65 1.37 -12.61
N ILE A 207 -46.62 1.50 -11.29
CA ILE A 207 -45.75 0.66 -10.49
C ILE A 207 -46.03 -0.84 -10.68
N ASP A 208 -47.28 -1.20 -10.99
CA ASP A 208 -47.64 -2.61 -11.09
C ASP A 208 -47.75 -3.17 -12.51
N HIS A 209 -47.79 -2.30 -13.52
CA HIS A 209 -48.08 -2.72 -14.88
C HIS A 209 -47.36 -1.89 -15.94
N GLY A 210 -46.34 -1.16 -15.51
CA GLY A 210 -45.63 -0.26 -16.40
C GLY A 210 -46.52 0.85 -16.91
N ILE A 211 -45.99 1.67 -17.82
CA ILE A 211 -46.78 2.65 -18.57
C ILE A 211 -47.97 1.99 -19.27
N SER A 212 -49.03 2.76 -19.48
CA SER A 212 -50.16 2.27 -20.26
C SER A 212 -49.74 2.08 -21.72
N ARG A 213 -50.47 1.25 -22.44
CA ARG A 213 -50.10 1.01 -23.82
C ARG A 213 -50.36 2.28 -24.61
N HIS A 214 -51.44 2.97 -24.30
CA HIS A 214 -51.76 4.18 -25.04
C HIS A 214 -50.62 5.20 -25.00
N ASP A 215 -50.08 5.43 -23.80
CA ASP A 215 -48.94 6.33 -23.66
C ASP A 215 -47.70 5.74 -24.33
N ALA A 216 -47.40 4.49 -23.99
CA ALA A 216 -46.27 3.80 -24.57
C ALA A 216 -46.20 4.00 -26.09
N GLU A 217 -47.36 3.98 -26.75
CA GLU A 217 -47.39 4.11 -28.20
C GLU A 217 -47.12 5.52 -28.69
N GLN A 218 -47.78 6.49 -28.09
CA GLN A 218 -47.59 7.86 -28.53
C GLN A 218 -46.13 8.25 -28.34
N ILE A 219 -45.55 7.84 -27.21
CA ILE A 219 -44.16 8.15 -26.90
C ILE A 219 -43.22 7.65 -27.99
N ALA A 220 -43.46 6.43 -28.45
CA ALA A 220 -42.66 5.89 -29.54
C ALA A 220 -42.89 6.69 -30.83
N ARG A 221 -44.15 6.86 -31.22
CA ARG A 221 -44.53 7.68 -32.38
C ARG A 221 -43.70 8.97 -32.48
N GLU A 222 -43.39 9.56 -31.33
CA GLU A 222 -42.79 10.88 -31.22
C GLU A 222 -41.25 10.85 -31.20
N SER A 223 -40.70 9.63 -31.16
CA SER A 223 -39.26 9.44 -31.08
C SER A 223 -38.63 9.15 -32.44
N SER A 224 -37.32 8.87 -32.42
CA SER A 224 -36.53 8.59 -33.63
C SER A 224 -35.99 7.17 -33.68
N GLY A 225 -36.52 6.35 -34.59
CA GLY A 225 -35.95 5.04 -34.83
C GLY A 225 -36.70 4.26 -35.88
N SER A 226 -36.26 3.04 -36.13
CA SER A 226 -36.93 2.15 -37.08
C SER A 226 -38.26 1.63 -36.53
N ASP A 227 -39.18 1.28 -37.41
CA ASP A 227 -40.46 0.74 -36.97
C ASP A 227 -40.27 -0.49 -36.10
N LYS A 228 -39.32 -1.34 -36.45
CA LYS A 228 -39.08 -2.57 -35.71
C LYS A 228 -38.68 -2.26 -34.27
N GLN A 229 -37.77 -1.30 -34.14
CA GLN A 229 -37.27 -0.84 -32.84
C GLN A 229 -38.31 -0.07 -32.01
N LYS A 230 -39.10 0.79 -32.65
CA LYS A 230 -40.17 1.49 -31.94
C LYS A 230 -41.11 0.48 -31.28
N ALA A 231 -41.33 -0.64 -31.97
CA ALA A 231 -42.22 -1.69 -31.46
C ALA A 231 -41.57 -2.43 -30.30
N GLU A 232 -40.25 -2.54 -30.32
CA GLU A 232 -39.49 -3.14 -29.23
C GLU A 232 -39.67 -2.30 -27.98
N VAL A 233 -39.61 -1.00 -28.20
CA VAL A 233 -39.77 0.01 -27.17
C VAL A 233 -41.15 -0.04 -26.51
N VAL A 234 -42.19 0.04 -27.32
CA VAL A 234 -43.53 0.01 -26.78
C VAL A 234 -43.73 -1.20 -25.88
N GLU A 235 -43.17 -2.34 -26.25
CA GLU A 235 -43.35 -3.53 -25.43
C GLU A 235 -42.58 -3.38 -24.12
N PHE A 236 -41.40 -2.77 -24.21
CA PHE A 236 -40.56 -2.51 -23.04
C PHE A 236 -41.26 -1.71 -21.97
N LEU A 237 -41.89 -0.61 -22.40
CA LEU A 237 -42.54 0.32 -21.49
C LEU A 237 -43.76 -0.29 -20.78
N CYS A 238 -44.48 -1.17 -21.48
CA CYS A 238 -45.64 -1.86 -20.90
C CYS A 238 -45.21 -2.95 -19.93
N HIS A 239 -44.11 -2.69 -19.23
CA HIS A 239 -43.52 -3.62 -18.29
C HIS A 239 -43.18 -2.85 -17.02
N PRO A 240 -43.52 -3.42 -15.86
CA PRO A 240 -43.21 -2.81 -14.56
C PRO A 240 -41.75 -2.41 -14.50
N GLU A 241 -40.88 -3.24 -15.07
CA GLU A 241 -39.44 -3.06 -14.91
C GLU A 241 -38.92 -1.82 -15.66
N ALA A 242 -39.58 -1.43 -16.75
CA ALA A 242 -39.22 -0.18 -17.43
C ALA A 242 -39.23 0.99 -16.45
N ALA A 243 -40.23 0.99 -15.57
CA ALA A 243 -40.32 2.00 -14.54
C ALA A 243 -39.05 1.98 -13.68
N THR A 244 -38.77 0.81 -13.10
CA THR A 244 -37.59 0.65 -12.25
C THR A 244 -36.35 1.18 -12.95
N ALA A 245 -36.13 0.66 -14.17
CA ALA A 245 -34.98 0.98 -15.01
C ALA A 245 -34.85 2.45 -15.36
N ILE A 246 -35.96 3.09 -15.71
CA ILE A 246 -35.90 4.50 -16.08
C ILE A 246 -35.60 5.39 -14.89
N CYS A 247 -36.26 5.13 -13.77
CA CYS A 247 -36.13 5.97 -12.61
C CYS A 247 -34.78 5.77 -11.94
N SER A 248 -34.42 4.51 -11.71
CA SER A 248 -33.11 4.20 -11.16
C SER A 248 -31.99 4.91 -11.96
N ALA A 249 -32.09 4.88 -13.28
CA ALA A 249 -31.11 5.51 -14.17
C ALA A 249 -30.78 6.95 -13.79
N PHE A 250 -31.82 7.70 -13.37
CA PHE A 250 -31.66 9.14 -13.07
C PHE A 250 -31.08 9.46 -11.69
N TYR A 251 -30.87 8.41 -10.89
CA TYR A 251 -30.36 8.53 -9.53
C TYR A 251 -29.02 9.26 -9.36
N GLN A 252 -29.07 10.56 -9.15
CA GLN A 252 -27.84 11.34 -9.10
C GLN A 252 -26.71 10.81 -8.22
N SER A 253 -27.03 10.09 -7.17
CA SER A 253 -25.97 9.65 -6.24
C SER A 253 -25.04 8.61 -6.85
N PHE A 254 -25.43 8.05 -7.98
CA PHE A 254 -24.51 7.21 -8.77
C PHE A 254 -23.14 7.88 -9.06
N ASN A 255 -23.10 9.22 -9.02
CA ASN A 255 -21.89 9.98 -9.31
C ASN A 255 -20.92 10.04 -8.12
N VAL A 256 -21.34 9.55 -6.98
CA VAL A 256 -20.55 9.75 -5.78
C VAL A 256 -19.20 9.02 -5.75
N PRO A 257 -19.19 7.70 -6.04
CA PRO A 257 -17.87 7.02 -6.14
C PRO A 257 -16.93 7.71 -7.15
N ALA A 258 -17.46 8.10 -8.31
CA ALA A 258 -16.68 8.87 -9.26
C ALA A 258 -16.21 10.25 -8.71
N LEU A 259 -17.10 11.00 -8.06
CA LEU A 259 -16.76 12.35 -7.56
C LEU A 259 -15.81 12.34 -6.38
N THR A 260 -15.74 11.23 -5.66
CA THR A 260 -14.90 11.18 -4.47
C THR A 260 -13.47 11.68 -4.68
N LEU A 261 -12.80 11.30 -5.77
CA LEU A 261 -11.41 11.72 -5.94
C LEU A 261 -11.31 12.93 -6.87
N THR A 262 -12.36 13.15 -7.64
CA THR A 262 -12.37 14.22 -8.62
C THR A 262 -13.06 15.51 -8.23
N HIS A 263 -13.76 15.52 -7.10
CA HIS A 263 -14.60 16.67 -6.73
C HIS A 263 -13.82 17.97 -6.60
N GLU A 264 -12.57 17.88 -6.13
CA GLU A 264 -11.74 19.09 -6.01
C GLU A 264 -11.43 19.75 -7.37
N ARG A 265 -11.15 18.92 -8.38
CA ARG A 265 -10.87 19.41 -9.72
C ARG A 265 -12.15 19.88 -10.43
N ILE A 266 -13.26 19.27 -10.08
CA ILE A 266 -14.56 19.69 -10.62
C ILE A 266 -14.92 21.09 -10.13
N SER A 267 -14.50 21.39 -8.90
CA SER A 267 -14.67 22.71 -8.28
C SER A 267 -13.79 23.73 -8.97
N LYS A 268 -12.47 23.47 -9.01
CA LYS A 268 -11.53 24.36 -9.71
C LYS A 268 -12.13 24.75 -11.04
N ALA A 269 -12.91 23.86 -11.62
CA ALA A 269 -13.44 24.07 -12.95
C ALA A 269 -14.61 25.04 -12.91
N SER A 270 -15.57 24.83 -12.02
CA SER A 270 -16.67 25.79 -11.96
C SER A 270 -16.11 27.15 -11.55
N GLU A 271 -15.15 27.15 -10.63
CA GLU A 271 -14.42 28.35 -10.26
C GLU A 271 -13.73 28.98 -11.49
N TYR A 272 -12.68 28.34 -11.98
CA TYR A 272 -12.05 28.76 -13.23
C TYR A 272 -13.08 29.25 -14.27
N ASN A 273 -14.28 28.69 -14.23
CA ASN A 273 -15.34 29.07 -15.16
C ASN A 273 -16.11 30.29 -14.70
N ALA A 274 -16.40 30.34 -13.40
CA ALA A 274 -17.21 31.40 -12.79
C ALA A 274 -16.70 32.79 -13.10
N GLU A 275 -15.40 32.88 -13.39
CA GLU A 275 -14.77 34.13 -13.80
C GLU A 275 -15.05 34.40 -15.29
N ARG A 276 -16.20 33.91 -15.76
CA ARG A 276 -16.63 34.04 -17.16
C ARG A 276 -18.14 33.87 -17.28
N SER A 277 -18.82 33.59 -16.17
CA SER A 277 -20.24 33.18 -16.15
C SER A 277 -20.87 33.06 -17.53
N THR A 280 -23.72 29.04 -15.10
CA THR A 280 -23.38 28.06 -16.12
C THR A 280 -23.46 26.64 -15.56
N PRO A 281 -23.99 25.71 -16.35
CA PRO A 281 -24.11 24.35 -15.85
C PRO A 281 -22.79 23.57 -15.98
N ASN A 282 -22.77 22.37 -15.40
CA ASN A 282 -21.55 21.69 -15.00
C ASN A 282 -21.64 20.27 -15.50
N ALA A 283 -22.87 19.76 -15.56
CA ALA A 283 -23.13 18.34 -15.70
C ALA A 283 -24.26 18.08 -16.69
N CYS A 284 -24.24 16.94 -17.36
CA CYS A 284 -25.41 16.53 -18.14
C CYS A 284 -25.61 15.02 -18.08
N ILE A 285 -26.71 14.53 -18.65
CA ILE A 285 -27.04 13.13 -18.55
C ILE A 285 -27.17 12.45 -19.91
N ASN A 286 -26.73 11.19 -19.98
CA ASN A 286 -26.84 10.40 -21.19
C ASN A 286 -27.04 8.95 -20.80
N ILE A 287 -28.17 8.39 -21.23
CA ILE A 287 -28.60 7.12 -20.72
C ILE A 287 -28.99 6.21 -21.86
N SER A 288 -28.64 4.94 -21.72
CA SER A 288 -29.04 3.93 -22.68
C SER A 288 -29.69 2.81 -21.91
N ILE A 289 -30.90 2.42 -22.30
CA ILE A 289 -31.51 1.24 -21.71
C ILE A 289 -31.86 0.27 -22.81
N SER A 290 -31.61 -1.01 -22.57
CA SER A 290 -31.88 -2.02 -23.59
C SER A 290 -32.54 -3.25 -23.00
N GLN A 291 -33.48 -3.78 -23.75
CA GLN A 291 -34.03 -5.09 -23.44
C GLN A 291 -33.62 -6.09 -24.50
N SER A 292 -32.77 -7.05 -24.11
CA SER A 292 -32.34 -8.13 -24.99
C SER A 292 -33.56 -8.86 -25.56
N SER A 293 -33.40 -9.49 -26.73
CA SER A 293 -34.53 -10.22 -27.29
C SER A 293 -34.98 -11.34 -26.35
N ASP A 294 -34.10 -11.75 -25.44
CA ASP A 294 -34.48 -12.79 -24.47
C ASP A 294 -35.14 -12.21 -23.22
N GLY A 295 -35.44 -10.92 -23.24
CA GLY A 295 -36.17 -10.31 -22.15
C GLY A 295 -35.33 -9.44 -21.21
N ASN A 296 -34.01 -9.59 -21.22
CA ASN A 296 -33.14 -8.94 -20.23
C ASN A 296 -33.00 -7.43 -20.32
N ILE A 297 -33.23 -6.76 -19.19
CA ILE A 297 -33.05 -5.32 -19.16
C ILE A 297 -31.65 -4.94 -18.66
N TYR A 298 -31.01 -4.03 -19.39
CA TYR A 298 -29.74 -3.47 -18.95
C TYR A 298 -29.81 -1.95 -18.99
N VAL A 299 -29.26 -1.31 -17.96
CA VAL A 299 -29.19 0.14 -17.91
C VAL A 299 -27.71 0.55 -17.91
N THR A 300 -27.35 1.39 -18.87
CA THR A 300 -26.07 2.08 -18.76
C THR A 300 -26.31 3.59 -18.63
N SER A 301 -25.84 4.12 -17.52
CA SER A 301 -26.17 5.48 -17.16
C SER A 301 -24.91 6.35 -17.11
N HIS A 302 -24.95 7.47 -17.83
CA HIS A 302 -23.82 8.39 -17.94
C HIS A 302 -24.12 9.81 -17.44
N THR A 303 -23.16 10.37 -16.72
CA THR A 303 -23.23 11.75 -16.29
C THR A 303 -21.93 12.44 -16.64
N GLY A 304 -21.97 13.29 -17.66
CA GLY A 304 -20.82 14.09 -18.04
C GLY A 304 -20.66 15.35 -17.19
N VAL A 305 -19.41 15.71 -16.91
CA VAL A 305 -19.10 16.72 -15.92
C VAL A 305 -17.82 17.47 -16.25
N LEU A 306 -17.83 18.80 -16.17
CA LEU A 306 -16.61 19.55 -16.47
C LEU A 306 -15.60 19.45 -15.33
N ILE A 307 -14.34 19.25 -15.71
CA ILE A 307 -13.29 18.93 -14.75
C ILE A 307 -11.97 19.57 -15.18
N MET A 308 -11.17 20.01 -14.22
CA MET A 308 -9.85 20.50 -14.57
C MET A 308 -8.89 19.32 -14.64
N ALA A 309 -7.96 19.38 -15.59
CA ALA A 309 -6.89 18.38 -15.67
C ALA A 309 -6.01 18.51 -14.44
N PRO A 310 -5.23 17.46 -14.17
CA PRO A 310 -4.24 17.47 -13.08
C PRO A 310 -3.22 18.57 -13.18
N GLU A 311 -2.42 18.71 -12.14
CA GLU A 311 -1.50 19.85 -12.05
C GLU A 311 -0.55 19.96 -13.24
N ASP A 312 -0.19 18.83 -13.84
CA ASP A 312 0.81 18.83 -14.92
C ASP A 312 0.36 19.55 -16.19
N ARG A 313 -0.94 19.61 -16.44
CA ARG A 313 -1.46 20.36 -17.58
C ARG A 313 -2.38 21.47 -17.07
N PRO A 314 -1.81 22.55 -16.52
CA PRO A 314 -2.75 23.54 -15.97
C PRO A 314 -3.57 24.23 -17.06
N ASN A 315 -4.66 24.85 -16.64
CA ASN A 315 -5.51 25.63 -17.54
C ASN A 315 -6.27 24.84 -18.58
N GLU A 316 -6.29 23.52 -18.44
CA GLU A 316 -7.05 22.68 -19.36
C GLU A 316 -8.29 22.10 -18.69
N MET A 317 -9.43 22.27 -19.35
CA MET A 317 -10.70 21.76 -18.85
C MET A 317 -11.29 20.68 -19.79
N GLY A 318 -11.65 19.55 -19.21
CA GLY A 318 -12.16 18.43 -19.98
C GLY A 318 -13.45 17.92 -19.39
N MET A 319 -13.75 16.64 -19.58
CA MET A 319 -14.97 16.07 -19.06
C MET A 319 -14.75 14.73 -18.38
N LEU A 320 -15.14 14.65 -17.12
CA LEU A 320 -15.26 13.38 -16.41
C LEU A 320 -16.55 12.75 -16.90
N THR A 321 -16.52 11.46 -17.20
CA THR A 321 -17.69 10.79 -17.76
C THR A 321 -17.96 9.61 -16.88
N ASN A 322 -19.05 9.63 -16.12
CA ASN A 322 -19.28 8.57 -15.17
C ASN A 322 -20.26 7.56 -15.74
N ARG A 323 -19.89 6.29 -15.68
CA ARG A 323 -20.79 5.24 -16.12
C ARG A 323 -21.30 4.43 -14.94
N THR A 324 -22.59 4.14 -14.99
CA THR A 324 -23.22 3.27 -14.01
C THR A 324 -23.99 2.17 -14.78
N SER A 325 -23.72 0.91 -14.48
CA SER A 325 -24.24 -0.19 -15.31
C SER A 325 -24.87 -1.29 -14.49
N TYR A 326 -26.02 -1.78 -14.93
CA TYR A 326 -26.73 -2.79 -14.15
C TYR A 326 -27.87 -3.44 -14.90
N GLU A 327 -28.10 -4.72 -14.59
CA GLU A 327 -29.29 -5.39 -15.08
C GLU A 327 -30.39 -5.03 -14.13
N VAL A 328 -31.59 -4.87 -14.68
CA VAL A 328 -32.80 -4.76 -13.88
C VAL A 328 -33.58 -6.05 -14.06
N PRO A 329 -33.38 -7.00 -13.12
CA PRO A 329 -33.97 -8.35 -13.15
C PRO A 329 -35.48 -8.34 -13.20
N GLN A 330 -36.06 -9.06 -14.16
CA GLN A 330 -37.51 -9.23 -14.24
C GLN A 330 -38.07 -9.56 -12.85
N GLY A 331 -39.02 -8.76 -12.39
CA GLY A 331 -39.63 -8.98 -11.10
C GLY A 331 -39.19 -7.99 -10.04
N VAL A 332 -38.70 -6.84 -10.48
CA VAL A 332 -38.33 -5.76 -9.57
C VAL A 332 -39.12 -4.48 -9.89
N LYS A 333 -40.13 -4.18 -9.07
CA LYS A 333 -40.93 -2.99 -9.27
C LYS A 333 -40.18 -1.74 -8.80
N CYS A 334 -40.60 -0.57 -9.25
CA CYS A 334 -39.93 0.68 -8.88
C CYS A 334 -40.33 1.05 -7.43
N ILE A 335 -39.60 0.48 -6.47
CA ILE A 335 -39.91 0.62 -5.06
C ILE A 335 -38.63 0.53 -4.24
N ILE A 336 -38.22 1.65 -3.65
CA ILE A 336 -36.94 1.73 -2.95
C ILE A 336 -36.48 0.45 -2.19
N ASP A 337 -37.16 0.07 -1.11
CA ASP A 337 -36.64 -1.06 -0.33
C ASP A 337 -36.43 -2.32 -1.18
N GLU A 338 -36.99 -2.30 -2.39
CA GLU A 338 -36.96 -3.44 -3.30
C GLU A 338 -35.75 -3.32 -4.23
N MET A 339 -35.72 -2.22 -4.99
CA MET A 339 -34.59 -1.79 -5.79
C MET A 339 -33.26 -1.89 -5.06
N VAL A 340 -33.29 -1.65 -3.75
CA VAL A 340 -32.08 -1.67 -2.95
C VAL A 340 -31.47 -3.08 -2.88
N SER A 341 -32.29 -4.10 -2.68
CA SER A 341 -31.75 -5.46 -2.57
C SER A 341 -31.64 -6.21 -3.93
N ALA A 342 -32.31 -5.69 -4.97
CA ALA A 342 -32.23 -6.27 -6.31
C ALA A 342 -31.14 -5.70 -7.24
N LEU A 343 -30.98 -4.38 -7.30
CA LEU A 343 -30.06 -3.79 -8.26
C LEU A 343 -28.62 -3.83 -7.78
N GLN A 344 -27.71 -4.11 -8.71
CA GLN A 344 -26.30 -4.16 -8.39
C GLN A 344 -25.44 -3.32 -9.34
N PRO A 345 -25.53 -1.99 -9.23
CA PRO A 345 -24.76 -1.07 -10.06
C PRO A 345 -23.25 -1.30 -10.02
N ARG A 346 -22.60 -1.04 -11.15
CA ARG A 346 -21.15 -1.12 -11.27
C ARG A 346 -20.74 0.24 -11.77
N TYR A 347 -19.66 0.79 -11.23
CA TYR A 347 -19.31 2.20 -11.45
C TYR A 347 -17.93 2.37 -12.12
N ALA A 348 -17.92 3.10 -13.24
CA ALA A 348 -16.69 3.39 -13.93
C ALA A 348 -16.66 4.83 -14.45
N ALA A 349 -15.45 5.38 -14.58
CA ALA A 349 -15.26 6.70 -15.18
C ALA A 349 -14.16 6.79 -16.27
N SER A 350 -14.16 7.92 -16.97
CA SER A 350 -13.11 8.24 -17.93
C SER A 350 -12.93 9.75 -17.91
N GLU A 351 -11.72 10.22 -18.17
CA GLU A 351 -11.53 11.64 -18.42
C GLU A 351 -11.19 11.88 -19.89
N THR A 352 -11.93 12.76 -20.54
CA THR A 352 -11.61 13.20 -21.89
C THR A 352 -11.19 14.68 -21.96
N TYR A 353 -10.11 14.94 -22.71
CA TYR A 353 -9.62 16.30 -22.89
C TYR A 353 -9.45 16.66 -24.36
N LEU A 354 -9.40 17.95 -24.65
CA LEU A 354 -9.30 18.42 -26.02
C LEU A 354 -7.85 18.55 -26.48
N GLN A 355 -7.58 18.08 -27.69
CA GLN A 355 -6.24 18.14 -28.26
C GLN A 355 -5.96 19.53 -28.85
N ASN A 356 -4.69 19.86 -29.05
CA ASN A 356 -4.27 21.10 -29.71
C ASN A 356 -2.76 21.36 -29.58
N LYS B 2 -27.30 -32.80 -6.48
CA LYS B 2 -25.95 -32.28 -6.38
C LYS B 2 -25.37 -31.98 -7.76
N SER B 3 -24.47 -31.01 -7.82
CA SER B 3 -23.69 -30.82 -9.04
C SER B 3 -22.22 -31.05 -8.69
N TRP B 4 -21.36 -31.13 -9.70
CA TRP B 4 -19.96 -31.44 -9.45
C TRP B 4 -19.26 -30.34 -8.66
N ASP B 5 -19.62 -29.08 -8.93
CA ASP B 5 -18.92 -27.95 -8.32
C ASP B 5 -19.68 -27.29 -7.16
N GLU B 6 -20.59 -28.04 -6.54
CA GLU B 6 -21.42 -27.54 -5.45
C GLU B 6 -20.61 -27.28 -4.18
N MET B 7 -20.83 -26.12 -3.55
CA MET B 7 -20.06 -25.73 -2.38
C MET B 7 -20.89 -25.67 -1.11
N SER B 8 -20.37 -26.23 -0.02
CA SER B 8 -20.98 -26.04 1.29
C SER B 8 -20.63 -24.66 1.81
N CYS B 9 -21.35 -24.20 2.83
CA CYS B 9 -21.03 -22.91 3.44
C CYS B 9 -19.62 -22.92 3.99
N ALA B 10 -19.30 -23.96 4.76
CA ALA B 10 -17.91 -24.20 5.21
C ALA B 10 -16.87 -23.96 4.11
N GLU B 11 -17.05 -24.60 2.97
CA GLU B 11 -16.07 -24.51 1.90
C GLU B 11 -16.01 -23.11 1.30
N LYS B 12 -17.18 -22.54 1.03
CA LYS B 12 -17.26 -21.20 0.45
C LYS B 12 -16.51 -20.18 1.32
N LEU B 13 -16.63 -20.29 2.63
CA LEU B 13 -15.93 -19.37 3.52
C LEU B 13 -14.43 -19.54 3.43
N PHE B 14 -13.94 -20.76 3.65
CA PHE B 14 -12.52 -21.03 3.50
C PHE B 14 -11.97 -20.51 2.17
N LYS B 15 -12.75 -20.66 1.11
CA LYS B 15 -12.32 -20.14 -0.17
C LYS B 15 -12.13 -18.63 -0.07
N VAL B 16 -13.20 -17.94 0.28
CA VAL B 16 -13.09 -16.51 0.63
C VAL B 16 -11.87 -16.17 1.51
N LEU B 17 -11.74 -16.86 2.64
CA LEU B 17 -10.67 -16.58 3.58
C LEU B 17 -9.28 -16.68 2.98
N SER B 18 -9.06 -17.73 2.19
CA SER B 18 -7.75 -18.01 1.62
C SER B 18 -7.48 -17.13 0.42
N PHE B 19 -8.51 -16.63 -0.23
CA PHE B 19 -8.31 -15.64 -1.28
C PHE B 19 -7.96 -14.26 -0.68
N GLY B 20 -8.64 -13.91 0.41
CA GLY B 20 -8.33 -12.71 1.15
C GLY B 20 -9.61 -11.96 1.40
N LEU B 21 -10.06 -11.95 2.64
CA LEU B 21 -11.30 -11.27 3.01
C LEU B 21 -11.34 -9.81 2.51
N TRP B 22 -10.17 -9.18 2.45
CA TRP B 22 -10.11 -7.75 2.10
C TRP B 22 -9.86 -7.45 0.64
N ASN B 23 -9.97 -8.48 -0.19
CA ASN B 23 -9.89 -8.28 -1.63
C ASN B 23 -10.86 -7.21 -2.08
N PRO B 24 -10.40 -6.30 -2.96
CA PRO B 24 -11.19 -5.24 -3.61
C PRO B 24 -12.12 -5.75 -4.72
N THR B 25 -11.77 -6.89 -5.31
CA THR B 25 -12.54 -7.53 -6.37
C THR B 25 -14.03 -7.67 -6.01
N TYR B 26 -14.28 -7.72 -4.71
CA TYR B 26 -15.58 -8.13 -4.18
C TYR B 26 -16.70 -7.17 -4.53
N SER B 27 -17.91 -7.71 -4.64
CA SER B 27 -19.02 -6.98 -5.24
C SER B 27 -19.85 -6.22 -4.23
N ARG B 28 -19.42 -6.22 -2.98
CA ARG B 28 -20.20 -5.55 -1.94
C ARG B 28 -21.45 -6.36 -1.63
N SER B 29 -22.23 -6.67 -2.66
CA SER B 29 -23.27 -7.68 -2.54
C SER B 29 -22.61 -8.95 -2.06
N GLU B 30 -21.39 -9.20 -2.57
CA GLU B 30 -20.60 -10.34 -2.16
C GLU B 30 -20.19 -10.13 -0.72
N ARG B 31 -19.59 -8.98 -0.45
CA ARG B 31 -19.09 -8.67 0.89
C ARG B 31 -20.15 -8.87 1.96
N GLN B 32 -21.40 -8.53 1.64
CA GLN B 32 -22.50 -8.83 2.52
C GLN B 32 -22.46 -10.30 2.90
N SER B 33 -22.86 -11.18 1.98
CA SER B 33 -22.90 -12.62 2.26
C SER B 33 -21.63 -13.20 2.92
N PHE B 34 -20.46 -12.65 2.58
CA PHE B 34 -19.21 -13.14 3.20
C PHE B 34 -19.17 -12.82 4.69
N GLN B 35 -19.56 -11.60 5.06
CA GLN B 35 -19.68 -11.24 6.46
C GLN B 35 -20.71 -12.12 7.19
N GLU B 36 -21.82 -12.44 6.54
CA GLU B 36 -22.79 -13.38 7.08
C GLU B 36 -22.09 -14.71 7.38
N LEU B 37 -21.38 -15.24 6.40
CA LEU B 37 -20.57 -16.42 6.63
C LEU B 37 -19.62 -16.23 7.80
N LEU B 38 -18.73 -15.25 7.69
CA LEU B 38 -17.71 -14.99 8.71
C LEU B 38 -18.14 -15.04 10.19
N THR B 39 -19.40 -14.69 10.51
CA THR B 39 -19.81 -14.63 11.93
C THR B 39 -20.22 -15.97 12.53
N VAL B 40 -20.16 -17.04 11.75
CA VAL B 40 -20.45 -18.35 12.30
C VAL B 40 -19.18 -18.89 12.92
N LEU B 41 -18.10 -18.16 12.65
CA LEU B 41 -16.81 -18.51 13.16
C LEU B 41 -16.76 -18.17 14.65
N GLU B 42 -16.44 -19.16 15.49
CA GLU B 42 -16.30 -18.90 16.93
C GLU B 42 -15.00 -19.50 17.45
N PRO B 43 -14.24 -18.76 18.29
CA PRO B 43 -13.01 -19.32 18.87
C PRO B 43 -13.30 -20.42 19.88
N VAL B 44 -12.33 -21.29 20.11
CA VAL B 44 -12.53 -22.48 20.94
C VAL B 44 -11.25 -22.95 21.64
N TYR B 45 -11.41 -23.92 22.53
CA TYR B 45 -10.30 -24.39 23.33
C TYR B 45 -9.21 -24.93 22.41
N PRO B 46 -8.03 -24.26 22.41
CA PRO B 46 -6.88 -24.65 21.58
C PRO B 46 -6.13 -25.78 22.26
N LEU B 47 -5.57 -26.68 21.45
CA LEU B 47 -4.83 -27.81 21.97
C LEU B 47 -3.43 -27.33 22.33
N PRO B 48 -2.72 -28.14 23.12
CA PRO B 48 -1.37 -27.85 23.63
C PRO B 48 -0.45 -27.05 22.70
N ASN B 49 -0.22 -27.50 21.47
CA ASN B 49 0.72 -26.81 20.59
C ASN B 49 0.09 -25.74 19.71
N GLU B 50 -1.17 -25.40 19.99
CA GLU B 50 -1.85 -24.38 19.18
C GLU B 50 -1.87 -22.97 19.79
N LEU B 51 -1.50 -22.00 18.96
CA LEU B 51 -1.65 -20.61 19.30
C LEU B 51 -3.14 -20.28 19.36
N GLY B 52 -3.92 -20.93 18.50
CA GLY B 52 -5.32 -20.60 18.36
C GLY B 52 -6.13 -21.63 17.60
N ARG B 53 -7.43 -21.70 17.84
CA ARG B 53 -8.26 -22.66 17.14
C ARG B 53 -9.64 -22.09 16.96
N VAL B 54 -10.19 -22.30 15.77
CA VAL B 54 -11.46 -21.70 15.39
C VAL B 54 -12.37 -22.76 14.82
N SER B 55 -13.67 -22.50 14.85
CA SER B 55 -14.65 -23.50 14.52
C SER B 55 -15.92 -22.83 14.05
N ALA B 56 -16.55 -23.42 13.04
CA ALA B 56 -17.74 -22.85 12.46
C ALA B 56 -18.66 -23.96 12.07
N ARG B 57 -19.91 -23.84 12.46
CA ARG B 57 -20.90 -24.85 12.14
C ARG B 57 -22.09 -24.21 11.43
N PHE B 58 -22.18 -24.45 10.13
CA PHE B 58 -23.14 -23.75 9.29
C PHE B 58 -24.44 -24.50 9.22
N SER B 59 -25.50 -23.79 8.84
CA SER B 59 -26.85 -24.31 8.90
C SER B 59 -27.06 -25.39 7.87
N ASP B 60 -26.10 -25.52 6.96
CA ASP B 60 -26.21 -26.52 5.90
C ASP B 60 -25.65 -27.87 6.35
N GLY B 61 -24.95 -27.88 7.48
CA GLY B 61 -24.42 -29.10 8.04
C GLY B 61 -22.91 -29.21 7.87
N SER B 62 -22.35 -28.27 7.12
CA SER B 62 -20.90 -28.19 6.93
C SER B 62 -20.26 -27.52 8.14
N SER B 63 -19.10 -28.02 8.57
CA SER B 63 -18.34 -27.31 9.57
C SER B 63 -16.98 -26.94 9.01
N LEU B 64 -16.31 -25.98 9.67
CA LEU B 64 -14.95 -25.60 9.31
C LEU B 64 -14.19 -25.41 10.60
N ARG B 65 -12.98 -25.99 10.69
CA ARG B 65 -12.12 -25.87 11.86
C ARG B 65 -10.73 -25.50 11.42
N ILE B 66 -10.13 -24.55 12.10
CA ILE B 66 -8.81 -24.08 11.70
C ILE B 66 -7.88 -24.00 12.91
N SER B 67 -6.68 -24.52 12.75
CA SER B 67 -5.68 -24.47 13.79
C SER B 67 -4.57 -23.57 13.35
N VAL B 68 -4.12 -22.75 14.28
CA VAL B 68 -2.97 -21.92 14.10
C VAL B 68 -1.94 -22.40 15.13
N THR B 69 -0.69 -22.54 14.71
CA THR B 69 0.28 -23.09 15.64
C THR B 69 1.32 -22.04 15.96
N ASN B 70 2.14 -22.34 16.96
CA ASN B 70 3.18 -21.43 17.41
C ASN B 70 3.98 -20.93 16.23
N SER B 71 4.31 -21.84 15.31
CA SER B 71 5.04 -21.48 14.09
C SER B 71 4.21 -20.63 13.11
N GLU B 72 2.93 -20.40 13.44
CA GLU B 72 2.03 -19.70 12.53
C GLU B 72 1.93 -20.41 11.17
N LEU B 73 1.62 -21.70 11.21
CA LEU B 73 1.26 -22.47 10.01
C LEU B 73 -0.21 -22.81 10.17
N VAL B 74 -0.97 -22.72 9.09
CA VAL B 74 -2.42 -22.84 9.19
C VAL B 74 -2.99 -24.13 8.59
N GLU B 75 -3.58 -24.96 9.43
CA GLU B 75 -4.31 -26.13 8.94
C GLU B 75 -5.82 -25.90 9.05
N ALA B 76 -6.55 -26.26 8.02
CA ALA B 76 -8.01 -26.14 8.05
C ALA B 76 -8.64 -27.47 7.73
N GLU B 77 -9.83 -27.72 8.28
CA GLU B 77 -10.55 -28.95 8.01
C GLU B 77 -12.00 -28.70 7.71
N ILE B 78 -12.35 -28.79 6.44
CA ILE B 78 -13.74 -28.70 6.04
C ILE B 78 -14.45 -30.04 6.21
N ARG B 79 -15.71 -30.00 6.61
CA ARG B 79 -16.59 -31.16 6.55
C ARG B 79 -17.85 -30.75 5.82
N THR B 80 -18.48 -31.68 5.12
CA THR B 80 -19.77 -31.34 4.51
C THR B 80 -20.85 -32.18 5.16
N ALA B 81 -22.10 -31.78 4.94
CA ALA B 81 -23.23 -32.50 5.49
C ALA B 81 -23.17 -33.95 5.04
N ASN B 82 -23.15 -34.14 3.72
CA ASN B 82 -23.06 -35.45 3.09
C ASN B 82 -21.93 -36.31 3.67
N ASN B 83 -21.01 -35.65 4.34
CA ASN B 83 -19.99 -36.30 5.17
C ASN B 83 -18.65 -36.56 4.46
N GLU B 84 -18.02 -35.50 4.00
CA GLU B 84 -16.69 -35.60 3.40
C GLU B 84 -15.72 -34.90 4.32
N LYS B 85 -14.44 -35.27 4.25
CA LYS B 85 -13.42 -34.58 5.01
C LYS B 85 -12.27 -34.08 4.13
N ILE B 86 -12.20 -32.77 3.95
CA ILE B 86 -11.16 -32.11 3.16
C ILE B 86 -10.20 -31.40 4.08
N THR B 87 -8.91 -31.63 3.91
CA THR B 87 -7.93 -30.99 4.77
C THR B 87 -7.01 -30.07 3.97
N VAL B 88 -6.79 -28.84 4.46
CA VAL B 88 -5.95 -27.90 3.73
C VAL B 88 -4.83 -27.34 4.55
N LEU B 89 -3.58 -27.55 4.14
CA LEU B 89 -2.46 -26.82 4.73
C LEU B 89 -2.25 -25.63 3.83
N LEU B 90 -1.69 -24.57 4.39
CA LEU B 90 -1.67 -23.31 3.68
C LEU B 90 -0.83 -22.27 4.40
N GLU B 91 -0.26 -21.34 3.64
CA GLU B 91 0.50 -20.24 4.22
C GLU B 91 -0.33 -18.96 4.27
N SER B 92 -0.15 -18.15 5.30
CA SER B 92 -0.80 -16.85 5.32
C SER B 92 0.14 -15.76 4.77
N ASN B 93 -0.37 -14.94 3.83
CA ASN B 93 0.46 -13.95 3.13
C ASN B 93 0.10 -12.50 3.48
N GLU B 94 0.73 -11.56 2.79
CA GLU B 94 0.28 -10.18 2.76
C GLU B 94 -0.88 -10.15 1.78
N GLN B 95 -1.01 -11.22 1.00
CA GLN B 95 -1.96 -11.27 -0.10
C GLN B 95 -3.34 -11.71 0.39
N ASN B 96 -3.46 -12.96 0.81
CA ASN B 96 -4.59 -13.31 1.65
C ASN B 96 -4.12 -12.92 3.02
N ARG B 97 -4.95 -12.26 3.81
CA ARG B 97 -4.46 -11.93 5.14
C ARG B 97 -4.99 -12.95 6.10
N LEU B 98 -4.96 -14.20 5.65
CA LEU B 98 -5.57 -15.32 6.36
C LEU B 98 -5.54 -15.16 7.88
N LEU B 99 -4.35 -15.06 8.44
CA LEU B 99 -4.17 -14.93 9.88
C LEU B 99 -4.88 -13.71 10.52
N GLN B 100 -5.03 -12.64 9.77
CA GLN B 100 -5.70 -11.47 10.32
C GLN B 100 -7.22 -11.65 10.29
N SER B 101 -7.68 -12.64 9.52
CA SER B 101 -9.10 -12.85 9.25
C SER B 101 -9.76 -13.75 10.26
N LEU B 102 -9.09 -13.96 11.40
CA LEU B 102 -9.57 -14.94 12.39
C LEU B 102 -9.48 -14.50 13.85
N PRO B 103 -10.45 -14.93 14.66
CA PRO B 103 -10.51 -14.83 16.12
C PRO B 103 -9.25 -15.35 16.82
N ILE B 104 -8.09 -14.74 16.59
CA ILE B 104 -6.88 -15.26 17.24
C ILE B 104 -5.95 -14.16 17.69
N ASP B 105 -5.09 -14.51 18.65
CA ASP B 105 -4.16 -13.56 19.26
C ASP B 105 -2.79 -13.92 18.79
N ARG B 106 -2.06 -12.90 18.39
CA ARG B 106 -0.77 -13.12 17.78
C ARG B 106 0.23 -12.27 18.50
N HIS B 107 1.48 -12.71 18.54
CA HIS B 107 2.52 -11.88 19.10
C HIS B 107 2.96 -10.96 17.99
N MET B 108 2.82 -9.66 18.22
CA MET B 108 3.34 -8.70 17.29
C MET B 108 3.93 -7.50 18.00
N PRO B 109 4.74 -6.72 17.29
CA PRO B 109 5.43 -5.56 17.87
C PRO B 109 4.56 -4.33 17.70
N TYR B 110 3.43 -4.49 17.03
CA TYR B 110 2.48 -3.40 16.84
C TYR B 110 1.04 -3.90 16.98
N ILE B 111 0.13 -3.00 17.28
CA ILE B 111 -1.25 -3.39 17.51
C ILE B 111 -1.83 -3.55 16.14
N GLN B 112 -2.44 -4.70 15.87
CA GLN B 112 -2.99 -5.01 14.54
C GLN B 112 -4.08 -4.03 14.12
N VAL B 113 -4.00 -3.59 12.86
CA VAL B 113 -4.95 -2.63 12.30
C VAL B 113 -5.77 -3.18 11.12
N HIS B 114 -7.08 -3.33 11.32
CA HIS B 114 -7.97 -3.80 10.25
C HIS B 114 -8.75 -2.65 9.61
N ARG B 115 -9.42 -2.95 8.51
CA ARG B 115 -10.21 -1.99 7.77
C ARG B 115 -11.59 -2.60 7.58
N ALA B 116 -12.63 -1.81 7.78
CA ALA B 116 -13.99 -2.30 7.71
C ALA B 116 -14.32 -2.74 6.28
N LEU B 117 -15.35 -3.57 6.13
CA LEU B 117 -15.91 -3.86 4.81
C LEU B 117 -17.18 -3.04 4.52
N SER B 118 -18.13 -3.02 5.47
CA SER B 118 -19.45 -2.41 5.25
C SER B 118 -19.58 -0.97 5.71
N GLU B 119 -20.77 -0.40 5.49
CA GLU B 119 -21.10 0.96 5.88
C GLU B 119 -20.51 1.34 7.23
N MET B 120 -20.21 2.62 7.41
CA MET B 120 -19.57 3.10 8.63
C MET B 120 -20.41 4.15 9.33
N ASP B 121 -21.62 3.81 9.75
CA ASP B 121 -22.44 4.82 10.39
C ASP B 121 -22.04 4.96 11.86
N LEU B 122 -20.76 5.24 12.11
CA LEU B 122 -20.22 5.18 13.47
C LEU B 122 -20.75 6.28 14.36
N THR B 123 -21.68 7.05 13.79
CA THR B 123 -22.40 8.08 14.51
C THR B 123 -23.31 7.44 15.56
N ASP B 124 -23.99 6.36 15.18
CA ASP B 124 -24.95 5.69 16.06
C ASP B 124 -24.57 4.24 16.39
N THR B 125 -25.16 3.72 17.46
CA THR B 125 -24.70 2.49 18.08
C THR B 125 -25.12 1.16 17.45
N THR B 126 -26.13 1.13 16.59
CA THR B 126 -26.45 -0.13 15.97
C THR B 126 -25.29 -0.44 15.01
N SER B 127 -24.68 0.61 14.49
CA SER B 127 -23.47 0.51 13.69
C SER B 127 -22.35 -0.06 14.53
N MET B 128 -21.97 0.70 15.56
CA MET B 128 -20.92 0.33 16.51
C MET B 128 -21.01 -1.11 17.01
N ARG B 129 -22.20 -1.56 17.39
CA ARG B 129 -22.38 -2.95 17.81
C ARG B 129 -22.07 -3.95 16.67
N ASN B 130 -22.50 -3.62 15.45
CA ASN B 130 -22.25 -4.45 14.28
C ASN B 130 -20.77 -4.54 13.94
N LEU B 131 -20.16 -3.37 13.77
CA LEU B 131 -18.73 -3.27 13.61
C LEU B 131 -18.04 -4.22 14.56
N LEU B 132 -18.38 -4.15 15.85
CA LEU B 132 -17.82 -5.08 16.84
C LEU B 132 -18.14 -6.54 16.47
N GLY B 133 -19.30 -6.77 15.88
CA GLY B 133 -19.66 -8.11 15.44
C GLY B 133 -18.69 -8.59 14.37
N PHE B 134 -18.20 -7.64 13.59
CA PHE B 134 -17.13 -7.89 12.65
C PHE B 134 -15.75 -8.03 13.32
N THR B 135 -15.37 -7.03 14.10
CA THR B 135 -14.00 -6.98 14.59
C THR B 135 -13.64 -8.08 15.57
N SER B 136 -14.66 -8.68 16.18
CA SER B 136 -14.43 -9.73 17.17
C SER B 136 -14.18 -11.07 16.47
N LYS B 137 -14.31 -11.08 15.16
CA LYS B 137 -13.98 -12.28 14.40
C LYS B 137 -12.64 -12.12 13.66
N LEU B 138 -11.93 -11.02 13.92
CA LEU B 138 -10.60 -10.76 13.36
C LEU B 138 -9.52 -10.91 14.43
N SER B 139 -8.25 -10.86 14.02
CA SER B 139 -7.11 -11.02 14.93
C SER B 139 -6.83 -9.83 15.88
N THR B 140 -6.00 -10.05 16.89
CA THR B 140 -5.65 -9.04 17.87
C THR B 140 -4.23 -9.29 18.34
N THR B 141 -3.55 -8.22 18.74
CA THR B 141 -2.17 -8.33 19.20
C THR B 141 -2.09 -8.50 20.71
N LEU B 142 -1.38 -9.53 21.18
CA LEU B 142 -1.22 -9.73 22.61
C LEU B 142 -0.55 -8.53 23.28
N ILE B 143 -0.99 -8.25 24.51
CA ILE B 143 -0.56 -7.11 25.30
C ILE B 143 -0.20 -7.66 26.65
N PRO B 144 1.02 -7.35 27.10
CA PRO B 144 1.47 -7.82 28.41
C PRO B 144 1.02 -6.87 29.53
N HIS B 145 1.00 -7.38 30.76
CA HIS B 145 0.57 -6.60 31.90
C HIS B 145 1.65 -6.50 33.00
N ASN B 146 1.87 -5.31 33.55
CA ASN B 146 2.59 -5.19 34.82
C ASN B 146 1.58 -5.28 35.96
N ALA B 147 2.04 -5.27 37.21
CA ALA B 147 1.11 -5.47 38.35
C ALA B 147 0.13 -4.31 38.60
N GLN B 148 0.40 -3.14 38.03
CA GLN B 148 -0.52 -2.00 38.10
C GLN B 148 -1.70 -2.16 37.15
N THR B 149 -1.51 -2.90 36.06
CA THR B 149 -2.53 -3.05 35.02
C THR B 149 -3.18 -4.44 34.98
N ASP B 150 -2.67 -5.36 35.79
CA ASP B 150 -3.18 -6.74 35.83
C ASP B 150 -4.57 -6.82 36.50
N PRO B 151 -5.62 -6.95 35.69
CA PRO B 151 -7.01 -7.02 36.16
C PRO B 151 -7.24 -7.96 37.33
N LEU B 152 -6.36 -8.94 37.52
CA LEU B 152 -6.49 -9.88 38.63
C LEU B 152 -5.54 -9.56 39.78
N SER B 153 -4.83 -8.44 39.66
CA SER B 153 -4.04 -7.92 40.77
C SER B 153 -4.82 -6.88 41.57
N GLY B 154 -4.11 -6.06 42.33
CA GLY B 154 -4.74 -5.00 43.08
C GLY B 154 -5.51 -5.47 44.29
N PRO B 155 -6.40 -4.61 44.81
CA PRO B 155 -7.07 -4.80 46.10
C PRO B 155 -8.33 -5.64 46.03
N THR B 156 -9.18 -5.35 45.05
CA THR B 156 -10.45 -6.06 44.89
C THR B 156 -10.59 -6.57 43.46
N PRO B 157 -9.84 -7.62 43.11
CA PRO B 157 -10.00 -8.30 41.82
C PRO B 157 -11.35 -9.00 41.71
N PHE B 158 -12.12 -8.65 40.70
CA PHE B 158 -13.39 -9.32 40.38
C PHE B 158 -14.62 -8.79 41.17
N SER B 159 -14.41 -8.01 42.21
CA SER B 159 -15.53 -7.42 42.95
C SER B 159 -16.69 -7.04 42.00
N SER B 160 -16.33 -6.38 40.91
CA SER B 160 -17.31 -5.86 39.95
C SER B 160 -18.05 -6.95 39.18
N ILE B 161 -17.64 -8.21 39.37
CA ILE B 161 -18.06 -9.25 38.43
C ILE B 161 -19.57 -9.40 38.33
N PHE B 162 -20.23 -9.49 39.48
CA PHE B 162 -21.67 -9.70 39.55
C PHE B 162 -22.44 -8.47 39.14
N MET B 163 -21.90 -7.31 39.47
CA MET B 163 -22.44 -6.04 39.02
C MET B 163 -22.35 -5.94 37.49
N ASP B 164 -21.14 -6.21 37.00
CA ASP B 164 -20.82 -6.17 35.57
C ASP B 164 -21.76 -7.10 34.77
N THR B 165 -21.96 -8.32 35.26
CA THR B 165 -22.79 -9.31 34.55
C THR B 165 -24.25 -8.90 34.49
N CYS B 166 -24.72 -8.22 35.53
CA CYS B 166 -26.12 -7.77 35.62
C CYS B 166 -26.50 -6.78 34.51
N ARG B 167 -25.68 -5.75 34.32
CA ARG B 167 -25.93 -4.79 33.26
C ARG B 167 -25.34 -5.20 31.92
N GLY B 168 -24.52 -6.26 31.90
CA GLY B 168 -24.07 -6.85 30.65
C GLY B 168 -25.20 -7.55 29.89
N LEU B 169 -25.78 -8.56 30.53
CA LEU B 169 -26.88 -9.33 29.92
C LEU B 169 -28.05 -8.42 29.57
N GLY B 170 -28.57 -8.62 28.36
CA GLY B 170 -29.58 -7.77 27.79
C GLY B 170 -28.99 -6.80 26.79
N ASN B 171 -27.67 -6.56 26.89
CA ASN B 171 -27.01 -5.56 26.06
C ASN B 171 -25.83 -6.11 25.25
N ALA B 172 -25.65 -7.42 25.30
CA ALA B 172 -24.49 -8.00 24.67
C ALA B 172 -24.82 -8.71 23.36
N LYS B 173 -23.77 -9.05 22.63
CA LYS B 173 -23.82 -10.05 21.61
C LYS B 173 -23.26 -11.25 22.35
N LEU B 174 -24.06 -12.29 22.50
CA LEU B 174 -23.61 -13.41 23.29
C LEU B 174 -23.83 -14.68 22.56
N SER B 175 -22.78 -15.47 22.49
CA SER B 175 -22.82 -16.76 21.80
C SER B 175 -22.29 -17.87 22.67
N LEU B 176 -23.16 -18.83 22.99
CA LEU B 176 -22.73 -20.07 23.61
C LEU B 176 -22.71 -21.22 22.57
N ASN B 177 -21.60 -21.95 22.50
CA ASN B 177 -21.45 -23.07 21.57
C ASN B 177 -22.01 -22.80 20.18
N GLY B 178 -21.78 -21.61 19.65
CA GLY B 178 -22.29 -21.26 18.35
C GLY B 178 -23.71 -20.76 18.36
N VAL B 179 -24.46 -21.09 19.42
CA VAL B 179 -25.84 -20.59 19.54
C VAL B 179 -25.86 -19.11 19.93
N ASP B 180 -26.75 -18.37 19.29
CA ASP B 180 -26.98 -16.99 19.66
C ASP B 180 -27.99 -16.92 20.79
N ILE B 181 -27.61 -16.24 21.87
CA ILE B 181 -28.53 -15.94 22.96
C ILE B 181 -28.98 -14.49 22.76
N PRO B 182 -30.20 -14.29 22.23
CA PRO B 182 -30.77 -12.95 22.01
C PRO B 182 -31.01 -12.18 23.31
N ALA B 183 -31.26 -10.87 23.25
CA ALA B 183 -31.41 -10.06 24.47
C ALA B 183 -32.53 -10.58 25.39
N ASN B 184 -33.69 -10.89 24.81
CA ASN B 184 -34.72 -11.61 25.53
C ASN B 184 -34.13 -12.73 26.39
N ALA B 185 -33.49 -13.70 25.73
CA ALA B 185 -32.95 -14.87 26.40
C ALA B 185 -31.82 -14.55 27.39
N GLN B 186 -31.02 -13.53 27.11
CA GLN B 186 -29.92 -13.17 28.00
C GLN B 186 -30.51 -12.82 29.36
N LYS B 187 -31.64 -12.13 29.33
CA LYS B 187 -32.33 -11.73 30.55
C LYS B 187 -32.79 -12.97 31.31
N LEU B 188 -33.43 -13.89 30.58
CA LEU B 188 -33.74 -15.19 31.13
C LEU B 188 -32.51 -15.77 31.84
N LEU B 189 -31.34 -15.70 31.21
CA LEU B 189 -30.11 -16.22 31.81
C LEU B 189 -29.70 -15.45 33.05
N ARG B 190 -29.77 -14.12 32.99
CA ARG B 190 -29.49 -13.30 34.18
C ARG B 190 -30.34 -13.71 35.36
N ASP B 191 -31.65 -13.84 35.14
CA ASP B 191 -32.51 -14.27 36.21
C ASP B 191 -32.05 -15.65 36.70
N ALA B 192 -31.94 -16.60 35.77
CA ALA B 192 -31.53 -17.96 36.11
C ALA B 192 -30.37 -18.05 37.12
N LEU B 193 -29.46 -17.08 37.06
CA LEU B 193 -28.27 -17.07 37.92
C LEU B 193 -28.56 -16.63 39.36
N GLY B 194 -29.57 -15.79 39.54
CA GLY B 194 -29.93 -15.31 40.86
C GLY B 194 -29.66 -13.82 40.91
N LEU B 195 -29.25 -13.30 39.76
CA LEU B 195 -28.87 -11.89 39.66
C LEU B 195 -30.09 -10.96 39.54
N LYS B 196 -30.58 -10.47 40.68
CA LYS B 196 -31.75 -9.59 40.72
C LYS B 196 -31.33 -8.12 40.61
N ASP B 197 -30.97 -7.54 41.75
CA ASP B 197 -30.35 -6.22 41.75
C ASP B 197 -28.83 -6.37 41.61
N THR B 198 -28.13 -5.25 41.53
CA THR B 198 -26.73 -5.25 41.09
C THR B 198 -25.72 -5.82 42.11
N HIS B 199 -26.09 -5.84 43.38
CA HIS B 199 -25.20 -6.33 44.45
C HIS B 199 -25.53 -7.73 44.98
N SER B 200 -26.44 -8.41 44.31
CA SER B 200 -26.77 -9.77 44.72
C SER B 200 -25.90 -10.71 43.91
N SER B 201 -25.10 -11.52 44.60
CA SER B 201 -24.38 -12.60 43.94
C SER B 201 -25.35 -13.75 43.60
N PRO B 202 -24.88 -14.75 42.85
CA PRO B 202 -25.74 -15.89 42.48
C PRO B 202 -26.28 -16.68 43.69
N THR B 203 -27.26 -17.56 43.43
CA THR B 203 -27.76 -18.49 44.41
C THR B 203 -26.66 -19.49 44.73
N ARG B 204 -26.44 -19.77 46.00
CA ARG B 204 -25.51 -20.84 46.38
C ARG B 204 -25.84 -22.08 45.57
N ASN B 205 -27.11 -22.23 45.22
CA ASN B 205 -27.53 -23.38 44.43
C ASN B 205 -26.88 -23.38 43.04
N VAL B 206 -26.98 -22.25 42.37
CA VAL B 206 -26.39 -22.08 41.05
C VAL B 206 -24.87 -22.11 41.11
N ILE B 207 -24.32 -21.66 42.23
CA ILE B 207 -22.89 -21.66 42.39
C ILE B 207 -22.34 -23.08 42.45
N ASP B 208 -23.11 -24.01 43.04
CA ASP B 208 -22.66 -25.39 43.23
C ASP B 208 -23.13 -26.37 42.14
N HIS B 209 -24.25 -26.04 41.51
CA HIS B 209 -24.92 -26.97 40.59
C HIS B 209 -25.22 -26.31 39.25
N GLY B 210 -24.74 -25.08 39.09
CA GLY B 210 -25.09 -24.29 37.93
C GLY B 210 -26.58 -24.01 37.80
N ILE B 211 -26.96 -23.47 36.65
CA ILE B 211 -28.36 -23.22 36.28
C ILE B 211 -29.23 -24.46 36.43
N SER B 212 -30.46 -24.29 36.93
CA SER B 212 -31.36 -25.44 36.98
C SER B 212 -31.53 -26.00 35.56
N ARG B 213 -31.88 -27.28 35.43
CA ARG B 213 -32.03 -27.85 34.10
C ARG B 213 -33.22 -27.25 33.35
N HIS B 214 -34.28 -26.98 34.07
CA HIS B 214 -35.44 -26.31 33.53
C HIS B 214 -35.07 -24.99 32.85
N ASP B 215 -34.42 -24.10 33.60
CA ASP B 215 -34.15 -22.76 33.09
C ASP B 215 -33.32 -22.84 31.83
N ALA B 216 -32.23 -23.61 31.92
CA ALA B 216 -31.38 -23.86 30.78
C ALA B 216 -32.21 -24.25 29.56
N GLU B 217 -33.11 -25.21 29.72
CA GLU B 217 -33.94 -25.63 28.60
C GLU B 217 -34.74 -24.48 28.02
N GLN B 218 -35.23 -23.60 28.87
CA GLN B 218 -35.96 -22.43 28.41
C GLN B 218 -35.05 -21.51 27.63
N ILE B 219 -33.90 -21.22 28.22
CA ILE B 219 -32.91 -20.35 27.61
C ILE B 219 -32.56 -20.78 26.18
N ALA B 220 -32.21 -22.05 26.02
CA ALA B 220 -31.94 -22.63 24.69
C ALA B 220 -33.03 -22.33 23.66
N ARG B 221 -34.25 -22.82 23.93
CA ARG B 221 -35.39 -22.59 23.05
C ARG B 221 -35.50 -21.13 22.56
N GLU B 222 -35.31 -20.18 23.47
CA GLU B 222 -35.43 -18.75 23.17
C GLU B 222 -34.25 -18.21 22.36
N SER B 223 -33.27 -19.07 22.12
CA SER B 223 -32.07 -18.65 21.40
C SER B 223 -32.04 -19.22 19.97
N SER B 224 -31.22 -18.62 19.12
CA SER B 224 -31.18 -19.01 17.72
C SER B 224 -30.06 -20.00 17.43
N GLY B 225 -30.43 -21.19 16.96
CA GLY B 225 -29.46 -22.19 16.62
C GLY B 225 -29.99 -23.56 16.30
N SER B 226 -29.06 -24.50 16.15
CA SER B 226 -29.34 -25.85 15.69
C SER B 226 -29.66 -26.77 16.85
N ASP B 227 -30.53 -27.74 16.61
CA ASP B 227 -30.99 -28.59 17.70
C ASP B 227 -29.83 -29.20 18.48
N LYS B 228 -28.81 -29.65 17.75
CA LYS B 228 -27.70 -30.36 18.37
C LYS B 228 -26.90 -29.43 19.24
N GLN B 229 -26.71 -28.21 18.74
CA GLN B 229 -26.01 -27.17 19.48
C GLN B 229 -26.80 -26.70 20.71
N LYS B 230 -28.07 -26.34 20.50
CA LYS B 230 -28.92 -25.94 21.62
C LYS B 230 -28.91 -26.96 22.74
N ALA B 231 -28.86 -28.23 22.39
CA ALA B 231 -28.75 -29.26 23.42
C ALA B 231 -27.37 -29.22 24.09
N GLU B 232 -26.35 -28.89 23.30
CA GLU B 232 -24.98 -28.70 23.78
C GLU B 232 -24.91 -27.59 24.82
N VAL B 233 -25.61 -26.49 24.53
CA VAL B 233 -25.77 -25.36 25.46
C VAL B 233 -26.43 -25.77 26.77
N VAL B 234 -27.52 -26.54 26.68
CA VAL B 234 -28.24 -27.01 27.85
C VAL B 234 -27.33 -27.77 28.81
N GLU B 235 -26.58 -28.72 28.28
CA GLU B 235 -25.61 -29.45 29.09
C GLU B 235 -24.57 -28.48 29.66
N PHE B 236 -24.22 -27.47 28.88
CA PHE B 236 -23.27 -26.47 29.34
C PHE B 236 -23.78 -25.73 30.57
N LEU B 237 -25.02 -25.26 30.48
CA LEU B 237 -25.62 -24.43 31.53
C LEU B 237 -25.78 -25.17 32.87
N CYS B 238 -25.91 -26.49 32.82
CA CYS B 238 -26.13 -27.31 33.99
C CYS B 238 -24.84 -27.65 34.71
N HIS B 239 -23.74 -27.07 34.21
CA HIS B 239 -22.47 -27.14 34.88
C HIS B 239 -22.29 -25.92 35.81
N PRO B 240 -21.73 -26.14 37.01
CA PRO B 240 -21.29 -25.01 37.84
C PRO B 240 -20.36 -24.07 37.07
N GLU B 241 -19.35 -24.65 36.43
CA GLU B 241 -18.34 -23.86 35.76
C GLU B 241 -18.95 -22.97 34.72
N ALA B 242 -20.17 -23.28 34.31
CA ALA B 242 -20.87 -22.42 33.36
C ALA B 242 -21.14 -21.07 34.01
N ALA B 243 -21.48 -21.12 35.30
CA ALA B 243 -21.69 -19.88 36.04
C ALA B 243 -20.40 -19.05 36.01
N THR B 244 -19.28 -19.69 36.34
CA THR B 244 -18.00 -18.98 36.37
C THR B 244 -17.67 -18.33 35.02
N ALA B 245 -17.83 -19.09 33.95
CA ALA B 245 -17.52 -18.61 32.60
C ALA B 245 -18.37 -17.43 32.14
N ILE B 246 -19.64 -17.45 32.48
CA ILE B 246 -20.54 -16.40 32.02
C ILE B 246 -20.38 -15.11 32.81
N CYS B 247 -20.07 -15.23 34.09
CA CYS B 247 -20.00 -14.02 34.90
C CYS B 247 -18.64 -13.39 34.75
N SER B 248 -17.61 -14.23 34.72
CA SER B 248 -16.25 -13.75 34.62
C SER B 248 -16.10 -13.00 33.32
N ALA B 249 -16.82 -13.45 32.30
CA ALA B 249 -16.75 -12.88 30.97
C ALA B 249 -17.14 -11.41 30.95
N PHE B 250 -18.02 -10.99 31.86
CA PHE B 250 -18.50 -9.61 31.89
C PHE B 250 -17.63 -8.67 32.68
N TYR B 251 -16.70 -9.23 33.45
CA TYR B 251 -15.71 -8.46 34.19
C TYR B 251 -15.13 -7.34 33.37
N GLN B 252 -15.59 -6.12 33.60
CA GLN B 252 -15.18 -4.98 32.77
C GLN B 252 -13.72 -4.54 32.94
N SER B 253 -13.05 -4.94 34.01
CA SER B 253 -11.68 -4.46 34.21
C SER B 253 -10.71 -5.20 33.33
N PHE B 254 -11.20 -6.23 32.64
CA PHE B 254 -10.42 -6.91 31.59
C PHE B 254 -9.95 -5.90 30.58
N ASN B 255 -10.69 -4.81 30.46
CA ASN B 255 -10.29 -3.76 29.54
C ASN B 255 -9.10 -2.92 30.02
N VAL B 256 -8.52 -3.22 31.18
CA VAL B 256 -7.49 -2.31 31.68
C VAL B 256 -6.24 -2.25 30.80
N PRO B 257 -5.56 -3.40 30.59
CA PRO B 257 -4.31 -3.38 29.83
C PRO B 257 -4.46 -2.67 28.49
N ALA B 258 -5.51 -2.97 27.75
CA ALA B 258 -5.74 -2.26 26.50
C ALA B 258 -6.05 -0.77 26.72
N LEU B 259 -6.86 -0.46 27.72
CA LEU B 259 -7.17 0.94 28.00
C LEU B 259 -5.92 1.74 28.42
N THR B 260 -5.00 1.11 29.14
CA THR B 260 -3.80 1.83 29.57
C THR B 260 -2.99 2.33 28.37
N LEU B 261 -2.95 1.55 27.29
CA LEU B 261 -2.22 1.95 26.08
C LEU B 261 -2.99 2.86 25.14
N THR B 262 -4.31 2.97 25.33
CA THR B 262 -5.09 3.74 24.37
C THR B 262 -5.96 4.82 24.98
N HIS B 263 -5.89 5.06 26.28
CA HIS B 263 -6.95 5.86 26.88
C HIS B 263 -7.02 7.32 26.39
N GLU B 264 -5.91 7.85 25.88
CA GLU B 264 -5.92 9.21 25.34
C GLU B 264 -6.84 9.37 24.13
N ARG B 265 -6.61 8.53 23.11
CA ARG B 265 -7.44 8.54 21.92
C ARG B 265 -8.89 8.10 22.22
N ILE B 266 -9.09 7.39 23.34
CA ILE B 266 -10.45 7.01 23.76
C ILE B 266 -11.19 8.18 24.39
N SER B 267 -10.44 9.09 25.00
CA SER B 267 -11.00 10.32 25.54
C SER B 267 -11.26 11.24 24.37
N LYS B 268 -10.22 11.50 23.59
CA LYS B 268 -10.34 12.35 22.42
C LYS B 268 -11.53 11.93 21.57
N ALA B 269 -12.14 10.81 21.94
CA ALA B 269 -13.29 10.27 21.24
C ALA B 269 -14.62 10.66 21.88
N SER B 270 -14.68 10.65 23.20
CA SER B 270 -15.93 10.96 23.87
C SER B 270 -16.01 12.45 24.24
N GLU B 271 -15.07 13.22 23.71
CA GLU B 271 -15.13 14.67 23.75
C GLU B 271 -15.66 15.19 22.43
N TYR B 272 -15.06 14.71 21.34
CA TYR B 272 -15.53 15.00 19.98
C TYR B 272 -16.98 14.56 19.86
N ASN B 273 -17.44 13.75 20.82
CA ASN B 273 -18.81 13.28 20.86
C ASN B 273 -19.68 14.10 21.81
N ALA B 274 -19.06 14.87 22.68
CA ALA B 274 -19.79 15.79 23.55
C ALA B 274 -20.26 17.03 22.77
N GLU B 275 -19.56 17.39 21.69
CA GLU B 275 -19.85 18.59 20.91
C GLU B 275 -21.12 18.52 20.07
N ARG B 276 -21.85 17.42 20.19
CA ARG B 276 -23.20 17.36 19.62
C ARG B 276 -24.17 17.03 20.73
N SER B 277 -23.89 17.58 21.91
CA SER B 277 -24.61 17.22 23.14
C SER B 277 -24.97 15.74 23.13
N LEU B 278 -24.05 14.93 22.61
CA LEU B 278 -24.30 13.50 22.46
C LEU B 278 -23.88 12.73 23.71
N ASP B 279 -24.88 12.27 24.45
CA ASP B 279 -24.66 11.37 25.56
C ASP B 279 -24.62 9.96 25.00
N THR B 280 -23.88 9.78 23.92
CA THR B 280 -23.78 8.50 23.24
C THR B 280 -22.94 7.52 24.05
N PRO B 281 -23.24 6.22 23.94
CA PRO B 281 -22.45 5.20 24.65
C PRO B 281 -21.14 4.94 23.93
N ASN B 282 -20.15 4.46 24.69
CA ASN B 282 -18.76 4.39 24.25
C ASN B 282 -18.34 2.99 23.79
N ALA B 283 -18.97 1.97 24.35
CA ALA B 283 -18.46 0.61 24.25
C ALA B 283 -19.57 -0.43 24.20
N CYS B 284 -19.35 -1.50 23.44
CA CYS B 284 -20.27 -2.63 23.43
C CYS B 284 -19.63 -3.83 24.06
N ILE B 285 -20.34 -4.95 24.03
CA ILE B 285 -19.77 -6.21 24.47
C ILE B 285 -20.07 -7.35 23.54
N ASN B 286 -19.04 -8.13 23.20
CA ASN B 286 -19.23 -9.35 22.44
C ASN B 286 -18.53 -10.53 23.11
N ILE B 287 -19.30 -11.53 23.50
CA ILE B 287 -18.71 -12.67 24.19
C ILE B 287 -19.01 -13.97 23.48
N SER B 288 -18.02 -14.86 23.53
CA SER B 288 -18.16 -16.21 23.01
C SER B 288 -17.60 -17.22 23.99
N ILE B 289 -18.41 -18.24 24.26
CA ILE B 289 -18.04 -19.31 25.17
C ILE B 289 -18.35 -20.66 24.56
N SER B 290 -17.33 -21.49 24.44
CA SER B 290 -17.49 -22.80 23.82
C SER B 290 -17.08 -23.85 24.85
N GLN B 291 -17.81 -24.97 24.86
CA GLN B 291 -17.38 -26.16 25.59
C GLN B 291 -17.12 -27.30 24.61
N SER B 292 -15.89 -27.81 24.64
CA SER B 292 -15.44 -28.86 23.73
C SER B 292 -16.05 -30.18 24.13
N SER B 293 -16.24 -31.07 23.15
CA SER B 293 -16.88 -32.35 23.43
C SER B 293 -16.05 -33.15 24.45
N ASP B 294 -14.87 -32.61 24.76
CA ASP B 294 -13.97 -33.20 25.75
C ASP B 294 -14.15 -32.64 27.15
N GLY B 295 -14.96 -31.59 27.28
CA GLY B 295 -15.24 -30.97 28.57
C GLY B 295 -14.74 -29.55 28.70
N ASN B 296 -13.74 -29.21 27.90
CA ASN B 296 -13.05 -27.94 28.02
C ASN B 296 -13.89 -26.69 27.80
N ILE B 297 -14.06 -25.92 28.87
CA ILE B 297 -14.76 -24.66 28.78
C ILE B 297 -13.78 -23.55 28.45
N TYR B 298 -14.00 -22.88 27.33
CA TYR B 298 -13.14 -21.80 26.89
C TYR B 298 -13.93 -20.52 26.62
N VAL B 299 -13.39 -19.39 27.07
CA VAL B 299 -14.10 -18.12 27.00
C VAL B 299 -13.33 -17.11 26.18
N THR B 300 -14.05 -16.32 25.40
CA THR B 300 -13.43 -15.28 24.61
C THR B 300 -14.28 -14.03 24.72
N SER B 301 -13.80 -13.03 25.43
CA SER B 301 -14.58 -11.81 25.59
C SER B 301 -14.00 -10.63 24.84
N HIS B 302 -14.86 -9.94 24.10
CA HIS B 302 -14.48 -8.67 23.47
C HIS B 302 -15.27 -7.50 24.04
N THR B 303 -14.59 -6.37 24.22
CA THR B 303 -15.24 -5.10 24.44
C THR B 303 -14.81 -4.20 23.29
N GLY B 304 -15.78 -3.70 22.53
CA GLY B 304 -15.48 -2.74 21.48
C GLY B 304 -15.59 -1.31 21.97
N VAL B 305 -14.70 -0.42 21.51
CA VAL B 305 -14.57 0.90 22.12
C VAL B 305 -14.24 1.99 21.10
N LEU B 306 -15.01 3.06 21.06
CA LEU B 306 -14.75 4.17 20.13
C LEU B 306 -13.42 4.85 20.42
N ILE B 307 -12.79 5.36 19.36
CA ILE B 307 -11.40 5.82 19.46
C ILE B 307 -11.09 6.75 18.27
N MET B 308 -10.14 7.66 18.43
CA MET B 308 -9.81 8.59 17.36
C MET B 308 -8.66 8.03 16.56
N ALA B 309 -8.68 8.26 15.25
CA ALA B 309 -7.56 7.86 14.41
C ALA B 309 -6.30 8.59 14.87
N PRO B 310 -5.13 8.05 14.51
CA PRO B 310 -3.85 8.67 14.88
C PRO B 310 -3.77 10.16 14.56
N GLU B 311 -2.68 10.80 14.98
CA GLU B 311 -2.43 12.20 14.67
C GLU B 311 -2.34 12.45 13.17
N ASP B 312 -1.61 11.58 12.46
CA ASP B 312 -1.42 11.74 11.01
C ASP B 312 -2.73 11.74 10.22
N ARG B 313 -3.82 11.32 10.88
CA ARG B 313 -5.13 11.28 10.26
C ARG B 313 -6.16 11.89 11.21
N PRO B 314 -6.30 13.22 11.18
CA PRO B 314 -7.27 13.87 12.06
C PRO B 314 -8.68 13.59 11.59
N ASN B 315 -9.68 13.94 12.41
CA ASN B 315 -11.09 13.89 12.01
C ASN B 315 -11.80 12.52 11.97
N GLU B 316 -11.04 11.45 11.75
CA GLU B 316 -11.63 10.12 11.64
C GLU B 316 -11.83 9.49 13.01
N MET B 317 -12.76 8.54 13.07
CA MET B 317 -12.97 7.78 14.30
C MET B 317 -13.10 6.30 13.95
N GLY B 318 -12.65 5.44 14.86
CA GLY B 318 -12.69 3.99 14.66
C GLY B 318 -13.05 3.23 15.93
N MET B 319 -12.85 1.91 15.89
CA MET B 319 -13.13 1.06 17.05
C MET B 319 -11.90 0.30 17.51
N LEU B 320 -11.71 0.23 18.82
CA LEU B 320 -10.69 -0.61 19.45
C LEU B 320 -11.44 -1.86 19.87
N THR B 321 -10.80 -3.01 19.80
CA THR B 321 -11.47 -4.26 20.11
C THR B 321 -10.61 -5.00 21.10
N ASN B 322 -11.17 -5.38 22.23
CA ASN B 322 -10.34 -5.94 23.28
C ASN B 322 -10.65 -7.39 23.60
N ARG B 323 -9.76 -8.28 23.16
CA ARG B 323 -9.96 -9.69 23.46
C ARG B 323 -9.34 -10.07 24.80
N THR B 324 -10.15 -10.67 25.66
CA THR B 324 -9.67 -11.47 26.78
C THR B 324 -10.05 -12.94 26.52
N SER B 325 -9.07 -13.82 26.53
CA SER B 325 -9.29 -15.23 26.18
C SER B 325 -8.84 -16.02 27.39
N TYR B 326 -9.48 -17.13 27.67
CA TYR B 326 -9.01 -17.96 28.77
C TYR B 326 -9.86 -19.19 28.93
N GLU B 327 -9.31 -20.16 29.63
CA GLU B 327 -10.05 -21.39 29.87
C GLU B 327 -10.60 -21.37 31.26
N VAL B 328 -11.80 -21.93 31.42
CA VAL B 328 -12.39 -22.16 32.73
C VAL B 328 -12.22 -23.61 33.18
N PRO B 329 -11.14 -23.87 33.94
CA PRO B 329 -10.76 -25.23 34.34
C PRO B 329 -11.90 -25.92 35.05
N GLN B 330 -11.88 -27.23 35.10
CA GLN B 330 -12.90 -27.93 35.86
C GLN B 330 -12.69 -27.73 37.34
N GLY B 331 -13.78 -27.47 38.05
CA GLY B 331 -13.75 -27.33 39.50
C GLY B 331 -14.02 -25.91 39.93
N VAL B 332 -13.54 -24.96 39.12
CA VAL B 332 -13.63 -23.55 39.46
C VAL B 332 -15.07 -23.05 39.60
N LYS B 333 -15.53 -22.99 40.86
CA LYS B 333 -16.86 -22.50 41.20
C LYS B 333 -16.91 -20.97 41.06
N CYS B 334 -18.10 -20.44 40.85
CA CYS B 334 -18.23 -19.01 40.60
C CYS B 334 -18.03 -18.12 41.85
N ILE B 335 -16.86 -18.25 42.49
CA ILE B 335 -16.57 -17.57 43.75
C ILE B 335 -15.28 -16.75 43.71
N ILE B 336 -15.43 -15.43 43.62
CA ILE B 336 -14.30 -14.49 43.57
C ILE B 336 -12.90 -14.98 43.92
N ASP B 337 -12.60 -15.22 45.19
CA ASP B 337 -11.21 -15.50 45.57
C ASP B 337 -10.72 -16.83 44.98
N GLU B 338 -11.67 -17.70 44.70
CA GLU B 338 -11.39 -18.99 44.09
C GLU B 338 -11.10 -18.75 42.61
N MET B 339 -11.77 -17.74 42.04
CA MET B 339 -11.65 -17.41 40.63
C MET B 339 -10.36 -16.67 40.34
N VAL B 340 -9.92 -15.86 41.28
CA VAL B 340 -8.72 -15.06 41.14
C VAL B 340 -7.45 -15.92 41.16
N SER B 341 -7.56 -17.19 41.52
CA SER B 341 -6.35 -18.01 41.61
C SER B 341 -6.38 -19.11 40.57
N ALA B 342 -7.53 -19.31 39.96
CA ALA B 342 -7.70 -20.40 39.01
C ALA B 342 -7.55 -19.91 37.57
N LEU B 343 -8.23 -18.81 37.23
CA LEU B 343 -8.19 -18.31 35.87
C LEU B 343 -6.89 -17.56 35.55
N GLN B 344 -6.40 -17.76 34.33
CA GLN B 344 -5.26 -17.02 33.83
C GLN B 344 -5.59 -16.52 32.44
N PRO B 345 -6.24 -15.36 32.35
CA PRO B 345 -6.60 -14.74 31.09
C PRO B 345 -5.38 -14.17 30.38
N ARG B 346 -5.56 -13.85 29.10
CA ARG B 346 -4.58 -13.13 28.32
C ARG B 346 -5.32 -12.02 27.56
N TYR B 347 -4.63 -10.91 27.29
CA TYR B 347 -5.30 -9.71 26.80
C TYR B 347 -4.73 -9.28 25.45
N ALA B 348 -5.61 -8.91 24.54
CA ALA B 348 -5.20 -8.53 23.20
C ALA B 348 -6.12 -7.46 22.68
N ALA B 349 -5.69 -6.76 21.64
CA ALA B 349 -6.43 -5.64 21.07
C ALA B 349 -6.18 -5.40 19.58
N SER B 350 -7.12 -4.73 18.91
CA SER B 350 -7.05 -4.40 17.49
C SER B 350 -7.91 -3.20 17.13
N GLU B 351 -7.29 -2.23 16.48
CA GLU B 351 -8.01 -1.07 15.98
C GLU B 351 -8.49 -1.30 14.56
N THR B 352 -9.72 -0.89 14.28
CA THR B 352 -10.33 -1.04 12.97
C THR B 352 -10.91 0.31 12.52
N TYR B 353 -10.71 0.65 11.25
CA TYR B 353 -11.19 1.91 10.72
C TYR B 353 -11.96 1.63 9.46
N LEU B 354 -12.40 2.68 8.80
CA LEU B 354 -13.28 2.49 7.67
C LEU B 354 -12.46 2.68 6.40
N GLN B 355 -12.79 1.90 5.37
CA GLN B 355 -12.13 1.93 4.06
C GLN B 355 -11.79 3.34 3.56
N ASN B 356 -10.51 3.60 3.28
CA ASN B 356 -10.10 4.88 2.71
C ASN B 356 -8.60 5.11 2.90
N LYS C 1 47.55 -22.74 32.67
CA LYS C 1 46.59 -23.50 33.50
C LYS C 1 47.20 -24.20 34.71
N LYS C 2 46.66 -23.96 35.90
CA LYS C 2 47.37 -24.29 37.13
C LYS C 2 46.79 -25.31 38.11
N SER C 3 45.54 -25.76 37.89
CA SER C 3 45.02 -26.90 38.64
C SER C 3 43.82 -27.52 37.92
N TRP C 4 43.61 -28.82 38.11
CA TRP C 4 42.64 -29.57 37.32
C TRP C 4 41.24 -28.94 37.30
N ASP C 5 40.85 -28.39 38.45
CA ASP C 5 39.51 -27.84 38.61
C ASP C 5 39.48 -26.32 38.39
N GLU C 6 40.52 -25.80 37.75
CA GLU C 6 40.60 -24.36 37.45
C GLU C 6 39.65 -24.00 36.34
N MET C 7 39.08 -22.79 36.40
CA MET C 7 38.04 -22.36 35.46
C MET C 7 38.25 -20.99 34.84
N SER C 8 37.81 -20.85 33.59
CA SER C 8 37.83 -19.60 32.86
C SER C 8 36.81 -18.62 33.43
N CYS C 9 37.03 -17.32 33.22
CA CYS C 9 36.00 -16.37 33.55
C CYS C 9 34.73 -16.84 32.87
N ALA C 10 34.86 -17.30 31.63
CA ALA C 10 33.69 -17.62 30.83
C ALA C 10 32.94 -18.80 31.41
N GLU C 11 33.69 -19.81 31.84
CA GLU C 11 33.08 -21.04 32.30
C GLU C 11 32.44 -20.87 33.66
N LYS C 12 33.07 -20.05 34.50
CA LYS C 12 32.52 -19.76 35.80
C LYS C 12 31.17 -19.07 35.64
N LEU C 13 31.16 -17.97 34.89
CA LEU C 13 29.94 -17.20 34.71
C LEU C 13 28.79 -18.07 34.22
N PHE C 14 29.01 -18.78 33.12
CA PHE C 14 27.97 -19.67 32.62
C PHE C 14 27.52 -20.66 33.69
N LYS C 15 28.49 -21.19 34.42
CA LYS C 15 28.19 -22.10 35.51
C LYS C 15 27.32 -21.44 36.60
N VAL C 16 27.47 -20.13 36.80
CA VAL C 16 26.68 -19.41 37.80
C VAL C 16 25.27 -19.17 37.28
N LEU C 17 25.20 -18.70 36.05
CA LEU C 17 23.94 -18.47 35.39
C LEU C 17 23.04 -19.71 35.38
N SER C 18 23.64 -20.87 35.16
CA SER C 18 22.86 -22.07 34.97
C SER C 18 22.57 -22.82 36.27
N PHE C 19 23.14 -22.36 37.37
CA PHE C 19 22.78 -22.87 38.69
C PHE C 19 21.69 -21.97 39.20
N GLY C 20 21.86 -20.67 38.96
CA GLY C 20 20.86 -19.69 39.30
C GLY C 20 21.49 -18.44 39.88
N LEU C 21 21.52 -17.37 39.08
CA LEU C 21 22.14 -16.12 39.52
C LEU C 21 21.61 -15.65 40.88
N TRP C 22 20.34 -15.98 41.15
CA TRP C 22 19.65 -15.50 42.36
C TRP C 22 19.70 -16.53 43.48
N ASN C 23 20.58 -17.51 43.37
CA ASN C 23 20.64 -18.59 44.36
C ASN C 23 21.15 -18.07 45.69
N PRO C 24 20.50 -18.47 46.80
CA PRO C 24 20.78 -18.09 48.19
C PRO C 24 22.14 -18.53 48.74
N THR C 25 22.63 -19.69 48.28
CA THR C 25 23.94 -20.21 48.69
C THR C 25 25.07 -19.17 48.68
N TYR C 26 25.05 -18.26 47.70
CA TYR C 26 26.17 -17.36 47.44
C TYR C 26 26.58 -16.49 48.60
N SER C 27 27.89 -16.47 48.86
CA SER C 27 28.50 -15.74 49.96
C SER C 27 28.34 -14.23 49.85
N ARG C 28 27.83 -13.75 48.72
CA ARG C 28 27.67 -12.32 48.56
C ARG C 28 29.01 -11.56 48.39
N SER C 29 30.12 -12.18 48.78
CA SER C 29 31.42 -11.73 48.29
C SER C 29 31.53 -12.32 46.88
N GLU C 30 30.84 -13.45 46.69
CA GLU C 30 30.71 -14.07 45.37
C GLU C 30 29.75 -13.27 44.51
N ARG C 31 28.62 -12.87 45.08
CA ARG C 31 27.66 -12.03 44.36
C ARG C 31 28.33 -10.84 43.65
N GLN C 32 29.21 -10.16 44.38
CA GLN C 32 29.95 -9.05 43.83
C GLN C 32 30.73 -9.47 42.58
N SER C 33 31.42 -10.62 42.64
CA SER C 33 32.26 -11.04 41.52
C SER C 33 31.49 -11.56 40.31
N PHE C 34 30.37 -12.25 40.55
CA PHE C 34 29.48 -12.70 39.48
C PHE C 34 28.88 -11.52 38.70
N GLN C 35 28.57 -10.43 39.41
CA GLN C 35 28.10 -9.21 38.74
C GLN C 35 29.19 -8.67 37.82
N GLU C 36 30.43 -8.74 38.29
CA GLU C 36 31.59 -8.28 37.54
C GLU C 36 31.78 -9.15 36.31
N LEU C 37 31.43 -10.43 36.44
CA LEU C 37 31.38 -11.33 35.28
C LEU C 37 30.20 -11.00 34.37
N LEU C 38 29.04 -10.79 35.00
CA LEU C 38 27.80 -10.56 34.28
C LEU C 38 27.89 -9.36 33.36
N THR C 39 28.56 -8.31 33.82
CA THR C 39 28.57 -7.06 33.06
C THR C 39 29.44 -7.13 31.81
N VAL C 40 30.23 -8.19 31.69
CA VAL C 40 31.09 -8.39 30.53
C VAL C 40 30.26 -8.91 29.36
N LEU C 41 29.03 -9.30 29.68
CA LEU C 41 28.08 -9.86 28.73
C LEU C 41 27.42 -8.78 27.84
N GLU C 42 27.46 -8.97 26.53
CA GLU C 42 26.89 -7.98 25.61
C GLU C 42 25.87 -8.57 24.63
N PRO C 43 24.74 -7.88 24.44
CA PRO C 43 23.81 -8.33 23.40
C PRO C 43 24.35 -7.99 22.01
N VAL C 44 24.54 -9.01 21.17
CA VAL C 44 25.15 -8.81 19.85
C VAL C 44 24.22 -9.24 18.72
N TYR C 45 24.48 -8.73 17.52
CA TYR C 45 23.69 -9.10 16.33
C TYR C 45 23.31 -10.59 16.28
N PRO C 46 22.01 -10.88 16.39
CA PRO C 46 21.47 -12.25 16.43
C PRO C 46 21.25 -12.82 15.04
N LEU C 47 21.38 -14.14 14.92
CA LEU C 47 21.14 -14.85 13.67
C LEU C 47 19.65 -15.10 13.50
N PRO C 48 19.24 -15.53 12.29
CA PRO C 48 17.83 -15.43 11.86
C PRO C 48 16.83 -16.29 12.64
N ASN C 49 17.24 -17.45 13.15
CA ASN C 49 16.35 -18.24 13.99
C ASN C 49 16.47 -17.91 15.48
N GLU C 50 17.07 -16.76 15.81
CA GLU C 50 17.41 -16.46 17.20
C GLU C 50 16.58 -15.34 17.85
N LEU C 51 16.05 -15.61 19.04
CA LEU C 51 15.31 -14.61 19.81
C LEU C 51 16.28 -13.55 20.31
N GLY C 52 17.52 -13.98 20.49
CA GLY C 52 18.60 -13.12 20.91
C GLY C 52 19.93 -13.86 20.99
N ARG C 53 21.01 -13.09 21.10
CA ARG C 53 22.32 -13.70 21.22
C ARG C 53 23.24 -12.82 22.01
N VAL C 54 24.04 -13.47 22.83
CA VAL C 54 24.91 -12.78 23.77
C VAL C 54 26.34 -13.28 23.60
N SER C 55 27.30 -12.38 23.73
CA SER C 55 28.70 -12.75 23.71
C SER C 55 29.45 -12.02 24.80
N ALA C 56 30.44 -12.67 25.39
CA ALA C 56 31.26 -12.00 26.38
C ALA C 56 32.71 -12.41 26.21
N ARG C 57 33.59 -11.42 26.08
CA ARG C 57 35.02 -11.68 25.98
C ARG C 57 35.76 -11.17 27.21
N PHE C 58 36.22 -12.09 28.06
CA PHE C 58 36.86 -11.72 29.33
C PHE C 58 38.35 -11.47 29.17
N SER C 59 38.95 -10.95 30.24
CA SER C 59 40.36 -10.56 30.22
C SER C 59 41.29 -11.75 30.36
N ASP C 60 40.79 -12.87 30.88
CA ASP C 60 41.61 -14.07 30.96
C ASP C 60 41.62 -14.83 29.63
N GLY C 61 41.10 -14.20 28.56
CA GLY C 61 41.15 -14.76 27.24
C GLY C 61 40.07 -15.78 26.89
N SER C 62 39.20 -16.09 27.85
CA SER C 62 38.06 -16.95 27.57
C SER C 62 36.93 -16.14 26.98
N SER C 63 36.03 -16.80 26.28
CA SER C 63 34.85 -16.12 25.77
C SER C 63 33.63 -17.00 25.96
N LEU C 64 32.46 -16.39 25.95
CA LEU C 64 31.21 -17.12 26.12
C LEU C 64 30.18 -16.56 25.16
N ARG C 65 29.71 -17.41 24.25
CA ARG C 65 28.62 -17.03 23.34
C ARG C 65 27.41 -17.88 23.64
N ILE C 66 26.26 -17.23 23.80
CA ILE C 66 25.02 -17.94 24.07
C ILE C 66 23.93 -17.55 23.08
N SER C 67 23.02 -18.48 22.82
CA SER C 67 22.08 -18.35 21.74
C SER C 67 20.75 -18.85 22.19
N VAL C 68 19.69 -18.06 21.96
CA VAL C 68 18.35 -18.53 22.30
C VAL C 68 17.47 -18.54 21.06
N THR C 69 17.09 -19.74 20.63
CA THR C 69 16.21 -19.85 19.47
C THR C 69 14.84 -19.34 19.89
N ASN C 70 13.96 -19.16 18.92
CA ASN C 70 12.59 -18.78 19.19
C ASN C 70 11.94 -19.82 20.10
N SER C 71 12.31 -21.08 19.89
CA SER C 71 11.78 -22.18 20.70
C SER C 71 12.24 -22.09 22.16
N GLU C 72 13.16 -21.16 22.44
CA GLU C 72 13.73 -20.98 23.77
C GLU C 72 14.58 -22.18 24.20
N LEU C 73 15.31 -22.72 23.23
CA LEU C 73 16.32 -23.73 23.49
C LEU C 73 17.65 -23.00 23.59
N VAL C 74 18.35 -23.19 24.71
CA VAL C 74 19.56 -22.43 24.95
C VAL C 74 20.86 -23.20 24.71
N GLU C 75 21.59 -22.82 23.67
CA GLU C 75 22.92 -23.36 23.46
C GLU C 75 23.99 -22.39 23.93
N ALA C 76 25.05 -22.92 24.49
CA ALA C 76 26.14 -22.08 24.98
C ALA C 76 27.49 -22.56 24.46
N GLU C 77 28.35 -21.60 24.13
CA GLU C 77 29.69 -21.95 23.72
C GLU C 77 30.73 -21.22 24.55
N ILE C 78 31.66 -21.98 25.11
CA ILE C 78 32.77 -21.45 25.88
C ILE C 78 34.09 -21.77 25.20
N ARG C 79 34.94 -20.77 25.03
CA ARG C 79 36.30 -21.04 24.59
C ARG C 79 37.32 -20.47 25.58
N THR C 80 38.28 -21.30 25.97
CA THR C 80 39.29 -20.87 26.92
C THR C 80 40.49 -20.29 26.20
N ALA C 81 41.44 -19.78 26.98
CA ALA C 81 42.66 -19.23 26.43
C ALA C 81 43.49 -20.32 25.76
N ASN C 82 43.63 -21.44 26.46
CA ASN C 82 44.43 -22.57 25.98
C ASN C 82 43.76 -23.37 24.86
N ASN C 83 42.72 -22.78 24.25
CA ASN C 83 42.06 -23.38 23.10
C ASN C 83 41.31 -24.69 23.41
N GLU C 84 40.25 -24.59 24.19
CA GLU C 84 39.32 -25.68 24.38
C GLU C 84 37.96 -25.15 23.96
N LYS C 85 37.04 -26.01 23.57
CA LYS C 85 35.75 -25.54 23.08
C LYS C 85 34.56 -26.34 23.62
N ILE C 86 34.04 -25.86 24.74
CA ILE C 86 32.89 -26.45 25.43
C ILE C 86 31.56 -26.00 24.80
N THR C 87 30.63 -26.94 24.64
CA THR C 87 29.33 -26.64 24.05
C THR C 87 28.25 -27.22 24.95
N VAL C 88 27.35 -26.38 25.44
CA VAL C 88 26.31 -26.87 26.33
C VAL C 88 24.94 -26.72 25.69
N LEU C 89 24.17 -27.78 25.67
CA LEU C 89 22.76 -27.69 25.35
C LEU C 89 22.10 -27.85 26.71
N LEU C 90 20.96 -27.20 26.90
CA LEU C 90 20.51 -26.91 28.26
C LEU C 90 19.15 -26.19 28.32
N GLU C 91 18.55 -26.21 29.51
CA GLU C 91 17.22 -25.64 29.76
C GLU C 91 17.24 -24.38 30.62
N SER C 92 16.23 -23.53 30.48
CA SER C 92 15.96 -22.51 31.50
C SER C 92 14.69 -22.83 32.28
N ASN C 93 14.87 -23.58 33.37
CA ASN C 93 13.78 -24.00 34.24
C ASN C 93 13.14 -22.88 35.05
N GLU C 94 13.04 -23.13 36.34
CA GLU C 94 12.48 -22.19 37.29
C GLU C 94 13.49 -22.01 38.41
N GLN C 95 14.51 -22.88 38.43
CA GLN C 95 15.68 -22.71 39.30
C GLN C 95 16.79 -22.01 38.51
N ASN C 96 17.40 -22.72 37.56
CA ASN C 96 18.30 -22.07 36.64
C ASN C 96 17.53 -21.07 35.77
N ARG C 97 17.20 -19.92 36.34
CA ARG C 97 16.41 -18.92 35.65
C ARG C 97 17.23 -18.33 34.51
N LEU C 98 17.85 -19.20 33.71
CA LEU C 98 18.87 -18.80 32.76
C LEU C 98 18.37 -17.77 31.73
N LEU C 99 17.17 -17.99 31.20
CA LEU C 99 16.55 -17.04 30.30
C LEU C 99 16.39 -15.64 30.93
N GLN C 100 16.11 -15.61 32.21
CA GLN C 100 15.91 -14.33 32.88
C GLN C 100 17.23 -13.62 33.13
N SER C 101 18.32 -14.40 33.21
CA SER C 101 19.67 -13.88 33.49
C SER C 101 20.48 -13.33 32.28
N LEU C 102 19.84 -13.02 31.15
CA LEU C 102 20.59 -12.49 29.99
C LEU C 102 19.90 -11.33 29.30
N PRO C 103 20.67 -10.53 28.55
CA PRO C 103 20.20 -9.35 27.81
C PRO C 103 19.40 -9.69 26.57
N ILE C 104 18.35 -10.50 26.73
CA ILE C 104 17.47 -10.85 25.63
C ILE C 104 16.04 -10.33 25.86
N ASP C 105 15.35 -9.94 24.79
CA ASP C 105 13.91 -9.61 24.88
C ASP C 105 13.10 -10.90 24.68
N ARG C 106 11.98 -11.04 25.38
CA ARG C 106 11.16 -12.23 25.27
C ARG C 106 9.71 -11.89 25.03
N HIS C 107 8.93 -12.88 24.61
CA HIS C 107 7.50 -12.68 24.42
C HIS C 107 6.79 -13.20 25.63
N MET C 108 6.36 -12.31 26.51
CA MET C 108 5.58 -12.75 27.65
C MET C 108 4.21 -12.07 27.82
N PRO C 109 3.38 -12.62 28.71
CA PRO C 109 2.04 -12.08 28.93
C PRO C 109 2.07 -11.11 30.10
N TYR C 110 3.23 -11.02 30.74
CA TYR C 110 3.47 -10.11 31.84
C TYR C 110 4.90 -9.58 31.78
N ILE C 111 5.05 -8.31 32.14
CA ILE C 111 6.36 -7.68 32.24
C ILE C 111 7.23 -8.39 33.27
N GLN C 112 8.41 -8.84 32.87
CA GLN C 112 9.24 -9.65 33.73
C GLN C 112 9.62 -8.82 34.95
N VAL C 113 9.63 -9.46 36.13
CA VAL C 113 10.05 -8.83 37.38
C VAL C 113 11.31 -9.49 37.98
N HIS C 114 12.36 -8.70 38.21
CA HIS C 114 13.63 -9.21 38.73
C HIS C 114 13.91 -8.76 40.16
N ARG C 115 14.63 -9.58 40.90
CA ARG C 115 15.13 -9.15 42.21
C ARG C 115 16.59 -8.72 42.11
N ALA C 116 17.06 -7.92 43.07
CA ALA C 116 18.44 -7.40 43.04
C ALA C 116 19.39 -8.19 43.95
N LEU C 117 20.68 -7.86 43.89
CA LEU C 117 21.69 -8.64 44.60
C LEU C 117 22.49 -7.78 45.60
N LEU C 122 19.46 2.67 47.17
CA LEU C 122 18.88 3.23 45.94
C LEU C 122 18.52 4.69 46.18
N THR C 123 19.23 5.29 47.12
CA THR C 123 18.94 6.67 47.45
C THR C 123 19.55 7.54 46.36
N ASP C 124 20.87 7.45 46.19
CA ASP C 124 21.60 8.36 45.32
C ASP C 124 21.67 7.94 43.84
N THR C 125 22.45 8.71 43.07
CA THR C 125 22.57 8.51 41.63
C THR C 125 23.74 7.59 41.26
N THR C 126 24.60 7.28 42.22
CA THR C 126 25.65 6.29 42.02
C THR C 126 25.02 4.90 42.12
N SER C 127 24.21 4.72 43.16
CA SER C 127 23.45 3.48 43.35
C SER C 127 22.57 3.21 42.14
N MET C 128 21.92 4.26 41.65
CA MET C 128 20.95 4.14 40.57
C MET C 128 21.59 3.65 39.28
N ARG C 129 22.73 4.22 38.93
CA ARG C 129 23.40 3.92 37.66
C ARG C 129 24.02 2.52 37.63
N ASN C 130 24.30 2.00 38.83
CA ASN C 130 24.81 0.65 38.98
C ASN C 130 23.70 -0.36 38.84
N LEU C 131 22.56 -0.08 39.47
CA LEU C 131 21.42 -0.97 39.38
C LEU C 131 21.13 -1.25 37.92
N LEU C 132 21.14 -0.18 37.13
CA LEU C 132 20.98 -0.28 35.69
C LEU C 132 22.04 -1.16 35.07
N GLY C 133 23.30 -0.94 35.44
CA GLY C 133 24.38 -1.72 34.88
C GLY C 133 24.10 -3.19 35.06
N PHE C 134 23.13 -3.48 35.91
CA PHE C 134 22.75 -4.84 36.25
C PHE C 134 21.49 -5.23 35.49
N THR C 135 20.43 -4.42 35.59
CA THR C 135 19.16 -4.77 34.97
C THR C 135 19.23 -4.90 33.44
N SER C 136 20.24 -4.28 32.84
CA SER C 136 20.40 -4.27 31.40
C SER C 136 21.19 -5.48 30.91
N LYS C 137 21.41 -6.43 31.81
CA LYS C 137 22.02 -7.71 31.47
C LYS C 137 20.99 -8.81 31.81
N LEU C 138 19.81 -8.41 32.25
CA LEU C 138 18.73 -9.35 32.58
C LEU C 138 17.64 -9.29 31.51
N SER C 139 16.66 -10.19 31.58
CA SER C 139 15.66 -10.29 30.51
C SER C 139 14.63 -9.15 30.52
N THR C 140 14.03 -8.89 29.36
CA THR C 140 12.90 -7.97 29.30
C THR C 140 11.69 -8.63 28.62
N THR C 141 10.56 -7.94 28.64
CA THR C 141 9.33 -8.45 28.05
C THR C 141 9.00 -7.53 26.90
N LEU C 142 8.81 -8.07 25.70
CA LEU C 142 8.54 -7.22 24.56
C LEU C 142 7.19 -6.50 24.72
N ILE C 143 7.12 -5.26 24.24
CA ILE C 143 5.91 -4.46 24.27
C ILE C 143 5.51 -4.04 22.86
N PRO C 144 4.27 -4.32 22.48
CA PRO C 144 3.63 -3.79 21.26
C PRO C 144 3.35 -2.30 21.38
N HIS C 145 3.48 -1.56 20.29
CA HIS C 145 3.13 -0.15 20.26
C HIS C 145 1.92 0.03 19.34
N ASN C 146 1.20 1.15 19.48
CA ASN C 146 0.23 1.57 18.45
C ASN C 146 0.68 2.86 17.76
N ALA C 147 -0.18 3.43 16.92
CA ALA C 147 0.21 4.62 16.15
C ALA C 147 0.42 5.85 17.04
N GLN C 148 -0.17 5.79 18.23
CA GLN C 148 -0.05 6.84 19.24
C GLN C 148 1.22 6.74 20.08
N THR C 149 1.75 5.53 20.26
CA THR C 149 2.94 5.31 21.09
C THR C 149 4.21 4.93 20.33
N ASP C 150 4.11 4.82 19.01
CA ASP C 150 5.24 4.42 18.17
C ASP C 150 6.24 5.56 18.08
N PRO C 151 7.46 5.35 18.59
CA PRO C 151 8.42 6.47 18.55
C PRO C 151 8.84 6.91 17.14
N LEU C 152 8.60 6.06 16.13
CA LEU C 152 8.90 6.41 14.75
C LEU C 152 7.66 6.89 13.97
N SER C 153 6.53 6.95 14.65
CA SER C 153 5.34 7.56 14.09
C SER C 153 4.97 8.85 14.81
N GLY C 154 3.88 9.46 14.38
CA GLY C 154 3.51 10.76 14.87
C GLY C 154 4.03 11.82 13.91
N PRO C 155 4.41 12.98 14.46
CA PRO C 155 4.74 14.19 13.70
C PRO C 155 6.23 14.32 13.36
N THR C 156 7.08 14.38 14.38
CA THR C 156 8.52 14.52 14.19
C THR C 156 9.28 13.33 14.77
N PRO C 157 9.43 12.27 13.95
CA PRO C 157 10.24 11.15 14.42
C PRO C 157 11.73 11.50 14.37
N PHE C 158 12.43 11.24 15.47
CA PHE C 158 13.86 11.51 15.58
C PHE C 158 14.19 13.00 15.58
N SER C 159 13.19 13.86 15.72
CA SER C 159 13.46 15.28 15.70
C SER C 159 14.48 15.66 16.77
N SER C 160 14.55 14.84 17.82
CA SER C 160 15.29 15.20 19.02
C SER C 160 16.61 14.46 19.13
N ILE C 161 16.95 13.71 18.10
CA ILE C 161 18.05 12.76 18.20
C ILE C 161 19.37 13.39 18.68
N PHE C 162 19.79 14.48 18.06
CA PHE C 162 21.08 15.08 18.39
C PHE C 162 21.03 15.78 19.74
N MET C 163 19.96 16.53 19.96
CA MET C 163 19.70 17.12 21.27
C MET C 163 19.84 16.08 22.40
N ASP C 164 19.13 14.95 22.27
CA ASP C 164 19.18 13.87 23.25
C ASP C 164 20.58 13.30 23.40
N THR C 165 21.36 13.35 22.31
CA THR C 165 22.69 12.73 22.28
C THR C 165 23.73 13.60 22.98
N CYS C 166 23.77 14.88 22.64
CA CYS C 166 24.69 15.79 23.30
C CYS C 166 24.61 15.65 24.82
N ARG C 167 23.44 15.81 25.40
CA ARG C 167 23.30 15.73 26.86
C ARG C 167 23.35 14.31 27.41
N GLY C 168 23.43 13.32 26.53
CA GLY C 168 23.55 11.94 26.96
C GLY C 168 25.01 11.52 27.08
N LEU C 169 25.82 11.89 26.10
CA LEU C 169 27.25 11.65 26.19
C LEU C 169 27.85 12.43 27.36
N GLY C 170 28.51 11.71 28.25
CA GLY C 170 29.07 12.30 29.44
C GLY C 170 28.48 11.61 30.65
N ASN C 171 27.20 11.31 30.57
CA ASN C 171 26.46 10.79 31.73
C ASN C 171 26.00 9.36 31.56
N ALA C 172 26.24 8.78 30.39
CA ALA C 172 25.77 7.42 30.12
C ALA C 172 26.81 6.36 30.46
N LYS C 173 26.36 5.13 30.59
CA LYS C 173 27.25 3.99 30.53
C LYS C 173 27.31 3.56 29.06
N LEU C 174 28.49 3.63 28.45
CA LEU C 174 28.57 3.26 27.05
C LEU C 174 29.53 2.11 26.77
N SER C 175 29.12 1.23 25.86
CA SER C 175 29.92 0.06 25.51
C SER C 175 29.94 -0.26 24.02
N LEU C 176 31.04 0.07 23.36
CA LEU C 176 31.24 -0.30 21.96
C LEU C 176 32.06 -1.60 21.86
N ASN C 177 31.45 -2.65 21.32
CA ASN C 177 32.12 -3.94 21.22
C ASN C 177 32.80 -4.38 22.50
N GLY C 178 32.10 -4.30 23.63
CA GLY C 178 32.65 -4.75 24.89
C GLY C 178 33.62 -3.76 25.52
N VAL C 179 33.79 -2.60 24.89
CA VAL C 179 34.76 -1.62 25.33
C VAL C 179 34.05 -0.47 26.06
N ASP C 180 34.27 -0.34 27.37
CA ASP C 180 33.61 0.74 28.11
C ASP C 180 34.11 2.11 27.63
N ILE C 181 33.17 3.01 27.39
CA ILE C 181 33.54 4.37 26.99
C ILE C 181 33.22 5.31 28.15
N PRO C 182 34.24 5.63 28.96
CA PRO C 182 34.05 6.46 30.14
C PRO C 182 33.65 7.86 29.74
N ALA C 183 33.22 8.67 30.69
CA ALA C 183 32.65 9.98 30.39
C ALA C 183 33.67 10.91 29.76
N ASN C 184 34.95 10.55 29.86
CA ASN C 184 36.02 11.34 29.26
C ASN C 184 36.14 11.07 27.76
N ALA C 185 36.31 9.80 27.41
CA ALA C 185 36.22 9.34 26.02
C ALA C 185 34.89 9.75 25.43
N GLN C 186 33.86 9.77 26.26
CA GLN C 186 32.51 10.09 25.81
C GLN C 186 32.40 11.51 25.28
N LYS C 187 33.06 12.44 25.96
CA LYS C 187 32.99 13.84 25.54
C LYS C 187 33.91 14.06 24.36
N LEU C 188 34.93 13.21 24.22
CA LEU C 188 35.84 13.27 23.09
C LEU C 188 35.08 12.89 21.82
N LEU C 189 34.04 12.08 22.02
CA LEU C 189 33.19 11.58 20.95
C LEU C 189 32.05 12.54 20.59
N ARG C 190 31.49 13.23 21.58
CA ARG C 190 30.51 14.27 21.29
C ARG C 190 31.13 15.27 20.34
N ASP C 191 32.30 15.79 20.73
CA ASP C 191 33.08 16.69 19.89
C ASP C 191 33.26 16.05 18.52
N ALA C 192 33.85 14.87 18.51
CA ALA C 192 34.23 14.17 17.29
C ALA C 192 33.10 14.10 16.25
N LEU C 193 31.87 14.19 16.73
CA LEU C 193 30.70 14.14 15.86
C LEU C 193 30.33 15.52 15.32
N GLY C 194 30.39 16.52 16.19
CA GLY C 194 30.04 17.87 15.78
C GLY C 194 29.16 18.56 16.80
N LEU C 195 28.62 17.76 17.73
CA LEU C 195 27.66 18.24 18.73
C LEU C 195 28.25 19.21 19.74
N LYS C 196 28.38 20.47 19.35
CA LYS C 196 28.91 21.50 20.24
C LYS C 196 27.84 21.88 21.27
N ASP C 197 26.72 22.40 20.77
CA ASP C 197 25.64 22.85 21.62
C ASP C 197 24.36 22.08 21.29
N THR C 198 23.23 22.49 21.86
CA THR C 198 21.99 21.74 21.70
C THR C 198 21.52 21.64 20.26
N HIS C 199 21.85 22.64 19.44
CA HIS C 199 21.25 22.73 18.12
C HIS C 199 22.19 22.33 16.98
N SER C 200 23.31 21.71 17.33
CA SER C 200 24.27 21.32 16.33
C SER C 200 23.96 19.93 15.79
N SER C 201 23.62 19.85 14.51
CA SER C 201 23.61 18.58 13.82
C SER C 201 25.05 18.30 13.43
N PRO C 202 25.39 17.04 13.22
CA PRO C 202 26.77 16.66 12.93
C PRO C 202 27.29 17.23 11.61
N THR C 203 28.60 17.41 11.53
CA THR C 203 29.26 17.74 10.26
C THR C 203 28.81 16.81 9.16
N ARG C 204 28.78 17.32 7.93
CA ARG C 204 28.45 16.45 6.80
C ARG C 204 29.53 15.39 6.64
N ASN C 205 30.77 15.75 6.94
CA ASN C 205 31.87 14.81 6.84
C ASN C 205 31.70 13.63 7.77
N VAL C 206 30.99 13.86 8.87
CA VAL C 206 30.70 12.78 9.81
C VAL C 206 29.53 11.97 9.28
N ILE C 207 28.49 12.66 8.82
CA ILE C 207 27.31 12.01 8.25
C ILE C 207 27.69 11.16 7.02
N ASP C 208 28.62 11.66 6.22
CA ASP C 208 29.01 10.99 4.98
C ASP C 208 30.11 9.93 5.18
N HIS C 209 31.06 10.18 6.08
CA HIS C 209 32.24 9.33 6.18
C HIS C 209 32.55 8.73 7.56
N GLY C 210 31.78 9.14 8.58
CA GLY C 210 32.01 8.71 9.95
C GLY C 210 32.96 9.61 10.71
N ILE C 211 33.35 9.19 11.91
CA ILE C 211 34.33 9.94 12.69
C ILE C 211 35.67 9.92 11.95
N SER C 212 36.40 11.03 11.98
CA SER C 212 37.73 11.05 11.37
C SER C 212 38.60 10.02 12.10
N ARG C 213 39.61 9.52 11.41
CA ARG C 213 40.40 8.42 11.96
C ARG C 213 41.27 8.86 13.14
N HIS C 214 41.78 10.08 13.09
CA HIS C 214 42.49 10.63 14.23
C HIS C 214 41.59 10.65 15.48
N ASP C 215 40.47 11.37 15.38
CA ASP C 215 39.49 11.46 16.45
C ASP C 215 39.15 10.07 17.00
N ALA C 216 38.86 9.14 16.07
CA ALA C 216 38.51 7.77 16.42
C ALA C 216 39.51 7.11 17.37
N GLU C 217 40.78 7.15 17.02
CA GLU C 217 41.79 6.49 17.82
C GLU C 217 41.94 7.08 19.23
N GLN C 218 41.90 8.40 19.33
CA GLN C 218 42.04 9.03 20.63
C GLN C 218 40.97 8.52 21.56
N ILE C 219 39.75 8.41 21.01
CA ILE C 219 38.59 7.94 21.77
C ILE C 219 38.69 6.46 22.16
N ALA C 220 39.58 5.72 21.51
CA ALA C 220 39.85 4.35 21.90
C ALA C 220 40.89 4.27 23.03
N ARG C 221 42.01 4.95 22.84
CA ARG C 221 43.06 4.95 23.87
C ARG C 221 42.49 5.43 25.18
N GLU C 222 41.64 6.46 25.13
CA GLU C 222 41.02 7.00 26.34
C GLU C 222 39.97 6.08 26.94
N SER C 223 39.94 4.82 26.48
CA SER C 223 38.90 3.87 26.89
C SER C 223 39.41 2.55 27.51
N SER C 224 38.50 1.85 28.18
CA SER C 224 38.78 0.59 28.87
C SER C 224 38.48 -0.62 27.98
N GLY C 225 39.51 -1.42 27.67
CA GLY C 225 39.33 -2.64 26.91
C GLY C 225 40.65 -3.25 26.44
N SER C 226 40.57 -4.27 25.59
CA SER C 226 41.75 -4.97 25.08
C SER C 226 42.27 -4.32 23.79
N ASP C 227 43.52 -4.60 23.42
CA ASP C 227 44.12 -4.03 22.22
C ASP C 227 43.45 -4.48 20.92
N LYS C 228 42.99 -5.73 20.88
CA LYS C 228 42.23 -6.18 19.73
C LYS C 228 40.83 -5.57 19.70
N GLN C 229 40.11 -5.64 20.83
CA GLN C 229 38.81 -4.99 20.97
C GLN C 229 38.85 -3.51 20.60
N LYS C 230 39.83 -2.77 21.13
CA LYS C 230 40.00 -1.35 20.80
C LYS C 230 40.14 -1.16 19.30
N ALA C 231 40.80 -2.11 18.64
CA ALA C 231 40.93 -2.07 17.19
C ALA C 231 39.54 -2.13 16.55
N GLU C 232 38.74 -3.09 16.99
CA GLU C 232 37.38 -3.24 16.47
C GLU C 232 36.58 -1.94 16.56
N VAL C 233 36.76 -1.20 17.65
CA VAL C 233 36.07 0.08 17.81
C VAL C 233 36.53 1.13 16.77
N VAL C 234 37.83 1.31 16.62
CA VAL C 234 38.31 2.32 15.67
C VAL C 234 37.82 2.03 14.26
N GLU C 235 37.71 0.75 13.91
CA GLU C 235 37.18 0.39 12.60
C GLU C 235 35.70 0.75 12.55
N PHE C 236 35.00 0.45 13.64
CA PHE C 236 33.58 0.73 13.74
C PHE C 236 33.23 2.21 13.64
N LEU C 237 34.02 3.05 14.31
CA LEU C 237 33.76 4.48 14.34
C LEU C 237 33.98 5.15 12.99
N CYS C 238 34.77 4.51 12.13
CA CYS C 238 35.14 5.09 10.84
C CYS C 238 34.18 4.68 9.71
N HIS C 239 32.99 4.24 10.10
CA HIS C 239 31.90 4.00 9.16
C HIS C 239 30.80 5.02 9.42
N PRO C 240 30.07 5.39 8.39
CA PRO C 240 28.94 6.31 8.51
C PRO C 240 27.90 5.81 9.52
N GLU C 241 27.61 4.52 9.52
CA GLU C 241 26.58 3.94 10.37
C GLU C 241 26.93 4.02 11.86
N ALA C 242 28.18 4.33 12.16
CA ALA C 242 28.61 4.51 13.53
C ALA C 242 27.85 5.69 14.10
N ALA C 243 27.66 6.71 13.26
CA ALA C 243 26.96 7.93 13.67
C ALA C 243 25.47 7.68 13.82
N THR C 244 24.90 6.93 12.89
CA THR C 244 23.53 6.50 12.97
C THR C 244 23.31 5.76 14.29
N ALA C 245 24.00 4.64 14.44
CA ALA C 245 23.91 3.79 15.61
C ALA C 245 23.89 4.58 16.92
N ILE C 246 24.86 5.47 17.06
CA ILE C 246 25.07 6.16 18.33
C ILE C 246 23.97 7.17 18.66
N CYS C 247 23.82 8.21 17.84
CA CYS C 247 22.80 9.24 18.14
C CYS C 247 21.39 8.64 18.25
N SER C 248 21.04 7.71 17.37
CA SER C 248 19.76 7.03 17.49
C SER C 248 19.61 6.41 18.88
N ALA C 249 20.66 5.76 19.38
CA ALA C 249 20.54 5.03 20.64
C ALA C 249 20.27 5.94 21.84
N PHE C 250 20.41 7.25 21.63
CA PHE C 250 20.14 8.23 22.68
C PHE C 250 18.76 8.82 22.55
N TYR C 251 18.03 8.42 21.51
CA TYR C 251 16.70 8.92 21.28
C TYR C 251 15.89 8.68 22.54
N GLN C 252 15.25 9.72 23.04
CA GLN C 252 14.52 9.59 24.31
C GLN C 252 13.14 8.95 24.16
N SER C 253 12.47 9.22 23.05
CA SER C 253 11.10 8.76 22.87
C SER C 253 10.99 7.24 22.77
N PHE C 254 12.12 6.55 22.61
CA PHE C 254 12.12 5.09 22.66
C PHE C 254 11.46 4.61 23.95
N ASN C 255 11.30 5.52 24.89
CA ASN C 255 10.77 5.19 26.20
C ASN C 255 9.25 5.21 26.25
N VAL C 256 8.63 5.92 25.32
CA VAL C 256 7.20 6.09 25.37
C VAL C 256 6.40 4.81 25.53
N PRO C 257 6.62 3.83 24.65
CA PRO C 257 5.96 2.52 24.74
C PRO C 257 5.85 2.00 26.18
N ALA C 258 6.95 2.05 26.92
CA ALA C 258 6.97 1.56 28.30
C ALA C 258 6.56 2.59 29.35
N LEU C 259 6.75 3.88 29.06
CA LEU C 259 6.25 4.92 29.96
C LEU C 259 4.75 4.86 30.00
N THR C 260 4.13 4.78 28.83
CA THR C 260 2.69 4.71 28.74
C THR C 260 2.06 3.64 29.64
N LEU C 261 2.79 2.54 29.86
CA LEU C 261 2.30 1.44 30.70
C LEU C 261 2.61 1.62 32.18
N THR C 262 3.66 2.37 32.49
CA THR C 262 4.12 2.43 33.85
C THR C 262 4.17 3.85 34.42
N HIS C 263 3.81 4.83 33.59
CA HIS C 263 4.00 6.24 33.94
C HIS C 263 3.29 6.69 35.22
N GLU C 264 2.27 5.96 35.65
CA GLU C 264 1.63 6.33 36.91
C GLU C 264 2.58 6.12 38.08
N ARG C 265 3.12 4.91 38.18
CA ARG C 265 4.03 4.56 39.26
C ARG C 265 5.40 5.22 39.13
N ILE C 266 5.61 5.87 37.99
CA ILE C 266 6.80 6.67 37.78
C ILE C 266 6.56 8.04 38.36
N SER C 267 5.35 8.56 38.17
CA SER C 267 4.93 9.81 38.81
C SER C 267 4.94 9.63 40.33
N LYS C 268 4.15 8.68 40.81
CA LYS C 268 4.19 8.27 42.21
C LYS C 268 5.63 8.15 42.72
N ALA C 269 6.54 7.86 41.80
CA ALA C 269 7.95 7.73 42.17
C ALA C 269 8.57 9.09 42.47
N SER C 270 8.41 10.06 41.57
CA SER C 270 9.01 11.38 41.76
C SER C 270 8.11 12.37 42.52
N GLU C 271 7.17 11.81 43.28
CA GLU C 271 6.40 12.57 44.26
C GLU C 271 6.93 12.19 45.62
N TYR C 272 7.01 10.87 45.83
CA TYR C 272 7.59 10.28 47.01
C TYR C 272 8.96 10.89 47.28
N ASN C 273 9.66 11.25 46.20
CA ASN C 273 11.04 11.75 46.28
C ASN C 273 11.17 13.22 46.64
N ALA C 274 10.17 14.00 46.24
CA ALA C 274 10.10 15.39 46.63
C ALA C 274 10.27 15.47 48.15
N GLU C 275 9.24 15.01 48.85
CA GLU C 275 9.34 14.83 50.30
C GLU C 275 10.61 14.05 50.59
N PRO C 281 17.35 13.32 40.00
CA PRO C 281 17.67 12.58 38.78
C PRO C 281 16.88 11.28 38.69
N ASN C 282 15.93 11.20 37.75
CA ASN C 282 15.03 10.04 37.65
C ASN C 282 15.62 8.91 36.80
N ALA C 283 16.17 9.27 35.64
CA ALA C 283 16.56 8.30 34.66
C ALA C 283 18.02 8.41 34.29
N CYS C 284 18.67 7.27 34.06
CA CYS C 284 20.02 7.25 33.51
C CYS C 284 20.10 6.29 32.33
N ILE C 285 21.22 6.33 31.60
CA ILE C 285 21.28 5.60 30.36
C ILE C 285 22.39 4.56 30.32
N ASN C 286 22.14 3.50 29.58
CA ASN C 286 23.10 2.44 29.44
C ASN C 286 22.97 1.87 28.05
N ILE C 287 23.93 2.21 27.19
CA ILE C 287 23.88 1.77 25.81
C ILE C 287 24.94 0.72 25.50
N SER C 288 24.54 -0.31 24.75
CA SER C 288 25.50 -1.31 24.27
C SER C 288 25.35 -1.52 22.78
N ILE C 289 26.30 -1.01 22.02
CA ILE C 289 26.38 -1.27 20.57
C ILE C 289 27.51 -2.24 20.27
N SER C 290 27.26 -3.11 19.28
CA SER C 290 28.28 -4.04 18.79
C SER C 290 28.19 -4.17 17.27
N GLN C 291 29.34 -4.14 16.61
CA GLN C 291 29.43 -4.54 15.20
C GLN C 291 30.09 -5.90 15.09
N SER C 292 29.29 -6.95 14.87
CA SER C 292 29.80 -8.31 14.67
C SER C 292 30.86 -8.36 13.57
N SER C 293 31.46 -9.53 13.35
CA SER C 293 32.61 -9.59 12.44
C SER C 293 32.22 -9.65 10.97
N ASP C 294 30.94 -9.83 10.69
CA ASP C 294 30.42 -9.81 9.32
C ASP C 294 29.90 -8.43 8.93
N GLY C 295 30.24 -7.42 9.74
CA GLY C 295 29.88 -6.04 9.46
C GLY C 295 28.56 -5.60 10.07
N ASN C 296 27.88 -6.52 10.75
CA ASN C 296 26.52 -6.28 11.25
C ASN C 296 26.46 -5.45 12.53
N ILE C 297 25.69 -4.37 12.46
CA ILE C 297 25.60 -3.43 13.56
C ILE C 297 24.29 -3.60 14.35
N TYR C 298 24.42 -3.96 15.62
CA TYR C 298 23.29 -4.09 16.49
C TYR C 298 23.34 -3.10 17.66
N VAL C 299 22.21 -2.47 17.94
CA VAL C 299 22.12 -1.51 19.01
C VAL C 299 21.15 -2.00 20.06
N THR C 300 21.63 -2.12 21.29
CA THR C 300 20.76 -2.33 22.44
C THR C 300 20.86 -1.06 23.31
N SER C 301 19.77 -0.30 23.41
CA SER C 301 19.77 0.86 24.29
C SER C 301 18.97 0.64 25.59
N HIS C 302 19.57 0.93 26.74
CA HIS C 302 18.81 0.91 28.01
C HIS C 302 18.60 2.28 28.71
N THR C 303 17.41 2.48 29.24
CA THR C 303 17.12 3.61 30.10
C THR C 303 16.59 3.10 31.44
N GLY C 304 17.26 3.47 32.52
CA GLY C 304 16.79 3.11 33.85
C GLY C 304 15.91 4.23 34.39
N VAL C 305 14.84 3.89 35.08
CA VAL C 305 13.88 4.87 35.58
C VAL C 305 13.31 4.41 36.90
N LEU C 306 13.27 5.29 37.90
CA LEU C 306 12.73 4.87 39.20
C LEU C 306 11.21 4.71 39.19
N ILE C 307 10.74 3.62 39.78
CA ILE C 307 9.32 3.35 39.80
C ILE C 307 8.83 2.97 41.20
N MET C 308 7.56 3.20 41.47
CA MET C 308 7.00 2.73 42.73
C MET C 308 6.41 1.34 42.58
N ALA C 309 6.72 0.47 43.54
CA ALA C 309 6.17 -0.87 43.58
C ALA C 309 4.64 -0.83 43.60
N PRO C 310 4.01 -1.95 43.21
CA PRO C 310 2.55 -2.07 43.09
C PRO C 310 1.79 -1.73 44.37
N GLU C 311 0.46 -1.62 44.27
CA GLU C 311 -0.40 -1.25 45.40
C GLU C 311 -0.18 -2.12 46.64
N ASP C 312 -0.10 -3.43 46.42
CA ASP C 312 0.04 -4.38 47.53
C ASP C 312 1.36 -4.27 48.28
N ARG C 313 2.28 -3.45 47.80
CA ARG C 313 3.59 -3.29 48.45
C ARG C 313 3.97 -1.82 48.65
N PRO C 314 3.29 -1.12 49.56
CA PRO C 314 3.56 0.31 49.77
C PRO C 314 4.98 0.59 50.28
N ASN C 315 5.46 1.81 50.06
CA ASN C 315 6.76 2.28 50.55
C ASN C 315 7.99 1.83 49.76
N GLU C 316 7.81 0.89 48.83
CA GLU C 316 8.92 0.30 48.09
C GLU C 316 9.17 1.00 46.75
N MET C 317 10.44 1.26 46.45
CA MET C 317 10.82 1.90 45.21
C MET C 317 11.74 0.98 44.40
N GLY C 318 11.79 1.16 43.08
CA GLY C 318 12.56 0.27 42.24
C GLY C 318 12.80 0.82 40.85
N MET C 319 13.42 0.04 39.99
CA MET C 319 13.81 0.54 38.66
C MET C 319 13.15 -0.19 37.49
N LEU C 320 12.38 0.55 36.70
CA LEU C 320 11.93 0.08 35.39
C LEU C 320 13.11 0.10 34.43
N THR C 321 13.34 -0.98 33.71
CA THR C 321 14.38 -0.96 32.68
C THR C 321 13.76 -1.05 31.29
N ASN C 322 14.08 -0.08 30.44
CA ASN C 322 13.64 -0.17 29.06
C ASN C 322 14.76 -0.62 28.13
N ARG C 323 14.51 -1.68 27.37
CA ARG C 323 15.45 -2.09 26.32
C ARG C 323 14.87 -1.79 24.95
N THR C 324 15.65 -1.06 24.15
CA THR C 324 15.32 -0.85 22.74
C THR C 324 16.38 -1.56 21.85
N SER C 325 15.96 -2.61 21.14
CA SER C 325 16.87 -3.42 20.32
C SER C 325 16.53 -3.33 18.82
N TYR C 326 17.54 -3.03 18.01
CA TYR C 326 17.35 -2.97 16.54
C TYR C 326 18.67 -3.02 15.75
N GLU C 327 18.63 -3.59 14.56
CA GLU C 327 19.81 -3.58 13.71
C GLU C 327 19.92 -2.20 13.03
N VAL C 328 21.14 -1.78 12.71
CA VAL C 328 21.39 -0.64 11.83
C VAL C 328 21.96 -1.17 10.52
N PRO C 329 21.13 -1.23 9.48
CA PRO C 329 21.58 -1.85 8.23
C PRO C 329 22.69 -1.03 7.57
N GLN C 330 23.48 -1.66 6.71
CA GLN C 330 24.49 -0.95 5.93
C GLN C 330 23.83 0.07 5.02
N GLY C 331 24.34 1.29 5.01
CA GLY C 331 23.87 2.28 4.07
C GLY C 331 23.11 3.40 4.76
N VAL C 332 22.49 3.09 5.88
CA VAL C 332 21.72 4.11 6.59
C VAL C 332 22.64 5.14 7.25
N LYS C 333 22.66 6.35 6.69
CA LYS C 333 23.46 7.45 7.24
C LYS C 333 22.66 8.18 8.32
N CYS C 334 23.34 8.92 9.18
CA CYS C 334 22.64 9.63 10.23
C CYS C 334 21.82 10.80 9.66
N ILE C 335 20.76 10.47 8.91
CA ILE C 335 19.86 11.46 8.34
C ILE C 335 18.40 11.08 8.61
N ILE C 336 17.72 11.93 9.36
CA ILE C 336 16.42 11.60 9.93
C ILE C 336 15.43 10.82 9.07
N ASP C 337 14.93 11.39 7.97
CA ASP C 337 13.86 10.71 7.24
C ASP C 337 14.33 9.36 6.75
N GLU C 338 15.62 9.31 6.44
CA GLU C 338 16.25 8.09 5.98
C GLU C 338 16.32 7.07 7.11
N MET C 339 16.43 7.58 8.34
CA MET C 339 16.48 6.73 9.54
C MET C 339 15.08 6.30 9.98
N VAL C 340 14.08 7.15 9.76
CA VAL C 340 12.70 6.81 10.06
C VAL C 340 12.24 5.56 9.28
N SER C 341 12.65 5.45 8.02
CA SER C 341 12.17 4.36 7.18
C SER C 341 13.06 3.11 7.28
N ALA C 342 14.30 3.29 7.71
CA ALA C 342 15.27 2.21 7.70
C ALA C 342 15.37 1.39 9.01
N LEU C 343 15.12 2.04 10.14
CA LEU C 343 15.31 1.39 11.42
C LEU C 343 14.02 0.78 11.92
N GLN C 344 14.11 -0.46 12.40
CA GLN C 344 12.95 -1.17 12.92
C GLN C 344 13.23 -1.70 14.32
N PRO C 345 13.15 -0.81 15.32
CA PRO C 345 13.34 -1.10 16.73
C PRO C 345 12.23 -1.97 17.32
N ARG C 346 12.55 -2.63 18.44
CA ARG C 346 11.56 -3.33 19.22
C ARG C 346 11.72 -2.87 20.66
N TYR C 347 10.62 -2.78 21.39
CA TYR C 347 10.68 -2.20 22.73
C TYR C 347 10.35 -3.25 23.79
N ALA C 348 10.98 -3.14 24.94
CA ALA C 348 10.80 -4.15 25.97
C ALA C 348 11.05 -3.54 27.33
N ALA C 349 10.68 -4.24 28.38
CA ALA C 349 10.83 -3.68 29.73
C ALA C 349 10.97 -4.69 30.86
N SER C 350 11.69 -4.32 31.91
CA SER C 350 11.65 -5.06 33.17
C SER C 350 11.73 -4.16 34.42
N GLU C 351 10.76 -4.31 35.32
CA GLU C 351 10.85 -3.81 36.70
C GLU C 351 11.75 -4.67 37.60
N THR C 352 12.57 -4.02 38.40
CA THR C 352 13.46 -4.70 39.34
C THR C 352 13.32 -4.08 40.73
N TYR C 353 13.29 -4.93 41.75
CA TYR C 353 13.19 -4.48 43.13
C TYR C 353 14.36 -5.05 43.98
N LEU C 354 14.39 -4.82 45.29
CA LEU C 354 15.64 -5.09 46.02
C LEU C 354 15.75 -6.39 46.83
N LYS D 1 -0.20 33.25 -12.98
CA LYS D 1 1.15 33.82 -12.94
C LYS D 1 1.39 34.81 -11.78
N LYS D 2 2.43 34.60 -10.99
CA LYS D 2 2.58 35.26 -9.68
C LYS D 2 3.46 36.52 -9.57
N SER D 3 4.38 36.72 -10.52
CA SER D 3 5.09 37.99 -10.65
C SER D 3 5.45 38.28 -12.12
N TRP D 4 5.64 39.56 -12.46
CA TRP D 4 5.95 39.96 -13.83
C TRP D 4 7.15 39.22 -14.42
N ASP D 5 8.02 38.73 -13.54
CA ASP D 5 9.27 38.11 -13.94
C ASP D 5 9.31 36.60 -13.67
N GLU D 6 8.15 36.00 -13.39
CA GLU D 6 8.07 34.56 -13.21
C GLU D 6 8.24 33.86 -14.54
N MET D 7 9.13 32.86 -14.59
CA MET D 7 9.43 32.15 -15.83
C MET D 7 9.01 30.69 -15.80
N SER D 8 8.54 30.18 -16.93
CA SER D 8 8.18 28.75 -17.07
C SER D 8 9.43 27.86 -17.13
N CYS D 9 9.29 26.61 -16.69
CA CYS D 9 10.42 25.68 -16.78
C CYS D 9 11.04 25.70 -18.19
N ALA D 10 10.20 25.67 -19.24
CA ALA D 10 10.71 25.80 -20.61
C ALA D 10 11.57 27.04 -20.75
N GLU D 11 10.97 28.23 -20.60
CA GLU D 11 11.70 29.49 -20.73
C GLU D 11 12.99 29.56 -19.92
N LYS D 12 13.00 28.96 -18.74
CA LYS D 12 14.21 28.94 -17.90
C LYS D 12 15.31 28.13 -18.59
N LEU D 13 15.00 26.90 -18.97
CA LEU D 13 15.97 26.06 -19.67
C LEU D 13 16.50 26.69 -20.93
N PHE D 14 15.63 27.29 -21.73
CA PHE D 14 16.08 27.91 -22.96
C PHE D 14 16.94 29.14 -22.69
N LYS D 15 16.75 29.80 -21.55
CA LYS D 15 17.58 30.95 -21.21
C LYS D 15 18.97 30.52 -20.75
N VAL D 16 19.02 29.42 -20.00
CA VAL D 16 20.26 28.84 -19.55
C VAL D 16 21.08 28.26 -20.71
N LEU D 17 20.39 27.66 -21.68
CA LEU D 17 21.02 27.05 -22.83
C LEU D 17 21.64 28.06 -23.82
N SER D 18 20.96 29.16 -24.04
CA SER D 18 21.43 30.16 -25.01
C SER D 18 22.33 31.20 -24.35
N PHE D 19 22.49 31.09 -23.05
CA PHE D 19 23.43 31.95 -22.33
C PHE D 19 24.76 31.21 -22.29
N GLY D 20 24.66 29.89 -22.19
CA GLY D 20 25.82 29.04 -22.12
C GLY D 20 25.67 28.08 -20.97
N LEU D 21 25.56 26.80 -21.27
CA LEU D 21 25.39 25.77 -20.25
C LEU D 21 26.64 25.60 -19.40
N TRP D 22 27.78 25.96 -19.97
CA TRP D 22 29.03 25.73 -19.28
C TRP D 22 29.53 26.98 -18.61
N ASN D 23 28.65 27.97 -18.48
CA ASN D 23 29.03 29.20 -17.84
C ASN D 23 29.58 28.96 -16.44
N PRO D 24 30.66 29.66 -16.09
CA PRO D 24 31.35 29.49 -14.81
C PRO D 24 30.57 30.14 -13.65
N THR D 25 29.85 31.22 -13.98
CA THR D 25 29.10 31.99 -13.01
C THR D 25 28.19 31.13 -12.16
N TYR D 26 27.35 30.33 -12.81
CA TYR D 26 26.31 29.53 -12.16
C TYR D 26 26.81 28.98 -10.82
N SER D 27 25.90 28.96 -9.84
CA SER D 27 26.28 28.71 -8.45
C SER D 27 26.42 27.24 -8.09
N ARG D 28 26.30 26.37 -9.07
CA ARG D 28 26.41 24.93 -8.82
C ARG D 28 25.24 24.45 -7.97
N SER D 29 24.51 25.39 -7.39
CA SER D 29 23.17 25.14 -6.87
C SER D 29 22.18 25.37 -8.01
N GLU D 30 22.46 26.40 -8.80
CA GLU D 30 21.75 26.64 -10.04
C GLU D 30 22.02 25.45 -10.96
N ARG D 31 23.28 25.05 -11.04
CA ARG D 31 23.65 23.96 -11.93
C ARG D 31 22.83 22.69 -11.67
N GLN D 32 22.57 22.37 -10.41
CA GLN D 32 21.85 21.14 -10.09
C GLN D 32 20.44 21.13 -10.64
N SER D 33 19.85 22.30 -10.82
CA SER D 33 18.48 22.39 -11.29
C SER D 33 18.43 22.55 -12.80
N PHE D 34 19.49 23.14 -13.35
CA PHE D 34 19.65 23.24 -14.81
C PHE D 34 19.77 21.84 -15.40
N GLN D 35 20.44 20.94 -14.68
CA GLN D 35 20.59 19.54 -15.08
C GLN D 35 19.24 18.82 -15.05
N GLU D 36 18.54 18.96 -13.94
CA GLU D 36 17.23 18.33 -13.79
C GLU D 36 16.29 18.83 -14.87
N LEU D 37 16.49 20.07 -15.30
CA LEU D 37 15.68 20.65 -16.37
C LEU D 37 16.06 20.05 -17.71
N LEU D 38 17.38 19.94 -17.92
CA LEU D 38 17.95 19.46 -19.17
C LEU D 38 17.50 18.04 -19.54
N THR D 39 17.33 17.18 -18.54
CA THR D 39 17.03 15.78 -18.80
C THR D 39 15.60 15.53 -19.30
N VAL D 40 14.85 16.59 -19.52
CA VAL D 40 13.46 16.49 -19.96
C VAL D 40 13.50 16.67 -21.46
N LEU D 41 14.63 17.21 -21.92
CA LEU D 41 14.87 17.45 -23.33
C LEU D 41 15.07 16.12 -24.02
N GLU D 42 14.25 15.87 -25.03
CA GLU D 42 14.33 14.61 -25.77
C GLU D 42 14.42 14.85 -27.26
N PRO D 43 15.38 14.18 -27.92
CA PRO D 43 15.42 14.22 -29.38
C PRO D 43 14.15 13.59 -29.94
N VAL D 44 13.67 14.07 -31.08
CA VAL D 44 12.45 13.53 -31.70
C VAL D 44 12.51 13.64 -33.21
N TYR D 45 11.55 13.00 -33.88
CA TYR D 45 11.50 13.01 -35.34
C TYR D 45 11.66 14.43 -35.88
N PRO D 46 12.67 14.64 -36.74
CA PRO D 46 12.97 15.96 -37.34
C PRO D 46 12.25 16.13 -38.67
N LEU D 47 12.11 17.37 -39.13
CA LEU D 47 11.52 17.65 -40.44
C LEU D 47 12.56 17.50 -41.54
N PRO D 48 12.14 17.65 -42.81
CA PRO D 48 13.08 17.32 -43.89
C PRO D 48 14.26 18.28 -43.87
N ASN D 49 14.02 19.57 -43.60
CA ASN D 49 15.09 20.55 -43.66
C ASN D 49 15.83 20.74 -42.33
N GLU D 50 15.52 19.93 -41.32
CA GLU D 50 16.15 20.08 -40.02
C GLU D 50 17.23 19.05 -39.77
N LEU D 51 18.31 19.49 -39.13
CA LEU D 51 19.45 18.64 -38.77
C LEU D 51 19.14 17.74 -37.58
N GLY D 52 18.16 18.19 -36.79
CA GLY D 52 17.80 17.56 -35.53
C GLY D 52 16.74 18.44 -34.92
N ARG D 53 15.93 17.88 -34.02
CA ARG D 53 14.83 18.63 -33.41
C ARG D 53 14.59 18.13 -32.01
N VAL D 54 14.54 19.04 -31.05
CA VAL D 54 14.45 18.66 -29.65
C VAL D 54 13.16 19.15 -29.04
N SER D 55 12.61 18.40 -28.09
CA SER D 55 11.40 18.80 -27.38
C SER D 55 11.33 18.41 -25.90
N ALA D 56 10.93 19.34 -25.05
CA ALA D 56 10.71 19.05 -23.63
C ALA D 56 9.28 19.36 -23.19
N ARG D 57 8.72 18.53 -22.33
CA ARG D 57 7.44 18.83 -21.67
C ARG D 57 7.61 18.80 -20.13
N PHE D 58 7.55 19.97 -19.52
CA PHE D 58 7.83 20.09 -18.09
C PHE D 58 6.61 19.93 -17.19
N SER D 59 6.87 19.65 -15.91
CA SER D 59 5.81 19.39 -14.94
C SER D 59 4.90 20.60 -14.71
N ASP D 60 5.41 21.80 -14.97
CA ASP D 60 4.62 23.01 -14.86
C ASP D 60 3.74 23.27 -16.10
N GLY D 61 3.77 22.36 -17.06
CA GLY D 61 2.87 22.46 -18.20
C GLY D 61 3.37 23.27 -19.38
N SER D 62 4.55 23.86 -19.25
CA SER D 62 5.19 24.49 -20.39
C SER D 62 5.91 23.46 -21.27
N SER D 63 6.14 23.82 -22.52
CA SER D 63 6.88 22.95 -23.42
C SER D 63 7.97 23.76 -24.11
N LEU D 64 8.95 23.06 -24.64
CA LEU D 64 10.00 23.74 -25.35
C LEU D 64 10.48 22.90 -26.53
N ARG D 65 10.32 23.42 -27.74
CA ARG D 65 10.85 22.78 -28.95
C ARG D 65 11.94 23.64 -29.54
N ILE D 66 13.10 23.05 -29.80
CA ILE D 66 14.16 23.69 -30.56
C ILE D 66 14.40 22.98 -31.89
N SER D 67 14.83 23.75 -32.88
CA SER D 67 15.11 23.24 -34.21
C SER D 67 16.47 23.72 -34.70
N VAL D 68 17.38 22.79 -34.95
CA VAL D 68 18.59 23.15 -35.65
C VAL D 68 18.46 22.77 -37.13
N THR D 69 18.22 23.77 -37.98
CA THR D 69 18.01 23.53 -39.40
C THR D 69 19.32 23.37 -40.13
N ASN D 70 19.24 22.92 -41.39
CA ASN D 70 20.38 22.76 -42.27
C ASN D 70 21.46 23.81 -42.04
N SER D 71 21.03 25.07 -42.02
CA SER D 71 21.94 26.21 -41.88
C SER D 71 22.23 26.57 -40.43
N GLU D 72 22.29 25.56 -39.56
CA GLU D 72 22.54 25.76 -38.13
C GLU D 72 21.94 27.05 -37.58
N LEU D 73 20.80 27.45 -38.15
CA LEU D 73 20.04 28.59 -37.64
C LEU D 73 19.04 28.05 -36.63
N VAL D 74 19.30 28.33 -35.35
CA VAL D 74 18.48 27.80 -34.27
C VAL D 74 17.19 28.58 -34.06
N GLU D 75 16.06 27.94 -34.28
CA GLU D 75 14.78 28.50 -33.88
C GLU D 75 14.27 27.71 -32.69
N ALA D 76 13.69 28.38 -31.70
CA ALA D 76 13.06 27.69 -30.56
C ALA D 76 11.64 28.20 -30.27
N GLU D 77 10.75 27.31 -29.78
CA GLU D 77 9.36 27.68 -29.53
C GLU D 77 8.90 27.23 -28.16
N ILE D 78 8.59 28.20 -27.31
CA ILE D 78 8.17 27.95 -25.95
C ILE D 78 6.67 28.13 -25.83
N ARG D 79 5.99 27.14 -25.27
CA ARG D 79 4.58 27.30 -24.91
C ARG D 79 4.40 27.21 -23.40
N THR D 80 3.67 28.16 -22.82
CA THR D 80 3.56 28.25 -21.37
C THR D 80 2.21 27.77 -20.85
N ALA D 81 2.22 27.30 -19.60
CA ALA D 81 1.02 26.80 -18.95
C ALA D 81 -0.22 27.66 -19.18
N ASN D 82 -0.10 28.95 -18.87
CA ASN D 82 -1.21 29.88 -19.05
C ASN D 82 -1.33 30.37 -20.50
N ASN D 83 -0.88 29.54 -21.43
CA ASN D 83 -1.07 29.79 -22.86
C ASN D 83 -0.45 31.08 -23.39
N GLU D 84 0.84 31.01 -23.73
CA GLU D 84 1.56 32.06 -24.45
C GLU D 84 2.52 31.35 -25.39
N LYS D 85 2.56 31.80 -26.63
CA LYS D 85 3.43 31.15 -27.60
C LYS D 85 4.63 32.05 -27.92
N ILE D 86 5.81 31.67 -27.45
CA ILE D 86 7.03 32.46 -27.65
C ILE D 86 8.01 31.81 -28.62
N THR D 87 8.38 32.54 -29.66
CA THR D 87 9.24 32.00 -30.68
C THR D 87 10.55 32.77 -30.69
N VAL D 88 11.66 32.05 -30.66
CA VAL D 88 12.98 32.69 -30.68
C VAL D 88 13.89 32.28 -31.86
N LEU D 89 14.40 33.26 -32.61
CA LEU D 89 15.47 32.95 -33.55
C LEU D 89 16.81 33.42 -32.98
N LEU D 90 17.87 32.66 -33.23
CA LEU D 90 19.10 32.79 -32.45
C LEU D 90 20.32 32.09 -33.08
N GLU D 91 21.51 32.36 -32.54
CA GLU D 91 22.74 31.74 -33.05
C GLU D 91 23.54 31.05 -31.95
N SER D 92 24.11 29.90 -32.27
CA SER D 92 25.14 29.33 -31.42
C SER D 92 26.43 30.06 -31.71
N ASN D 93 27.20 30.32 -30.66
CA ASN D 93 28.47 31.02 -30.79
C ASN D 93 29.55 30.25 -30.06
N GLU D 94 30.63 30.94 -29.73
CA GLU D 94 31.75 30.31 -29.03
C GLU D 94 31.57 30.38 -27.53
N GLN D 95 30.65 31.23 -27.07
CA GLN D 95 30.34 31.38 -25.65
C GLN D 95 29.05 30.64 -25.30
N ASN D 96 27.92 31.14 -25.79
CA ASN D 96 26.66 30.43 -25.65
C ASN D 96 26.65 29.24 -26.61
N ARG D 97 27.16 28.10 -26.15
CA ARG D 97 27.38 26.97 -27.05
C ARG D 97 26.10 26.19 -27.35
N LEU D 98 25.05 26.93 -27.65
CA LEU D 98 23.72 26.38 -27.87
C LEU D 98 23.70 25.07 -28.65
N LEU D 99 24.52 24.96 -29.69
CA LEU D 99 24.54 23.76 -30.53
C LEU D 99 25.14 22.57 -29.80
N GLN D 100 26.22 22.83 -29.08
CA GLN D 100 26.87 21.79 -28.31
C GLN D 100 25.97 21.27 -27.18
N SER D 101 24.97 22.08 -26.82
CA SER D 101 24.06 21.75 -25.70
C SER D 101 22.81 20.94 -26.08
N LEU D 102 22.77 20.42 -27.29
CA LEU D 102 21.55 19.78 -27.77
C LEU D 102 21.79 18.39 -28.33
N PRO D 103 20.79 17.50 -28.16
CA PRO D 103 20.82 16.14 -28.71
C PRO D 103 20.77 16.18 -30.23
N ILE D 104 21.84 16.67 -30.87
CA ILE D 104 21.89 16.76 -32.32
C ILE D 104 23.24 16.31 -32.90
N ASP D 105 23.19 15.57 -34.00
CA ASP D 105 24.40 15.17 -34.69
C ASP D 105 24.86 16.35 -35.53
N ARG D 106 26.18 16.57 -35.62
CA ARG D 106 26.70 17.69 -36.40
C ARG D 106 27.83 17.30 -37.35
N HIS D 107 27.86 17.94 -38.51
CA HIS D 107 28.94 17.74 -39.50
C HIS D 107 30.22 18.43 -39.06
N MET D 108 31.10 17.68 -38.41
CA MET D 108 32.36 18.23 -37.93
C MET D 108 33.56 17.41 -38.39
N PRO D 109 34.76 17.99 -38.28
CA PRO D 109 36.03 17.39 -38.70
C PRO D 109 36.70 16.64 -37.56
N TYR D 110 36.18 16.83 -36.36
CA TYR D 110 36.72 16.19 -35.16
C TYR D 110 35.60 15.80 -34.22
N ILE D 111 35.80 14.71 -33.48
CA ILE D 111 34.84 14.26 -32.48
C ILE D 111 34.57 15.36 -31.44
N GLN D 112 33.33 15.85 -31.38
CA GLN D 112 32.96 16.87 -30.42
C GLN D 112 33.51 16.51 -29.05
N VAL D 113 33.99 17.52 -28.33
CA VAL D 113 34.49 17.32 -26.96
C VAL D 113 33.67 18.12 -25.95
N HIS D 114 33.52 17.57 -24.76
CA HIS D 114 32.62 18.18 -23.79
C HIS D 114 33.20 18.17 -22.39
N ARG D 115 32.54 18.91 -21.50
CA ARG D 115 32.95 19.01 -20.10
C ARG D 115 31.75 18.71 -19.20
N ALA D 116 32.01 18.37 -17.95
CA ALA D 116 30.92 18.10 -17.02
C ALA D 116 30.80 19.19 -15.96
N LEU D 117 29.85 18.99 -15.05
CA LEU D 117 29.47 20.00 -14.07
C LEU D 117 29.55 19.48 -12.63
N LEU D 122 33.39 9.68 -10.73
CA LEU D 122 33.34 8.68 -11.80
C LEU D 122 33.89 7.32 -11.35
N THR D 123 33.94 7.09 -10.05
CA THR D 123 34.47 5.83 -9.57
C THR D 123 33.47 4.70 -9.77
N ASP D 124 32.24 4.92 -9.31
CA ASP D 124 31.22 3.88 -9.31
C ASP D 124 30.23 4.01 -10.47
N THR D 125 29.41 2.97 -10.66
CA THR D 125 28.56 2.90 -11.84
C THR D 125 27.39 3.84 -11.75
N THR D 126 26.84 3.98 -10.55
CA THR D 126 25.75 4.93 -10.37
C THR D 126 26.16 6.28 -10.92
N SER D 127 27.46 6.56 -10.89
CA SER D 127 28.03 7.81 -11.39
C SER D 127 28.21 7.79 -12.90
N MET D 128 28.83 6.73 -13.43
CA MET D 128 28.93 6.54 -14.87
C MET D 128 27.57 6.79 -15.55
N ARG D 129 26.55 6.13 -15.05
CA ARG D 129 25.21 6.19 -15.63
C ARG D 129 24.58 7.58 -15.63
N ASN D 130 24.88 8.37 -14.61
CA ASN D 130 24.38 9.74 -14.55
C ASN D 130 25.08 10.64 -15.53
N LEU D 131 26.34 10.33 -15.79
CA LEU D 131 27.14 11.06 -16.75
C LEU D 131 26.54 10.85 -18.12
N LEU D 132 26.35 9.60 -18.51
CA LEU D 132 25.65 9.32 -19.76
C LEU D 132 24.25 9.95 -19.74
N GLY D 133 23.68 10.14 -18.56
CA GLY D 133 22.41 10.84 -18.44
C GLY D 133 22.55 12.30 -18.87
N PHE D 134 23.77 12.81 -18.82
CA PHE D 134 24.05 14.22 -19.17
C PHE D 134 24.57 14.36 -20.62
N THR D 135 25.51 13.51 -21.00
CA THR D 135 26.15 13.64 -22.30
C THR D 135 25.20 13.26 -23.42
N SER D 136 24.22 12.42 -23.08
CA SER D 136 23.26 11.94 -24.08
C SER D 136 22.19 12.99 -24.34
N LYS D 137 22.47 14.22 -23.95
CA LYS D 137 21.65 15.36 -24.32
C LYS D 137 22.52 16.40 -25.04
N LEU D 138 23.84 16.22 -24.95
CA LEU D 138 24.80 17.09 -25.63
C LEU D 138 25.01 16.62 -27.05
N SER D 139 25.61 17.48 -27.87
CA SER D 139 25.79 17.23 -29.29
C SER D 139 26.75 16.08 -29.56
N THR D 140 26.77 15.62 -30.81
CA THR D 140 27.73 14.61 -31.22
C THR D 140 28.22 14.87 -32.64
N THR D 141 29.36 14.25 -32.96
CA THR D 141 29.96 14.32 -34.27
C THR D 141 29.59 13.12 -35.13
N LEU D 142 29.24 13.39 -36.39
CA LEU D 142 28.79 12.35 -37.32
C LEU D 142 29.93 11.46 -37.75
N ILE D 143 29.62 10.20 -38.00
CA ILE D 143 30.62 9.22 -38.40
C ILE D 143 30.22 8.56 -39.70
N PRO D 144 30.98 8.83 -40.77
CA PRO D 144 30.71 8.18 -42.05
C PRO D 144 31.16 6.73 -41.96
N HIS D 145 30.37 5.82 -42.53
CA HIS D 145 30.60 4.40 -42.34
C HIS D 145 30.88 3.72 -43.68
N ASN D 146 31.58 2.59 -43.63
CA ASN D 146 31.86 1.78 -44.82
C ASN D 146 31.46 0.31 -44.63
N ALA D 147 31.73 -0.51 -45.63
CA ALA D 147 31.33 -1.91 -45.64
C ALA D 147 31.90 -2.70 -44.47
N GLN D 148 33.11 -2.35 -44.04
CA GLN D 148 33.77 -3.09 -42.97
C GLN D 148 33.24 -2.76 -41.56
N THR D 149 32.59 -1.62 -41.39
CA THR D 149 32.14 -1.21 -40.05
C THR D 149 30.66 -0.97 -39.91
N ASP D 150 29.97 -0.74 -41.02
CA ASP D 150 28.52 -0.64 -40.98
C ASP D 150 28.00 -1.94 -40.37
N PRO D 151 27.20 -1.83 -39.31
CA PRO D 151 26.62 -3.03 -38.69
C PRO D 151 25.51 -3.65 -39.51
N LEU D 152 24.87 -2.87 -40.38
CA LEU D 152 23.85 -3.43 -41.28
C LEU D 152 24.46 -3.93 -42.60
N SER D 153 25.75 -4.27 -42.51
CA SER D 153 26.50 -5.00 -43.52
C SER D 153 27.21 -6.16 -42.83
N GLY D 154 27.99 -6.93 -43.56
CA GLY D 154 28.63 -8.06 -42.94
C GLY D 154 27.66 -9.22 -42.78
N PRO D 155 28.05 -10.24 -42.03
CA PRO D 155 27.41 -11.56 -42.09
C PRO D 155 26.04 -11.63 -41.39
N THR D 156 25.96 -11.16 -40.16
CA THR D 156 24.76 -11.39 -39.35
C THR D 156 24.15 -10.12 -38.75
N PRO D 157 23.60 -9.24 -39.61
CA PRO D 157 23.04 -7.96 -39.15
C PRO D 157 21.77 -8.12 -38.28
N PHE D 158 21.89 -7.74 -37.01
CA PHE D 158 20.81 -7.80 -36.01
C PHE D 158 20.66 -9.18 -35.34
N SER D 159 21.61 -10.07 -35.59
CA SER D 159 21.50 -11.40 -35.02
C SER D 159 21.39 -11.33 -33.49
N SER D 160 22.07 -10.36 -32.89
CA SER D 160 22.12 -10.25 -31.43
C SER D 160 20.92 -9.47 -30.87
N ILE D 161 20.13 -8.91 -31.77
CA ILE D 161 19.10 -7.95 -31.43
C ILE D 161 18.22 -8.35 -30.25
N PHE D 162 17.75 -9.59 -30.22
CA PHE D 162 16.87 -10.06 -29.15
C PHE D 162 17.60 -10.39 -27.87
N MET D 163 18.82 -10.87 -28.02
CA MET D 163 19.65 -11.21 -26.88
C MET D 163 20.10 -9.90 -26.22
N ASP D 164 20.46 -8.92 -27.06
CA ASP D 164 20.87 -7.60 -26.61
C ASP D 164 19.76 -6.97 -25.79
N THR D 165 18.54 -7.08 -26.32
CA THR D 165 17.34 -6.54 -25.70
C THR D 165 16.91 -7.28 -24.44
N CYS D 166 17.09 -8.59 -24.41
CA CYS D 166 16.65 -9.33 -23.24
C CYS D 166 17.53 -9.00 -22.02
N ARG D 167 18.79 -8.65 -22.25
CA ARG D 167 19.66 -8.30 -21.14
C ARG D 167 20.00 -6.82 -21.08
N GLY D 168 19.35 -6.04 -21.94
CA GLY D 168 19.47 -4.58 -21.89
C GLY D 168 18.38 -4.04 -20.99
N LEU D 169 17.14 -4.44 -21.28
CA LEU D 169 15.99 -4.17 -20.43
C LEU D 169 16.22 -4.49 -18.96
N GLY D 170 16.06 -3.47 -18.11
CA GLY D 170 16.28 -3.63 -16.69
C GLY D 170 17.59 -3.02 -16.25
N ASN D 171 18.41 -2.64 -17.22
CA ASN D 171 19.73 -2.08 -16.93
C ASN D 171 19.87 -0.72 -17.58
N ALA D 172 18.89 -0.39 -18.42
CA ALA D 172 18.98 0.77 -19.27
C ALA D 172 18.30 1.98 -18.64
N LYS D 173 18.66 3.16 -19.15
CA LYS D 173 17.86 4.36 -19.02
C LYS D 173 17.01 4.40 -20.27
N LEU D 174 15.71 4.19 -20.11
CA LEU D 174 14.80 4.22 -21.25
C LEU D 174 13.81 5.35 -21.08
N SER D 175 13.48 6.01 -22.19
CA SER D 175 12.48 7.08 -22.22
C SER D 175 11.55 6.91 -23.41
N LEU D 176 10.24 6.90 -23.17
CA LEU D 176 9.28 6.82 -24.26
C LEU D 176 8.38 8.04 -24.25
N ASN D 177 8.42 8.80 -25.32
CA ASN D 177 7.57 9.97 -25.43
C ASN D 177 7.68 10.87 -24.20
N GLY D 178 8.84 10.82 -23.57
CA GLY D 178 9.16 11.75 -22.50
C GLY D 178 9.11 11.09 -21.13
N VAL D 179 8.47 9.94 -21.09
CA VAL D 179 8.19 9.25 -19.86
C VAL D 179 9.27 8.25 -19.58
N ASP D 180 9.92 8.36 -18.42
CA ASP D 180 10.92 7.40 -17.98
C ASP D 180 10.31 6.00 -17.81
N ILE D 181 10.91 5.00 -18.44
CA ILE D 181 10.54 3.62 -18.16
C ILE D 181 11.65 3.06 -17.28
N PRO D 182 11.34 2.85 -15.99
CA PRO D 182 12.38 2.43 -15.04
C PRO D 182 12.57 0.90 -15.05
N ALA D 183 13.64 0.44 -14.40
CA ALA D 183 14.03 -0.96 -14.48
C ALA D 183 12.86 -1.89 -14.22
N ASN D 184 12.10 -1.61 -13.17
CA ASN D 184 10.93 -2.39 -12.89
C ASN D 184 10.07 -2.57 -14.14
N ALA D 185 9.73 -1.44 -14.76
CA ALA D 185 8.80 -1.43 -15.87
C ALA D 185 9.45 -2.01 -17.12
N GLN D 186 10.76 -1.86 -17.22
CA GLN D 186 11.51 -2.45 -18.32
C GLN D 186 11.33 -3.97 -18.34
N LYS D 187 11.56 -4.61 -17.19
CA LYS D 187 11.44 -6.05 -17.10
C LYS D 187 10.03 -6.51 -17.50
N LEU D 188 9.02 -5.70 -17.19
CA LEU D 188 7.65 -6.04 -17.55
C LEU D 188 7.47 -6.06 -19.04
N LEU D 189 8.05 -5.04 -19.67
CA LEU D 189 8.04 -4.86 -21.12
C LEU D 189 8.76 -6.00 -21.78
N ARG D 190 9.86 -6.41 -21.16
CA ARG D 190 10.60 -7.54 -21.64
C ARG D 190 9.68 -8.76 -21.74
N ASP D 191 9.00 -9.08 -20.63
CA ASP D 191 8.07 -10.21 -20.65
C ASP D 191 6.89 -9.92 -21.58
N ALA D 192 6.48 -8.67 -21.68
CA ALA D 192 5.37 -8.31 -22.53
C ALA D 192 5.73 -8.62 -23.98
N LEU D 193 7.01 -8.51 -24.29
CA LEU D 193 7.48 -8.76 -25.65
C LEU D 193 7.62 -10.25 -25.93
N GLY D 194 7.88 -11.02 -24.88
CA GLY D 194 7.95 -12.45 -25.04
C GLY D 194 9.36 -12.97 -24.85
N LEU D 195 10.29 -12.05 -24.64
CA LEU D 195 11.66 -12.41 -24.30
C LEU D 195 11.77 -12.95 -22.88
N LYS D 196 11.75 -14.28 -22.77
CA LYS D 196 11.91 -14.95 -21.48
C LYS D 196 13.38 -15.15 -21.14
N ASP D 197 13.97 -16.16 -21.76
CA ASP D 197 15.39 -16.39 -21.67
C ASP D 197 16.11 -15.55 -22.70
N THR D 198 17.31 -15.98 -23.08
CA THR D 198 18.15 -15.21 -23.99
C THR D 198 17.94 -15.62 -25.46
N HIS D 199 17.37 -16.80 -25.68
CA HIS D 199 17.23 -17.32 -27.04
C HIS D 199 15.81 -17.28 -27.60
N SER D 200 14.86 -16.79 -26.82
CA SER D 200 13.54 -16.56 -27.37
C SER D 200 13.55 -15.27 -28.18
N SER D 201 12.67 -15.23 -29.17
CA SER D 201 12.41 -14.03 -29.93
C SER D 201 10.96 -13.67 -29.63
N PRO D 202 10.54 -12.47 -30.05
CA PRO D 202 9.19 -12.00 -29.73
C PRO D 202 8.13 -12.98 -30.19
N THR D 203 6.97 -12.92 -29.55
CA THR D 203 5.81 -13.73 -29.92
C THR D 203 5.27 -13.18 -31.22
N ARG D 204 4.70 -14.05 -32.05
CA ARG D 204 4.17 -13.59 -33.32
C ARG D 204 3.07 -12.55 -33.12
N ASN D 205 2.15 -12.82 -32.20
CA ASN D 205 1.24 -11.79 -31.71
C ASN D 205 1.93 -10.45 -31.56
N VAL D 206 2.94 -10.39 -30.69
CA VAL D 206 3.66 -9.13 -30.54
C VAL D 206 4.25 -8.59 -31.84
N ILE D 207 4.96 -9.42 -32.60
CA ILE D 207 5.53 -8.99 -33.88
C ILE D 207 4.45 -8.52 -34.85
N ASP D 208 3.32 -9.20 -34.88
CA ASP D 208 2.23 -8.85 -35.80
C ASP D 208 1.34 -7.66 -35.38
N HIS D 209 1.13 -7.49 -34.07
CA HIS D 209 0.11 -6.57 -33.59
C HIS D 209 0.52 -5.68 -32.42
N GLY D 210 1.69 -5.95 -31.84
CA GLY D 210 2.17 -5.20 -30.69
C GLY D 210 1.95 -5.92 -29.37
N ILE D 211 2.44 -5.32 -28.29
CA ILE D 211 2.06 -5.68 -26.92
C ILE D 211 0.55 -5.69 -26.78
N SER D 212 0.03 -6.51 -25.89
CA SER D 212 -1.38 -6.37 -25.48
C SER D 212 -1.66 -5.02 -24.77
N ARG D 213 -2.89 -4.52 -24.85
CA ARG D 213 -3.22 -3.31 -24.13
C ARG D 213 -3.11 -3.52 -22.63
N HIS D 214 -3.52 -4.69 -22.15
CA HIS D 214 -3.40 -4.91 -20.72
C HIS D 214 -1.93 -4.80 -20.31
N ASP D 215 -1.05 -5.53 -20.97
CA ASP D 215 0.37 -5.43 -20.65
C ASP D 215 0.87 -3.98 -20.73
N ALA D 216 0.40 -3.24 -21.73
CA ALA D 216 0.91 -1.89 -21.94
C ALA D 216 0.49 -0.98 -20.81
N GLU D 217 -0.75 -1.13 -20.35
CA GLU D 217 -1.27 -0.32 -19.26
C GLU D 217 -0.51 -0.57 -17.98
N GLN D 218 -0.12 -1.81 -17.76
CA GLN D 218 0.59 -2.15 -16.54
C GLN D 218 2.03 -1.72 -16.61
N ILE D 219 2.55 -1.53 -17.83
CA ILE D 219 3.91 -1.02 -17.98
C ILE D 219 3.86 0.48 -17.70
N ALA D 220 2.89 1.15 -18.29
CA ALA D 220 2.70 2.59 -18.07
C ALA D 220 2.44 2.97 -16.60
N ARG D 221 1.70 2.14 -15.85
CA ARG D 221 1.49 2.48 -14.46
C ARG D 221 2.76 2.50 -13.63
N GLU D 222 3.70 1.62 -13.94
CA GLU D 222 4.95 1.57 -13.20
C GLU D 222 5.92 2.66 -13.64
N SER D 223 5.48 3.54 -14.55
CA SER D 223 6.36 4.54 -15.16
C SER D 223 6.08 5.98 -14.75
N SER D 224 7.16 6.72 -14.55
CA SER D 224 7.13 8.10 -14.08
C SER D 224 6.86 9.13 -15.17
N GLY D 225 5.60 9.54 -15.31
CA GLY D 225 5.26 10.59 -16.27
C GLY D 225 3.82 11.06 -16.15
N SER D 226 3.53 12.17 -16.81
CA SER D 226 2.17 12.69 -16.86
C SER D 226 1.19 11.66 -17.41
N ASP D 227 -0.04 11.68 -16.93
CA ASP D 227 -1.09 10.85 -17.51
C ASP D 227 -1.22 11.03 -19.04
N LYS D 228 -0.90 12.21 -19.53
CA LYS D 228 -1.00 12.52 -20.96
C LYS D 228 0.08 11.78 -21.74
N GLN D 229 1.29 11.77 -21.19
CA GLN D 229 2.41 11.08 -21.80
C GLN D 229 2.22 9.57 -21.62
N LYS D 230 1.75 9.15 -20.45
CA LYS D 230 1.52 7.74 -20.15
C LYS D 230 0.47 7.14 -21.07
N ALA D 231 -0.38 7.99 -21.64
CA ALA D 231 -1.39 7.48 -22.54
C ALA D 231 -0.82 7.40 -23.94
N GLU D 232 0.08 8.34 -24.25
CA GLU D 232 0.83 8.32 -25.50
C GLU D 232 1.72 7.06 -25.54
N VAL D 233 2.25 6.68 -24.38
CA VAL D 233 3.12 5.52 -24.27
C VAL D 233 2.36 4.22 -24.56
N VAL D 234 1.16 4.12 -24.02
CA VAL D 234 0.35 2.92 -24.24
C VAL D 234 -0.05 2.80 -25.70
N GLU D 235 -0.37 3.93 -26.32
CA GLU D 235 -0.77 3.96 -27.72
C GLU D 235 0.35 3.46 -28.56
N PHE D 236 1.55 3.94 -28.23
CA PHE D 236 2.78 3.54 -28.90
C PHE D 236 2.98 2.05 -28.76
N LEU D 237 2.88 1.54 -27.54
CA LEU D 237 3.16 0.14 -27.30
C LEU D 237 2.16 -0.82 -27.95
N CYS D 238 1.03 -0.30 -28.41
CA CYS D 238 0.03 -1.15 -29.04
C CYS D 238 0.19 -1.18 -30.55
N HIS D 239 1.38 -0.80 -31.01
CA HIS D 239 1.78 -0.86 -32.40
C HIS D 239 2.96 -1.84 -32.54
N PRO D 240 3.01 -2.57 -33.66
CA PRO D 240 4.06 -3.55 -33.91
C PRO D 240 5.42 -2.88 -34.09
N GLU D 241 5.42 -1.67 -34.63
CA GLU D 241 6.66 -0.93 -34.81
C GLU D 241 7.32 -0.65 -33.47
N ALA D 242 6.52 -0.66 -32.39
CA ALA D 242 7.05 -0.38 -31.05
C ALA D 242 8.10 -1.41 -30.59
N ALA D 243 7.82 -2.70 -30.84
CA ALA D 243 8.81 -3.78 -30.72
C ALA D 243 9.99 -3.63 -31.69
N THR D 244 9.71 -3.22 -32.92
CA THR D 244 10.77 -2.97 -33.88
C THR D 244 11.72 -1.90 -33.35
N ALA D 245 11.15 -0.81 -32.84
CA ALA D 245 11.95 0.30 -32.34
C ALA D 245 12.74 -0.09 -31.11
N ILE D 246 12.05 -0.75 -30.18
CA ILE D 246 12.66 -1.13 -28.92
C ILE D 246 13.80 -2.11 -29.06
N CYS D 247 13.60 -3.15 -29.86
CA CYS D 247 14.65 -4.14 -30.04
C CYS D 247 15.85 -3.62 -30.84
N SER D 248 15.55 -2.89 -31.90
CA SER D 248 16.61 -2.38 -32.75
C SER D 248 17.50 -1.44 -31.96
N ALA D 249 16.86 -0.57 -31.18
CA ALA D 249 17.55 0.39 -30.32
C ALA D 249 18.58 -0.28 -29.41
N PHE D 250 18.36 -1.56 -29.11
CA PHE D 250 19.21 -2.27 -28.13
C PHE D 250 20.41 -2.99 -28.71
N TYR D 251 20.38 -3.21 -30.02
CA TYR D 251 21.51 -3.69 -30.79
C TYR D 251 22.81 -3.06 -30.29
N GLN D 252 23.82 -3.90 -30.07
CA GLN D 252 25.09 -3.44 -29.50
C GLN D 252 26.05 -3.04 -30.58
N SER D 253 25.87 -3.64 -31.75
CA SER D 253 26.78 -3.45 -32.88
C SER D 253 26.66 -2.04 -33.42
N PHE D 254 25.58 -1.35 -33.06
CA PHE D 254 25.46 0.06 -33.37
C PHE D 254 26.72 0.80 -32.93
N ASN D 255 27.43 0.24 -31.95
CA ASN D 255 28.64 0.86 -31.40
C ASN D 255 29.91 0.73 -32.24
N VAL D 256 29.95 -0.23 -33.15
CA VAL D 256 31.21 -0.48 -33.86
C VAL D 256 31.79 0.76 -34.55
N PRO D 257 31.07 1.39 -35.50
CA PRO D 257 31.72 2.48 -36.24
C PRO D 257 32.47 3.42 -35.31
N ALA D 258 31.90 3.70 -34.14
CA ALA D 258 32.61 4.47 -33.15
C ALA D 258 33.80 3.67 -32.59
N LEU D 259 33.53 2.51 -31.99
CA LEU D 259 34.58 1.74 -31.34
C LEU D 259 35.82 1.52 -32.22
N THR D 260 35.61 1.49 -33.53
CA THR D 260 36.71 1.33 -34.47
C THR D 260 37.81 2.36 -34.26
N LEU D 261 37.42 3.63 -34.19
CA LEU D 261 38.35 4.75 -34.09
C LEU D 261 38.99 4.94 -32.70
N THR D 262 38.35 4.38 -31.67
CA THR D 262 38.70 4.72 -30.27
C THR D 262 38.97 3.51 -29.36
N HIS D 263 38.82 2.30 -29.89
CA HIS D 263 38.85 1.10 -29.05
C HIS D 263 40.16 0.93 -28.29
N GLU D 264 41.25 1.41 -28.86
CA GLU D 264 42.54 1.39 -28.17
C GLU D 264 42.47 2.11 -26.83
N ARG D 265 42.00 3.36 -26.87
CA ARG D 265 41.87 4.16 -25.65
C ARG D 265 40.79 3.64 -24.69
N ILE D 266 39.84 2.88 -25.22
CA ILE D 266 38.82 2.25 -24.39
C ILE D 266 39.35 1.05 -23.63
N SER D 267 40.27 0.32 -24.27
CA SER D 267 40.92 -0.81 -23.63
C SER D 267 41.95 -0.27 -22.66
N LYS D 268 42.60 0.82 -23.04
CA LYS D 268 43.48 1.55 -22.13
C LYS D 268 42.71 1.99 -20.89
N ALA D 269 41.40 2.21 -21.05
CA ALA D 269 40.55 2.65 -19.96
C ALA D 269 40.20 1.48 -19.05
N SER D 270 39.87 0.35 -19.66
CA SER D 270 39.57 -0.87 -18.91
C SER D 270 40.81 -1.53 -18.28
N GLU D 271 41.98 -1.35 -18.89
CA GLU D 271 43.22 -1.82 -18.27
C GLU D 271 43.54 -0.95 -17.07
N TYR D 272 43.27 0.35 -17.22
CA TYR D 272 43.50 1.34 -16.18
C TYR D 272 42.53 1.13 -15.02
N ASN D 273 41.43 0.44 -15.28
CA ASN D 273 40.38 0.20 -14.27
C ASN D 273 40.56 -1.09 -13.47
N ALA D 274 41.26 -2.06 -14.05
CA ALA D 274 41.43 -3.37 -13.43
C ALA D 274 42.41 -3.30 -12.28
N GLU D 275 43.42 -2.46 -12.41
CA GLU D 275 44.44 -2.30 -11.36
C GLU D 275 43.79 -1.79 -10.06
N ARG D 276 42.46 -1.77 -10.04
CA ARG D 276 41.69 -1.32 -8.89
C ARG D 276 40.42 -2.14 -8.73
N ASP D 279 36.71 -6.06 -11.28
CA ASP D 279 35.99 -6.40 -12.51
C ASP D 279 34.78 -5.49 -12.69
N THR D 280 35.01 -4.35 -13.31
CA THR D 280 34.06 -3.24 -13.34
C THR D 280 33.34 -3.11 -14.67
N PRO D 281 32.05 -2.73 -14.63
CA PRO D 281 31.32 -2.40 -15.84
C PRO D 281 31.95 -1.21 -16.56
N ASN D 282 31.87 -1.23 -17.89
CA ASN D 282 32.63 -0.36 -18.79
C ASN D 282 31.72 0.63 -19.51
N ALA D 283 30.49 0.19 -19.80
CA ALA D 283 29.55 0.93 -20.64
C ALA D 283 28.08 0.70 -20.21
N CYS D 284 27.22 1.65 -20.53
CA CYS D 284 25.84 1.59 -20.10
C CYS D 284 24.94 2.17 -21.18
N ILE D 285 23.63 2.11 -20.97
CA ILE D 285 22.70 2.41 -22.04
C ILE D 285 21.73 3.53 -21.70
N ASN D 286 21.41 4.32 -22.71
CA ASN D 286 20.48 5.44 -22.57
C ASN D 286 19.71 5.56 -23.88
N ILE D 287 18.42 5.20 -23.85
CA ILE D 287 17.58 5.29 -25.04
C ILE D 287 16.37 6.19 -24.86
N SER D 288 16.10 6.99 -25.89
CA SER D 288 14.87 7.76 -25.97
C SER D 288 14.18 7.42 -27.30
N ILE D 289 12.88 7.17 -27.24
CA ILE D 289 12.09 6.81 -28.42
C ILE D 289 10.80 7.61 -28.41
N SER D 290 10.47 8.25 -29.50
CA SER D 290 9.33 9.15 -29.51
C SER D 290 8.43 9.03 -30.76
N GLN D 291 7.19 8.57 -30.55
CA GLN D 291 6.12 8.74 -31.55
C GLN D 291 5.52 10.15 -31.56
N SER D 292 5.72 10.87 -32.66
CA SER D 292 5.16 12.21 -32.79
C SER D 292 3.65 12.14 -32.89
N SER D 293 2.99 13.27 -32.78
CA SER D 293 1.54 13.31 -32.92
C SER D 293 1.08 12.70 -34.24
N ASP D 294 1.97 12.70 -35.22
CA ASP D 294 1.64 12.32 -36.59
C ASP D 294 1.99 10.89 -36.93
N GLY D 295 2.30 10.11 -35.91
CA GLY D 295 2.59 8.70 -36.08
C GLY D 295 4.08 8.35 -36.16
N ASN D 296 4.91 9.31 -36.56
CA ASN D 296 6.34 9.08 -36.74
C ASN D 296 7.08 8.62 -35.49
N ILE D 297 7.60 7.41 -35.54
CA ILE D 297 8.41 6.85 -34.49
C ILE D 297 9.89 7.13 -34.75
N TYR D 298 10.67 7.33 -33.69
CA TYR D 298 12.05 7.81 -33.84
C TYR D 298 12.96 7.42 -32.68
N VAL D 299 14.09 6.78 -33.01
CA VAL D 299 14.97 6.21 -32.02
C VAL D 299 16.26 6.99 -31.94
N THR D 300 16.76 7.18 -30.73
CA THR D 300 18.05 7.79 -30.52
C THR D 300 18.70 6.93 -29.43
N SER D 301 19.52 5.96 -29.85
CA SER D 301 20.14 5.05 -28.90
C SER D 301 21.55 5.47 -28.52
N HIS D 302 21.80 5.60 -27.22
CA HIS D 302 23.11 5.99 -26.71
C HIS D 302 23.79 4.87 -25.95
N THR D 303 25.06 4.62 -26.24
CA THR D 303 25.89 3.84 -25.33
C THR D 303 26.98 4.78 -24.80
N GLY D 304 27.18 4.78 -23.49
CA GLY D 304 28.26 5.53 -22.87
C GLY D 304 29.41 4.58 -22.55
N VAL D 305 30.65 5.03 -22.73
CA VAL D 305 31.82 4.16 -22.60
C VAL D 305 33.05 4.84 -22.02
N LEU D 306 33.54 4.33 -20.90
CA LEU D 306 34.74 4.87 -20.25
C LEU D 306 35.94 4.84 -21.21
N ILE D 307 36.54 6.01 -21.43
CA ILE D 307 37.59 6.16 -22.42
C ILE D 307 38.73 7.05 -21.93
N MET D 308 39.96 6.71 -22.31
CA MET D 308 41.13 7.47 -21.90
C MET D 308 41.36 8.67 -22.81
N ALA D 309 41.75 9.79 -22.21
CA ALA D 309 42.13 10.98 -22.96
C ALA D 309 43.25 10.65 -23.94
N PRO D 310 43.29 11.35 -25.07
CA PRO D 310 44.42 11.23 -26.01
C PRO D 310 45.74 11.37 -25.26
N GLU D 311 46.84 11.43 -25.99
CA GLU D 311 48.14 11.35 -25.35
C GLU D 311 48.57 12.60 -24.59
N ASP D 312 48.12 13.76 -25.05
CA ASP D 312 48.52 15.01 -24.42
C ASP D 312 47.97 15.19 -23.01
N ARG D 313 47.19 14.23 -22.51
CA ARG D 313 46.58 14.36 -21.20
C ARG D 313 46.52 13.06 -20.40
N PRO D 314 47.69 12.60 -19.92
CA PRO D 314 47.77 11.33 -19.19
C PRO D 314 46.78 11.27 -18.03
N ASN D 315 46.58 10.08 -17.48
CA ASN D 315 45.80 9.89 -16.26
C ASN D 315 44.29 10.16 -16.38
N GLU D 316 43.91 11.05 -17.28
CA GLU D 316 42.51 11.49 -17.39
C GLU D 316 41.55 10.47 -17.97
N MET D 317 40.41 10.30 -17.30
CA MET D 317 39.36 9.43 -17.82
C MET D 317 38.06 10.20 -18.05
N GLY D 318 37.34 9.79 -19.09
CA GLY D 318 36.08 10.40 -19.48
C GLY D 318 35.18 9.39 -20.14
N MET D 319 34.22 9.85 -20.93
CA MET D 319 33.27 8.93 -21.53
C MET D 319 32.98 9.19 -23.01
N LEU D 320 33.16 8.18 -23.82
CA LEU D 320 32.70 8.22 -25.20
C LEU D 320 31.17 8.02 -25.19
N THR D 321 30.47 8.72 -26.06
CA THR D 321 29.03 8.60 -26.14
C THR D 321 28.69 8.33 -27.58
N ASN D 322 28.04 7.20 -27.87
CA ASN D 322 27.74 6.84 -29.24
C ASN D 322 26.26 7.00 -29.53
N ARG D 323 25.93 7.94 -30.40
CA ARG D 323 24.52 8.22 -30.72
C ARG D 323 24.04 7.61 -32.02
N THR D 324 23.28 6.53 -31.92
CA THR D 324 22.67 5.93 -33.10
C THR D 324 21.26 6.47 -33.30
N SER D 325 21.05 7.24 -34.36
CA SER D 325 19.75 7.89 -34.54
C SER D 325 19.07 7.38 -35.81
N TYR D 326 17.75 7.23 -35.76
CA TYR D 326 17.01 6.76 -36.93
C TYR D 326 15.50 6.70 -36.73
N GLU D 327 14.77 6.68 -37.84
CA GLU D 327 13.31 6.58 -37.83
C GLU D 327 12.89 5.11 -37.91
N VAL D 328 11.64 4.82 -37.55
CA VAL D 328 11.08 3.47 -37.70
C VAL D 328 9.79 3.60 -38.48
N PRO D 329 9.83 3.25 -39.77
CA PRO D 329 8.71 3.54 -40.66
C PRO D 329 7.52 2.65 -40.37
N GLN D 330 6.34 3.16 -40.68
CA GLN D 330 5.14 2.35 -40.61
C GLN D 330 5.33 1.09 -41.43
N GLY D 331 4.96 -0.04 -40.85
CA GLY D 331 5.02 -1.31 -41.54
C GLY D 331 6.15 -2.21 -41.11
N VAL D 332 7.25 -1.63 -40.63
CA VAL D 332 8.44 -2.42 -40.33
C VAL D 332 8.27 -3.27 -39.06
N LYS D 333 7.90 -4.52 -39.25
CA LYS D 333 7.72 -5.45 -38.14
C LYS D 333 9.08 -5.84 -37.57
N CYS D 334 9.07 -6.39 -36.36
CA CYS D 334 10.31 -6.73 -35.69
C CYS D 334 10.80 -8.08 -36.19
N ILE D 335 11.16 -8.14 -37.48
CA ILE D 335 11.67 -9.36 -38.11
C ILE D 335 12.97 -9.09 -38.88
N ILE D 336 14.11 -9.50 -38.30
CA ILE D 336 15.46 -9.21 -38.81
C ILE D 336 15.63 -8.80 -40.29
N ASP D 337 15.42 -9.72 -41.22
CA ASP D 337 15.65 -9.41 -42.64
C ASP D 337 14.78 -8.26 -43.16
N GLU D 338 13.62 -8.06 -42.55
CA GLU D 338 12.74 -6.95 -42.91
C GLU D 338 13.28 -5.66 -42.30
N MET D 339 13.92 -5.79 -41.14
CA MET D 339 14.52 -4.64 -40.46
C MET D 339 15.83 -4.17 -41.11
N VAL D 340 16.69 -5.13 -41.47
CA VAL D 340 17.94 -4.85 -42.17
C VAL D 340 17.74 -3.91 -43.35
N SER D 341 16.70 -4.17 -44.15
CA SER D 341 16.43 -3.39 -45.35
C SER D 341 15.46 -2.22 -45.17
N ALA D 342 15.05 -1.93 -43.94
CA ALA D 342 14.07 -0.86 -43.72
C ALA D 342 14.62 0.36 -42.96
N LEU D 343 15.54 0.13 -42.02
CA LEU D 343 16.05 1.16 -41.11
C LEU D 343 17.41 1.72 -41.51
N GLN D 344 17.53 3.04 -41.55
CA GLN D 344 18.76 3.70 -41.96
C GLN D 344 19.40 4.60 -40.88
N PRO D 345 20.11 3.96 -39.94
CA PRO D 345 20.87 4.54 -38.83
C PRO D 345 21.95 5.49 -39.28
N ARG D 346 22.04 6.65 -38.63
CA ARG D 346 23.24 7.45 -38.73
C ARG D 346 23.90 7.41 -37.37
N TYR D 347 25.23 7.32 -37.36
CA TYR D 347 26.01 7.13 -36.14
C TYR D 347 26.73 8.43 -35.79
N ALA D 348 26.96 8.66 -34.50
CA ALA D 348 27.75 9.81 -34.05
C ALA D 348 28.38 9.51 -32.70
N ALA D 349 29.34 10.33 -32.30
CA ALA D 349 29.97 10.13 -30.99
C ALA D 349 30.37 11.43 -30.32
N SER D 350 30.85 11.34 -29.08
CA SER D 350 31.29 12.52 -28.34
C SER D 350 32.09 12.11 -27.14
N GLU D 351 33.32 12.62 -27.04
CA GLU D 351 34.13 12.33 -25.87
C GLU D 351 33.94 13.42 -24.83
N THR D 352 33.61 13.01 -23.62
CA THR D 352 33.34 13.97 -22.55
C THR D 352 34.24 13.75 -21.35
N TYR D 353 34.88 14.82 -20.87
CA TYR D 353 35.70 14.77 -19.64
C TYR D 353 35.29 15.80 -18.57
N LEU D 354 35.87 15.68 -17.37
CA LEU D 354 35.33 16.34 -16.18
C LEU D 354 35.85 17.75 -15.94
N ALA E 2 -22.69 15.72 0.46
CA ALA E 2 -21.88 16.91 0.25
C ALA E 2 -21.41 17.00 -1.19
N VAL E 3 -20.76 15.93 -1.66
CA VAL E 3 -20.02 15.94 -2.92
C VAL E 3 -20.88 16.23 -4.16
N LEU E 4 -22.11 15.71 -4.19
CA LEU E 4 -23.04 16.05 -5.28
C LEU E 4 -23.29 17.56 -5.41
N ASP E 5 -23.00 18.31 -4.36
CA ASP E 5 -23.21 19.75 -4.38
C ASP E 5 -22.36 20.46 -5.44
N VAL E 6 -21.33 19.77 -5.95
CA VAL E 6 -20.46 20.30 -7.00
C VAL E 6 -21.06 20.21 -8.41
N LEU E 7 -22.18 19.50 -8.55
CA LEU E 7 -22.83 19.30 -9.85
C LEU E 7 -23.95 20.31 -10.13
N LYS E 8 -23.94 20.89 -11.33
CA LYS E 8 -25.00 21.82 -11.74
C LYS E 8 -25.60 21.40 -13.08
N PHE E 9 -26.64 20.58 -13.01
CA PHE E 9 -27.27 19.98 -14.18
C PHE E 9 -27.88 20.94 -15.22
N TYR E 10 -27.55 20.67 -16.49
CA TYR E 10 -28.12 21.38 -17.62
C TYR E 10 -29.64 21.38 -17.56
N ASP E 11 -30.24 22.46 -18.03
CA ASP E 11 -31.70 22.56 -18.08
C ASP E 11 -32.21 23.18 -19.39
N SER E 12 -33.13 22.49 -20.08
CA SER E 12 -33.65 22.94 -21.37
C SER E 12 -34.15 24.38 -21.30
N ASN E 13 -34.68 24.75 -20.14
CA ASN E 13 -35.42 26.00 -19.95
C ASN E 13 -34.55 27.25 -19.87
N THR E 14 -33.34 27.19 -20.42
CA THR E 14 -32.42 28.33 -20.35
C THR E 14 -32.10 28.87 -21.75
N VAL E 15 -32.19 30.20 -21.90
CA VAL E 15 -31.79 30.85 -23.15
C VAL E 15 -30.35 31.37 -23.07
N ALA F 2 -9.14 4.15 37.84
CA ALA F 2 -9.68 5.34 37.19
C ALA F 2 -9.48 5.30 35.68
N VAL F 3 -9.02 4.16 35.17
CA VAL F 3 -8.86 4.03 33.73
C VAL F 3 -10.13 3.50 33.07
N LEU F 4 -10.98 2.84 33.86
CA LEU F 4 -12.31 2.43 33.36
C LEU F 4 -13.30 3.60 33.29
N ASP F 5 -13.08 4.64 34.08
CA ASP F 5 -14.03 5.74 34.07
C ASP F 5 -14.31 6.17 32.63
N VAL F 6 -13.33 5.98 31.75
CA VAL F 6 -13.44 6.40 30.34
C VAL F 6 -14.45 5.60 29.50
N LEU F 7 -14.85 4.44 30.00
CA LEU F 7 -15.87 3.63 29.34
C LEU F 7 -17.30 3.91 29.82
N LYS F 8 -18.20 4.09 28.86
CA LYS F 8 -19.63 4.14 29.15
C LYS F 8 -20.30 3.09 28.28
N PHE F 9 -20.75 2.00 28.90
CA PHE F 9 -21.32 0.88 28.17
C PHE F 9 -22.76 1.11 27.73
N TYR F 10 -23.09 0.55 26.57
CA TYR F 10 -24.42 0.60 25.98
C TYR F 10 -25.43 -0.03 26.93
N ASP F 11 -26.62 0.56 27.01
CA ASP F 11 -27.72 0.02 27.81
C ASP F 11 -29.03 0.06 27.02
N SER F 12 -29.85 -0.98 27.16
CA SER F 12 -31.13 -1.10 26.45
C SER F 12 -32.15 -0.05 26.85
N ASN F 13 -32.03 0.44 28.09
CA ASN F 13 -32.93 1.47 28.60
C ASN F 13 -32.41 2.87 28.28
N VAL G 3 4.48 12.56 28.17
CA VAL G 3 4.83 11.45 29.06
C VAL G 3 6.35 11.31 29.25
N LEU G 4 7.13 11.96 28.39
CA LEU G 4 8.58 12.04 28.59
C LEU G 4 8.97 13.00 29.71
N ASP G 5 8.12 14.00 29.96
CA ASP G 5 8.38 15.01 30.99
C ASP G 5 8.72 14.42 32.37
N VAL G 6 8.36 13.15 32.58
CA VAL G 6 8.56 12.48 33.87
C VAL G 6 9.97 11.92 34.06
N LEU G 7 10.83 12.06 33.04
CA LEU G 7 12.24 11.63 33.13
C LEU G 7 13.20 12.79 33.42
N LYS G 8 14.06 12.61 34.42
CA LYS G 8 15.06 13.61 34.78
C LYS G 8 16.44 12.97 34.76
N PHE G 9 17.11 13.11 33.62
CA PHE G 9 18.36 12.38 33.39
C PHE G 9 19.52 12.82 34.28
N TYR G 10 20.34 11.84 34.65
CA TYR G 10 21.61 12.07 35.33
C TYR G 10 22.49 13.03 34.52
N ASP G 11 23.29 13.84 35.21
CA ASP G 11 24.14 14.85 34.57
C ASP G 11 25.42 15.15 35.35
N SER G 12 26.56 14.69 34.83
CA SER G 12 27.87 14.92 35.47
C SER G 12 27.87 16.07 36.48
N ALA H 2 35.17 -8.38 -33.63
CA ALA H 2 35.75 -8.63 -32.30
C ALA H 2 35.90 -7.33 -31.53
N VAL H 3 35.55 -6.23 -32.18
CA VAL H 3 35.69 -4.91 -31.57
C VAL H 3 34.68 -4.71 -30.42
N LEU H 4 33.49 -5.30 -30.54
CA LEU H 4 32.51 -5.20 -29.46
C LEU H 4 33.09 -5.75 -28.17
N ASP H 5 34.08 -6.63 -28.29
CA ASP H 5 34.62 -7.32 -27.13
C ASP H 5 35.14 -6.35 -26.05
N VAL H 6 35.51 -5.15 -26.48
CA VAL H 6 36.03 -4.12 -25.56
C VAL H 6 35.00 -3.51 -24.60
N LEU H 7 33.71 -3.79 -24.84
CA LEU H 7 32.61 -3.24 -24.03
C LEU H 7 32.08 -4.20 -22.97
N LYS H 8 31.98 -3.71 -21.73
CA LYS H 8 31.40 -4.50 -20.65
C LYS H 8 30.19 -3.77 -20.03
N PHE H 9 29.00 -4.23 -20.38
CA PHE H 9 27.74 -3.54 -20.01
C PHE H 9 27.38 -3.59 -18.52
N TYR H 10 26.67 -2.55 -18.04
CA TYR H 10 26.20 -2.49 -16.65
C TYR H 10 25.08 -3.48 -16.42
N ASP H 11 25.19 -4.27 -15.35
CA ASP H 11 24.23 -5.33 -15.05
C ASP H 11 23.69 -5.33 -13.61
N SER H 12 22.38 -5.09 -13.45
CA SER H 12 21.71 -4.93 -12.14
C SER H 12 22.12 -5.93 -11.05
N ASN H 13 22.32 -7.17 -11.44
CA ASN H 13 22.50 -8.28 -10.51
C ASN H 13 23.91 -8.42 -9.95
N THR H 14 24.88 -8.00 -10.75
CA THR H 14 26.30 -8.11 -10.42
C THR H 14 26.76 -6.92 -9.56
#